data_7T5Z
#
_entry.id   7T5Z
#
_cell.length_a   79.830
_cell.length_b   82.850
_cell.length_c   221.210
_cell.angle_alpha   90.000
_cell.angle_beta   90.000
_cell.angle_gamma   90.000
#
_symmetry.space_group_name_H-M   'P 21 21 21'
#
loop_
_entity.id
_entity.type
_entity.pdbx_description
1 polymer 'Acyl-[acyl-carrier-protein]--UDP-N-acetylglucosamine O-acyltransferase'
2 non-polymer (4S)-N-(1H-tetrazol-5-yl)-2-[3-(trifluoromethyl)benzene-1-sulfonyl]-1,2,3,4-tetrahydroisoquinoline-4-carboxamide
3 non-polymer DI(HYDROXYETHYL)ETHER
4 water water
#
_entity_poly.entity_id   1
_entity_poly.type   'polypeptide(L)'
_entity_poly.pdbx_seq_one_letter_code
;MSLIDPRAIIDPSARLAADVQVGPWSIVGAEVEIGEGTVIGPHVVLKGPTKIGKHNRIYQFSSVGEDTPDLKYKGEPTRL
VIGDHNVIREGVTIHRGTVQDRAETTIGDHNLIMAYAHIGHDSVIGNHCILVNNTALAGHVHVDDWAILSGYTLVHQYCR
IGAHSFSGMGSAIGKDVPAYVTVFGNPAEARSMNFEGMRRRGFSSEAIHALRRAYKVVYRQGHTVEEALAELAESAAQFP
EVAVFRDSIQSATRGITR
;
_entity_poly.pdbx_strand_id   A,B,C,D,E,F
#
loop_
_chem_comp.id
_chem_comp.type
_chem_comp.name
_chem_comp.formula
F6I non-polymer (4S)-N-(1H-tetrazol-5-yl)-2-[3-(trifluoromethyl)benzene-1-sulfonyl]-1,2,3,4-tetrahydroisoquinoline-4-carboxamide 'C18 H15 F3 N6 O3 S'
PEG non-polymer DI(HYDROXYETHYL)ETHER 'C4 H10 O3'
#
# COMPACT_ATOMS: atom_id res chain seq x y z
N SER A 2 20.07 -11.69 -39.13
CA SER A 2 19.35 -10.98 -40.24
C SER A 2 17.97 -10.48 -39.76
N LEU A 3 17.15 -10.00 -40.69
CA LEU A 3 15.78 -9.48 -40.45
C LEU A 3 14.81 -10.66 -40.20
N ILE A 4 15.08 -11.82 -40.82
CA ILE A 4 14.27 -13.07 -40.72
C ILE A 4 14.88 -13.91 -39.61
N ASP A 5 14.19 -14.02 -38.46
CA ASP A 5 14.66 -14.83 -37.30
C ASP A 5 14.62 -16.31 -37.67
N PRO A 6 15.74 -17.04 -37.48
CA PRO A 6 15.83 -18.44 -37.90
C PRO A 6 14.82 -19.36 -37.17
N ARG A 7 14.29 -18.91 -36.03
CA ARG A 7 13.28 -19.67 -35.24
C ARG A 7 11.87 -19.49 -35.81
N ALA A 8 11.66 -18.57 -36.76
CA ALA A 8 10.39 -18.40 -37.50
C ALA A 8 10.30 -19.49 -38.57
N ILE A 9 9.09 -19.89 -38.93
CA ILE A 9 8.84 -20.89 -40.01
C ILE A 9 8.24 -20.12 -41.18
N ILE A 10 9.01 -19.97 -42.25
CA ILE A 10 8.60 -19.34 -43.53
C ILE A 10 8.31 -20.49 -44.50
N ASP A 11 7.06 -20.65 -44.93
CA ASP A 11 6.65 -21.64 -45.96
C ASP A 11 7.36 -21.31 -47.27
N PRO A 12 7.84 -22.34 -48.00
CA PRO A 12 8.44 -22.15 -49.32
C PRO A 12 7.61 -21.31 -50.32
N SER A 13 6.28 -21.32 -50.22
CA SER A 13 5.39 -20.57 -51.14
C SER A 13 5.32 -19.10 -50.72
N ALA A 14 5.70 -18.77 -49.48
CA ALA A 14 5.58 -17.40 -48.90
C ALA A 14 6.51 -16.43 -49.64
N ARG A 15 6.12 -15.15 -49.75
CA ARG A 15 6.86 -14.11 -50.49
C ARG A 15 7.15 -12.92 -49.57
N LEU A 16 8.42 -12.64 -49.28
CA LEU A 16 8.86 -11.53 -48.39
C LEU A 16 9.59 -10.47 -49.23
N ALA A 17 9.13 -9.23 -49.18
CA ALA A 17 9.75 -8.07 -49.85
C ALA A 17 10.93 -7.52 -49.02
N ALA A 18 11.60 -6.50 -49.56
CA ALA A 18 12.76 -5.81 -48.94
C ALA A 18 12.37 -5.28 -47.55
N ASP A 19 13.27 -5.43 -46.57
CA ASP A 19 13.23 -4.76 -45.25
C ASP A 19 12.13 -5.36 -44.37
N VAL A 20 11.65 -6.56 -44.70
CA VAL A 20 10.65 -7.31 -43.90
C VAL A 20 11.39 -7.91 -42.72
N GLN A 21 10.85 -7.74 -41.50
CA GLN A 21 11.31 -8.45 -40.27
C GLN A 21 10.25 -9.46 -39.83
N VAL A 22 10.67 -10.68 -39.49
CA VAL A 22 9.84 -11.71 -38.80
C VAL A 22 10.55 -12.11 -37.50
N GLY A 23 9.88 -11.87 -36.37
CA GLY A 23 10.39 -12.21 -35.03
C GLY A 23 10.43 -13.72 -34.83
N PRO A 24 11.06 -14.20 -33.75
CA PRO A 24 11.15 -15.63 -33.48
C PRO A 24 9.81 -16.34 -33.24
N TRP A 25 9.76 -17.62 -33.63
CA TRP A 25 8.61 -18.56 -33.42
C TRP A 25 7.35 -18.02 -34.10
N SER A 26 7.49 -17.24 -35.17
CA SER A 26 6.37 -16.74 -35.99
C SER A 26 6.21 -17.68 -37.20
N ILE A 27 4.97 -17.93 -37.63
CA ILE A 27 4.63 -18.80 -38.79
C ILE A 27 4.11 -17.90 -39.92
N VAL A 28 4.87 -17.79 -41.01
CA VAL A 28 4.44 -17.13 -42.27
C VAL A 28 4.06 -18.28 -43.22
N GLY A 29 2.79 -18.67 -43.21
CA GLY A 29 2.25 -19.86 -43.88
C GLY A 29 2.17 -19.71 -45.40
N ALA A 30 1.77 -20.78 -46.09
CA ALA A 30 1.71 -20.84 -47.57
C ALA A 30 0.84 -19.70 -48.08
N GLU A 31 1.25 -19.09 -49.20
CA GLU A 31 0.46 -18.10 -49.98
C GLU A 31 0.28 -16.81 -49.17
N VAL A 32 1.15 -16.57 -48.21
CA VAL A 32 1.21 -15.26 -47.49
C VAL A 32 2.29 -14.43 -48.16
N GLU A 33 1.94 -13.21 -48.56
CA GLU A 33 2.85 -12.26 -49.23
C GLU A 33 2.94 -11.02 -48.32
N ILE A 34 4.15 -10.64 -47.93
CA ILE A 34 4.40 -9.52 -46.97
C ILE A 34 5.17 -8.42 -47.72
N GLY A 35 4.65 -7.18 -47.66
CA GLY A 35 5.16 -6.02 -48.38
C GLY A 35 6.37 -5.39 -47.70
N GLU A 36 6.97 -4.39 -48.37
CA GLU A 36 8.26 -3.75 -48.03
C GLU A 36 8.19 -3.13 -46.63
N GLY A 37 9.19 -3.44 -45.80
CA GLY A 37 9.40 -2.76 -44.51
C GLY A 37 8.37 -3.12 -43.46
N THR A 38 7.57 -4.18 -43.68
CA THR A 38 6.56 -4.66 -42.70
C THR A 38 7.28 -5.45 -41.61
N VAL A 39 6.87 -5.22 -40.36
CA VAL A 39 7.47 -5.86 -39.16
C VAL A 39 6.44 -6.83 -38.56
N ILE A 40 6.74 -8.12 -38.66
CA ILE A 40 6.06 -9.23 -37.92
C ILE A 40 6.83 -9.46 -36.61
N GLY A 41 6.18 -9.27 -35.45
CA GLY A 41 6.75 -9.53 -34.13
C GLY A 41 6.94 -11.02 -33.88
N PRO A 42 7.29 -11.41 -32.64
CA PRO A 42 7.41 -12.82 -32.29
C PRO A 42 6.02 -13.43 -32.06
N HIS A 43 5.90 -14.75 -32.09
CA HIS A 43 4.68 -15.49 -31.69
C HIS A 43 3.47 -15.03 -32.53
N VAL A 44 3.68 -14.70 -33.82
CA VAL A 44 2.57 -14.37 -34.75
C VAL A 44 2.30 -15.56 -35.67
N VAL A 45 1.02 -15.88 -35.90
CA VAL A 45 0.56 -16.87 -36.93
C VAL A 45 -0.09 -16.10 -38.08
N LEU A 46 0.57 -16.07 -39.25
CA LEU A 46 -0.01 -15.63 -40.55
C LEU A 46 -0.40 -16.89 -41.36
N LYS A 47 -1.63 -16.92 -41.87
CA LYS A 47 -2.11 -18.00 -42.75
C LYS A 47 -2.64 -17.33 -44.03
N GLY A 48 -2.53 -18.01 -45.17
CA GLY A 48 -2.93 -17.46 -46.48
C GLY A 48 -4.15 -18.18 -47.06
N PRO A 49 -4.56 -17.86 -48.31
CA PRO A 49 -3.94 -16.78 -49.10
C PRO A 49 -4.20 -15.39 -48.55
N THR A 50 -3.11 -14.66 -48.24
CA THR A 50 -3.11 -13.34 -47.56
C THR A 50 -2.09 -12.42 -48.23
N LYS A 51 -2.49 -11.20 -48.56
CA LYS A 51 -1.57 -10.15 -49.05
C LYS A 51 -1.51 -9.02 -48.00
N ILE A 52 -0.30 -8.75 -47.50
CA ILE A 52 0.00 -7.66 -46.53
C ILE A 52 0.95 -6.67 -47.22
N GLY A 53 0.60 -5.37 -47.21
CA GLY A 53 1.34 -4.29 -47.89
C GLY A 53 2.54 -3.81 -47.11
N LYS A 54 2.90 -2.54 -47.28
CA LYS A 54 4.20 -1.97 -46.83
C LYS A 54 4.07 -1.34 -45.43
N HIS A 55 5.14 -1.42 -44.64
CA HIS A 55 5.35 -0.61 -43.42
C HIS A 55 4.25 -0.89 -42.40
N ASN A 56 3.75 -2.12 -42.37
CA ASN A 56 2.79 -2.63 -41.36
C ASN A 56 3.57 -3.07 -40.14
N ARG A 57 2.91 -3.12 -38.99
CA ARG A 57 3.48 -3.64 -37.73
C ARG A 57 2.43 -4.59 -37.15
N ILE A 58 2.77 -5.87 -36.97
CA ILE A 58 1.89 -6.92 -36.38
C ILE A 58 2.54 -7.47 -35.11
N TYR A 59 1.86 -7.34 -33.96
CA TYR A 59 2.37 -7.69 -32.62
C TYR A 59 2.12 -9.18 -32.33
N GLN A 60 2.85 -9.68 -31.34
CA GLN A 60 2.81 -11.06 -30.83
C GLN A 60 1.38 -11.53 -30.53
N PHE A 61 1.16 -12.83 -30.76
CA PHE A 61 -0.06 -13.61 -30.37
C PHE A 61 -1.22 -13.33 -31.34
N SER A 62 -1.01 -12.50 -32.36
CA SER A 62 -2.01 -12.22 -33.42
C SER A 62 -2.15 -13.46 -34.32
N SER A 63 -3.40 -13.82 -34.67
CA SER A 63 -3.73 -14.83 -35.70
C SER A 63 -4.37 -14.10 -36.88
N VAL A 64 -3.60 -13.92 -37.96
CA VAL A 64 -3.92 -13.05 -39.12
C VAL A 64 -4.05 -13.94 -40.37
N GLY A 65 -5.28 -14.07 -40.87
CA GLY A 65 -5.61 -14.83 -42.09
C GLY A 65 -6.06 -16.22 -41.76
N GLU A 66 -6.64 -16.42 -40.57
CA GLU A 66 -7.25 -17.72 -40.19
C GLU A 66 -8.62 -17.89 -40.87
N ASP A 67 -9.08 -19.14 -40.93
CA ASP A 67 -10.45 -19.49 -41.40
C ASP A 67 -11.46 -19.03 -40.34
N THR A 68 -12.66 -18.65 -40.78
CA THR A 68 -13.82 -18.39 -39.89
C THR A 68 -14.14 -19.67 -39.14
N PRO A 69 -14.50 -19.61 -37.83
CA PRO A 69 -14.69 -20.81 -37.02
C PRO A 69 -15.79 -21.72 -37.59
N ASP A 70 -15.55 -23.03 -37.54
CA ASP A 70 -16.44 -24.07 -38.10
C ASP A 70 -16.03 -25.41 -37.46
N LEU A 71 -17.00 -26.32 -37.28
CA LEU A 71 -16.75 -27.72 -36.80
C LEU A 71 -15.94 -28.48 -37.85
N LYS A 72 -15.91 -27.98 -39.09
CA LYS A 72 -15.10 -28.61 -40.18
C LYS A 72 -14.45 -27.57 -41.08
N TYR A 73 -13.32 -27.91 -41.72
CA TYR A 73 -12.67 -27.02 -42.71
C TYR A 73 -13.64 -26.75 -43.86
N LYS A 74 -13.74 -25.50 -44.33
CA LYS A 74 -14.80 -25.24 -45.34
C LYS A 74 -14.63 -23.95 -46.12
N GLY A 75 -14.53 -24.04 -47.44
CA GLY A 75 -14.55 -22.84 -48.30
C GLY A 75 -13.26 -22.11 -48.58
N GLU A 76 -12.50 -22.51 -49.60
CA GLU A 76 -11.34 -21.68 -50.05
C GLU A 76 -11.05 -22.00 -51.52
N PRO A 77 -10.48 -21.08 -52.31
CA PRO A 77 -9.56 -20.06 -51.79
C PRO A 77 -10.24 -18.77 -51.32
N THR A 78 -10.01 -18.38 -50.07
CA THR A 78 -10.55 -17.12 -49.51
C THR A 78 -9.36 -16.25 -49.16
N ARG A 79 -9.46 -14.96 -49.42
CA ARG A 79 -8.32 -14.01 -49.32
C ARG A 79 -8.47 -13.14 -48.06
N LEU A 80 -7.33 -12.63 -47.57
CA LEU A 80 -7.22 -11.47 -46.65
C LEU A 80 -6.27 -10.49 -47.34
N VAL A 81 -6.72 -9.25 -47.54
CA VAL A 81 -5.90 -8.14 -48.10
C VAL A 81 -5.78 -7.07 -47.02
N ILE A 82 -4.53 -6.70 -46.71
CA ILE A 82 -4.16 -5.59 -45.78
C ILE A 82 -3.28 -4.64 -46.58
N GLY A 83 -3.61 -3.34 -46.54
CA GLY A 83 -2.84 -2.27 -47.20
C GLY A 83 -1.57 -1.91 -46.41
N ASP A 84 -1.30 -0.60 -46.31
CA ASP A 84 0.01 -0.06 -45.86
C ASP A 84 -0.14 0.70 -44.53
N HIS A 85 0.95 0.77 -43.76
CA HIS A 85 1.09 1.63 -42.55
C HIS A 85 0.01 1.28 -41.51
N ASN A 86 -0.38 0.01 -41.40
CA ASN A 86 -1.34 -0.50 -40.39
C ASN A 86 -0.54 -0.94 -39.17
N VAL A 87 -1.13 -0.75 -37.98
CA VAL A 87 -0.64 -1.26 -36.69
C VAL A 87 -1.69 -2.25 -36.16
N ILE A 88 -1.32 -3.53 -36.09
CA ILE A 88 -2.13 -4.65 -35.55
C ILE A 88 -1.46 -5.09 -34.24
N ARG A 89 -2.13 -4.90 -33.11
CA ARG A 89 -1.56 -5.03 -31.74
C ARG A 89 -1.69 -6.48 -31.25
N GLU A 90 -1.31 -6.74 -29.99
CA GLU A 90 -1.20 -8.08 -29.36
C GLU A 90 -2.50 -8.86 -29.53
N GLY A 91 -2.40 -10.13 -29.95
CA GLY A 91 -3.49 -11.14 -29.94
C GLY A 91 -4.70 -10.76 -30.79
N VAL A 92 -4.51 -9.95 -31.84
CA VAL A 92 -5.62 -9.58 -32.78
C VAL A 92 -5.98 -10.79 -33.66
N THR A 93 -7.28 -11.07 -33.85
CA THR A 93 -7.75 -12.11 -34.79
C THR A 93 -8.36 -11.47 -36.04
N ILE A 94 -7.87 -11.88 -37.21
CA ILE A 94 -8.38 -11.41 -38.54
C ILE A 94 -8.63 -12.67 -39.37
N HIS A 95 -9.90 -12.92 -39.73
CA HIS A 95 -10.31 -14.06 -40.58
C HIS A 95 -10.39 -13.62 -42.05
N ARG A 96 -10.06 -14.55 -42.94
CA ARG A 96 -10.22 -14.40 -44.40
C ARG A 96 -11.71 -14.45 -44.74
N GLY A 97 -12.09 -14.15 -45.99
CA GLY A 97 -13.50 -14.13 -46.45
C GLY A 97 -14.14 -15.52 -46.53
N THR A 98 -15.40 -15.58 -46.95
CA THR A 98 -16.13 -16.86 -47.23
C THR A 98 -16.51 -16.89 -48.72
N VAL A 99 -16.45 -18.06 -49.35
CA VAL A 99 -16.73 -18.24 -50.81
C VAL A 99 -18.16 -17.75 -51.10
N GLN A 100 -19.06 -17.87 -50.14
CA GLN A 100 -20.45 -17.42 -50.32
C GLN A 100 -20.52 -15.92 -50.59
N ASP A 101 -19.82 -15.10 -49.79
CA ASP A 101 -19.94 -13.61 -49.85
C ASP A 101 -18.77 -13.05 -50.69
N ARG A 102 -17.93 -12.15 -50.14
CA ARG A 102 -16.87 -11.43 -50.90
C ARG A 102 -15.69 -12.36 -51.24
N ALA A 103 -15.52 -13.45 -50.50
CA ALA A 103 -14.35 -14.37 -50.59
C ALA A 103 -13.05 -13.64 -50.18
N GLU A 104 -13.18 -12.46 -49.53
CA GLU A 104 -12.04 -11.57 -49.16
C GLU A 104 -12.45 -10.72 -47.94
N THR A 105 -11.56 -10.68 -46.94
CA THR A 105 -11.53 -9.67 -45.88
C THR A 105 -10.54 -8.58 -46.29
N THR A 106 -10.91 -7.31 -46.19
CA THR A 106 -10.17 -6.17 -46.77
C THR A 106 -9.92 -5.13 -45.68
N ILE A 107 -8.64 -4.77 -45.51
CA ILE A 107 -8.18 -3.65 -44.63
C ILE A 107 -7.37 -2.69 -45.50
N GLY A 108 -7.69 -1.39 -45.43
CA GLY A 108 -6.96 -0.35 -46.17
C GLY A 108 -5.65 0.05 -45.49
N ASP A 109 -5.44 1.37 -45.37
CA ASP A 109 -4.15 1.99 -44.95
C ASP A 109 -4.32 2.75 -43.62
N HIS A 110 -3.22 2.86 -42.87
CA HIS A 110 -3.09 3.76 -41.70
C HIS A 110 -4.15 3.44 -40.64
N ASN A 111 -4.49 2.17 -40.47
CA ASN A 111 -5.46 1.71 -39.45
C ASN A 111 -4.69 1.27 -38.20
N LEU A 112 -5.29 1.51 -37.03
CA LEU A 112 -4.80 1.04 -35.72
C LEU A 112 -5.81 0.07 -35.14
N ILE A 113 -5.46 -1.20 -35.06
CA ILE A 113 -6.30 -2.29 -34.49
C ILE A 113 -5.62 -2.74 -33.20
N MET A 114 -6.24 -2.39 -32.07
CA MET A 114 -5.66 -2.55 -30.71
C MET A 114 -5.89 -3.96 -30.18
N ALA A 115 -5.24 -4.30 -29.07
CA ALA A 115 -5.10 -5.68 -28.57
C ALA A 115 -6.45 -6.42 -28.53
N TYR A 116 -6.47 -7.63 -29.08
CA TYR A 116 -7.54 -8.64 -28.90
C TYR A 116 -8.82 -8.20 -29.64
N ALA A 117 -8.70 -7.26 -30.57
CA ALA A 117 -9.74 -6.91 -31.55
C ALA A 117 -9.91 -8.11 -32.48
N HIS A 118 -11.14 -8.33 -32.91
CA HIS A 118 -11.53 -9.39 -33.87
C HIS A 118 -12.06 -8.73 -35.16
N ILE A 119 -11.46 -9.03 -36.30
CA ILE A 119 -11.98 -8.66 -37.64
C ILE A 119 -12.56 -9.90 -38.35
N GLY A 120 -13.87 -10.02 -38.37
CA GLY A 120 -14.59 -11.21 -38.87
C GLY A 120 -14.59 -11.33 -40.40
N HIS A 121 -14.86 -12.54 -40.86
CA HIS A 121 -14.86 -12.90 -42.30
C HIS A 121 -15.63 -11.85 -43.10
N ASP A 122 -15.04 -11.41 -44.22
CA ASP A 122 -15.71 -10.63 -45.30
C ASP A 122 -15.92 -9.17 -44.87
N SER A 123 -15.37 -8.75 -43.72
CA SER A 123 -15.42 -7.36 -43.24
C SER A 123 -14.51 -6.51 -44.13
N VAL A 124 -14.83 -5.22 -44.28
CA VAL A 124 -14.05 -4.23 -45.08
C VAL A 124 -13.75 -3.05 -44.16
N ILE A 125 -12.46 -2.78 -43.93
CA ILE A 125 -12.02 -1.56 -43.19
C ILE A 125 -11.37 -0.61 -44.21
N GLY A 126 -11.75 0.67 -44.18
CA GLY A 126 -11.16 1.73 -45.01
C GLY A 126 -9.80 2.19 -44.48
N ASN A 127 -9.62 3.51 -44.36
CA ASN A 127 -8.31 4.14 -44.00
C ASN A 127 -8.48 4.94 -42.70
N HIS A 128 -7.40 5.05 -41.91
CA HIS A 128 -7.29 5.96 -40.75
C HIS A 128 -8.33 5.60 -39.67
N CYS A 129 -8.73 4.34 -39.59
CA CYS A 129 -9.71 3.84 -38.58
C CYS A 129 -8.96 3.44 -37.30
N ILE A 130 -9.65 3.50 -36.16
CA ILE A 130 -9.15 2.96 -34.86
C ILE A 130 -10.21 1.98 -34.32
N LEU A 131 -9.81 0.73 -34.14
CA LEU A 131 -10.54 -0.28 -33.36
C LEU A 131 -9.81 -0.46 -32.02
N VAL A 132 -10.41 0.06 -30.94
CA VAL A 132 -9.85 0.02 -29.55
C VAL A 132 -10.00 -1.40 -29.05
N ASN A 133 -9.20 -1.77 -28.03
CA ASN A 133 -9.10 -3.13 -27.44
C ASN A 133 -10.45 -3.89 -27.51
N ASN A 134 -10.40 -5.13 -28.02
CA ASN A 134 -11.46 -6.15 -27.91
C ASN A 134 -12.70 -5.72 -28.71
N THR A 135 -12.56 -4.80 -29.65
CA THR A 135 -13.61 -4.54 -30.65
C THR A 135 -13.78 -5.82 -31.48
N ALA A 136 -15.03 -6.24 -31.70
CA ALA A 136 -15.37 -7.45 -32.48
C ALA A 136 -16.30 -7.07 -33.63
N LEU A 137 -15.84 -7.22 -34.87
CA LEU A 137 -16.69 -7.16 -36.08
C LEU A 137 -17.08 -8.59 -36.47
N ALA A 138 -18.32 -8.98 -36.20
CA ALA A 138 -18.90 -10.33 -36.40
C ALA A 138 -18.55 -10.89 -37.79
N GLY A 139 -18.78 -10.10 -38.83
CA GLY A 139 -18.51 -10.49 -40.22
C GLY A 139 -19.31 -9.63 -41.19
N HIS A 140 -18.82 -9.48 -42.41
CA HIS A 140 -19.47 -8.67 -43.50
C HIS A 140 -19.67 -7.23 -42.99
N VAL A 141 -18.84 -6.76 -42.06
CA VAL A 141 -18.95 -5.39 -41.48
C VAL A 141 -18.07 -4.45 -42.30
N HIS A 142 -18.63 -3.30 -42.70
CA HIS A 142 -17.97 -2.25 -43.52
C HIS A 142 -17.69 -1.06 -42.59
N VAL A 143 -16.41 -0.80 -42.30
CA VAL A 143 -15.94 0.38 -41.50
C VAL A 143 -15.31 1.39 -42.44
N ASP A 144 -15.95 2.55 -42.62
CA ASP A 144 -15.51 3.62 -43.55
C ASP A 144 -14.45 4.48 -42.84
N ASP A 145 -13.80 5.36 -43.59
CA ASP A 145 -12.57 6.12 -43.19
C ASP A 145 -12.78 6.91 -41.90
N TRP A 146 -11.78 6.92 -41.01
CA TRP A 146 -11.69 7.79 -39.80
C TRP A 146 -12.69 7.37 -38.71
N ALA A 147 -13.38 6.25 -38.87
CA ALA A 147 -14.34 5.73 -37.86
C ALA A 147 -13.53 5.22 -36.66
N ILE A 148 -14.04 5.44 -35.44
CA ILE A 148 -13.39 4.98 -34.18
C ILE A 148 -14.39 4.10 -33.42
N LEU A 149 -14.07 2.82 -33.26
CA LEU A 149 -14.83 1.91 -32.38
C LEU A 149 -14.03 1.79 -31.07
N SER A 150 -14.61 2.32 -29.98
CA SER A 150 -14.03 2.29 -28.61
C SER A 150 -14.01 0.85 -28.11
N GLY A 151 -13.31 0.66 -27.00
CA GLY A 151 -13.03 -0.68 -26.42
C GLY A 151 -14.27 -1.52 -26.28
N TYR A 152 -14.18 -2.79 -26.68
CA TYR A 152 -15.23 -3.80 -26.43
C TYR A 152 -16.53 -3.40 -27.13
N THR A 153 -16.39 -2.73 -28.27
CA THR A 153 -17.52 -2.48 -29.21
C THR A 153 -17.80 -3.78 -29.96
N LEU A 154 -19.04 -4.24 -29.92
CA LEU A 154 -19.53 -5.42 -30.69
C LEU A 154 -20.38 -4.91 -31.87
N VAL A 155 -20.04 -5.32 -33.09
CA VAL A 155 -20.80 -4.99 -34.31
C VAL A 155 -21.40 -6.26 -34.90
N HIS A 156 -22.71 -6.32 -35.06
CA HIS A 156 -23.45 -7.44 -35.74
C HIS A 156 -23.05 -7.55 -37.21
N GLN A 157 -23.21 -8.75 -37.79
CA GLN A 157 -22.99 -9.03 -39.23
C GLN A 157 -23.74 -8.00 -40.09
N TYR A 158 -23.10 -7.54 -41.17
CA TYR A 158 -23.65 -6.74 -42.29
C TYR A 158 -23.80 -5.25 -41.93
N CYS A 159 -23.52 -4.86 -40.69
CA CYS A 159 -23.65 -3.45 -40.23
C CYS A 159 -22.58 -2.60 -40.88
N ARG A 160 -22.92 -1.38 -41.27
CA ARG A 160 -22.00 -0.38 -41.87
C ARG A 160 -21.67 0.62 -40.78
N ILE A 161 -20.37 0.84 -40.54
CA ILE A 161 -19.85 1.91 -39.64
C ILE A 161 -19.37 3.08 -40.53
N GLY A 162 -20.13 4.17 -40.54
CA GLY A 162 -19.90 5.32 -41.43
C GLY A 162 -18.63 6.08 -41.09
N ALA A 163 -18.15 6.86 -42.03
CA ALA A 163 -16.90 7.64 -41.91
C ALA A 163 -17.02 8.60 -40.70
N HIS A 164 -15.97 8.68 -39.90
CA HIS A 164 -15.78 9.69 -38.83
C HIS A 164 -16.76 9.45 -37.69
N SER A 165 -17.39 8.27 -37.65
CA SER A 165 -18.37 7.89 -36.59
C SER A 165 -17.59 7.48 -35.35
N PHE A 166 -18.28 7.41 -34.22
CA PHE A 166 -17.69 7.07 -32.91
C PHE A 166 -18.66 6.20 -32.16
N SER A 167 -18.18 5.05 -31.69
CA SER A 167 -18.96 4.14 -30.82
C SER A 167 -18.29 4.09 -29.43
N GLY A 168 -18.99 4.54 -28.39
CA GLY A 168 -18.53 4.54 -26.99
C GLY A 168 -18.18 3.14 -26.54
N MET A 169 -17.30 3.00 -25.57
CA MET A 169 -16.80 1.66 -25.15
C MET A 169 -17.99 0.81 -24.65
N GLY A 170 -17.97 -0.49 -24.95
CA GLY A 170 -19.03 -1.42 -24.52
C GLY A 170 -20.28 -1.35 -25.39
N SER A 171 -20.27 -0.59 -26.48
CA SER A 171 -21.41 -0.44 -27.41
C SER A 171 -21.63 -1.77 -28.13
N ALA A 172 -22.89 -2.17 -28.32
CA ALA A 172 -23.28 -3.30 -29.18
C ALA A 172 -24.14 -2.76 -30.32
N ILE A 173 -23.61 -2.80 -31.53
CA ILE A 173 -24.20 -2.17 -32.73
C ILE A 173 -24.92 -3.23 -33.57
N GLY A 174 -26.23 -3.07 -33.77
CA GLY A 174 -27.08 -4.00 -34.56
C GLY A 174 -27.52 -3.40 -35.89
N LYS A 175 -27.44 -2.08 -36.06
CA LYS A 175 -27.90 -1.36 -37.26
C LYS A 175 -26.80 -0.38 -37.71
N ASP A 176 -26.86 0.07 -38.96
CA ASP A 176 -25.87 0.98 -39.56
C ASP A 176 -25.68 2.22 -38.68
N VAL A 177 -24.42 2.63 -38.46
CA VAL A 177 -24.07 3.90 -37.80
C VAL A 177 -23.76 4.88 -38.93
N PRO A 178 -24.57 5.94 -39.12
CA PRO A 178 -24.33 6.91 -40.17
C PRO A 178 -22.97 7.58 -39.94
N ALA A 179 -22.38 8.10 -41.02
CA ALA A 179 -21.16 8.94 -40.96
C ALA A 179 -21.33 9.98 -39.85
N TYR A 180 -20.27 10.16 -39.04
CA TYR A 180 -20.10 11.25 -38.06
C TYR A 180 -20.86 10.97 -36.76
N VAL A 181 -21.80 10.02 -36.75
CA VAL A 181 -22.74 9.83 -35.61
C VAL A 181 -21.97 9.17 -34.47
N THR A 182 -22.25 9.60 -33.24
CA THR A 182 -21.69 9.02 -32.00
C THR A 182 -22.78 8.11 -31.41
N VAL A 183 -22.47 6.84 -31.16
CA VAL A 183 -23.45 5.86 -30.58
C VAL A 183 -22.89 5.32 -29.26
N PHE A 184 -23.77 4.93 -28.33
CA PHE A 184 -23.43 4.41 -26.99
C PHE A 184 -24.43 3.34 -26.57
N GLY A 185 -23.97 2.34 -25.81
CA GLY A 185 -24.81 1.40 -25.04
C GLY A 185 -25.08 0.10 -25.79
N ASN A 186 -25.77 -0.83 -25.11
CA ASN A 186 -26.17 -2.16 -25.64
C ASN A 186 -27.65 -2.37 -25.32
N PRO A 187 -28.59 -2.15 -26.27
CA PRO A 187 -28.27 -1.83 -27.66
C PRO A 187 -27.78 -0.39 -27.88
N ALA A 188 -27.07 -0.15 -28.98
CA ALA A 188 -26.44 1.15 -29.31
C ALA A 188 -27.51 2.20 -29.63
N GLU A 189 -27.40 3.38 -29.05
CA GLU A 189 -28.28 4.54 -29.33
C GLU A 189 -27.42 5.69 -29.89
N ALA A 190 -27.90 6.34 -30.94
CA ALA A 190 -27.34 7.58 -31.48
C ALA A 190 -27.46 8.66 -30.39
N ARG A 191 -26.40 9.43 -30.18
CA ARG A 191 -26.39 10.54 -29.18
C ARG A 191 -26.23 11.89 -29.88
N SER A 192 -25.11 12.08 -30.57
CA SER A 192 -24.75 13.36 -31.22
C SER A 192 -23.92 13.08 -32.47
N MET A 193 -23.01 13.99 -32.83
CA MET A 193 -22.01 13.80 -33.90
C MET A 193 -20.60 14.04 -33.34
N ASN A 194 -19.60 13.47 -34.01
CA ASN A 194 -18.16 13.51 -33.66
C ASN A 194 -17.64 14.89 -34.09
N PHE A 195 -18.12 15.95 -33.43
CA PHE A 195 -17.74 17.37 -33.69
C PHE A 195 -16.25 17.52 -33.41
N GLU A 196 -15.78 16.87 -32.34
CA GLU A 196 -14.34 16.80 -31.96
C GLU A 196 -13.53 16.31 -33.17
N GLY A 197 -13.96 15.21 -33.80
CA GLY A 197 -13.27 14.57 -34.93
C GLY A 197 -13.28 15.43 -36.18
N MET A 198 -14.40 16.11 -36.44
CA MET A 198 -14.55 17.09 -37.56
C MET A 198 -13.51 18.21 -37.40
N ARG A 199 -13.32 18.73 -36.20
CA ARG A 199 -12.39 19.87 -35.98
C ARG A 199 -10.96 19.38 -36.17
N ARG A 200 -10.63 18.17 -35.70
CA ARG A 200 -9.29 17.55 -35.87
C ARG A 200 -9.02 17.21 -37.35
N ARG A 201 -10.05 17.17 -38.20
CA ARG A 201 -9.92 16.97 -39.67
C ARG A 201 -9.85 18.32 -40.38
N GLY A 202 -10.00 19.41 -39.64
CA GLY A 202 -9.98 20.78 -40.17
C GLY A 202 -11.20 21.06 -41.03
N PHE A 203 -12.38 20.57 -40.60
CA PHE A 203 -13.69 20.89 -41.23
C PHE A 203 -14.01 22.36 -40.97
N SER A 204 -14.42 23.09 -42.01
CA SER A 204 -14.89 24.49 -41.90
C SER A 204 -16.04 24.52 -40.88
N SER A 205 -16.16 25.60 -40.11
CA SER A 205 -17.22 25.73 -39.09
C SER A 205 -18.60 25.80 -39.78
N GLU A 206 -18.62 26.16 -41.07
CA GLU A 206 -19.84 26.17 -41.91
C GLU A 206 -20.28 24.72 -42.14
N ALA A 207 -19.34 23.83 -42.46
CA ALA A 207 -19.57 22.38 -42.70
C ALA A 207 -20.08 21.73 -41.41
N ILE A 208 -19.47 22.06 -40.28
CA ILE A 208 -19.85 21.48 -38.96
C ILE A 208 -21.28 21.90 -38.61
N HIS A 209 -21.63 23.17 -38.85
CA HIS A 209 -22.98 23.72 -38.54
C HIS A 209 -24.02 23.08 -39.46
N ALA A 210 -23.65 22.81 -40.71
CA ALA A 210 -24.53 22.15 -41.72
C ALA A 210 -24.71 20.68 -41.32
N LEU A 211 -23.69 20.09 -40.72
CA LEU A 211 -23.75 18.68 -40.24
C LEU A 211 -24.62 18.61 -38.97
N ARG A 212 -24.58 19.63 -38.11
CA ARG A 212 -25.43 19.67 -36.88
C ARG A 212 -26.91 19.68 -37.31
N ARG A 213 -27.27 20.55 -38.26
CA ARG A 213 -28.65 20.67 -38.79
C ARG A 213 -29.02 19.35 -39.50
N ALA A 214 -28.07 18.74 -40.20
CA ALA A 214 -28.26 17.45 -40.90
C ALA A 214 -28.62 16.34 -39.89
N TYR A 215 -28.03 16.37 -38.69
CA TYR A 215 -28.37 15.41 -37.61
C TYR A 215 -29.83 15.60 -37.22
N LYS A 216 -30.25 16.85 -37.03
CA LYS A 216 -31.60 17.23 -36.53
C LYS A 216 -32.66 16.84 -37.56
N VAL A 217 -32.36 17.01 -38.85
CA VAL A 217 -33.25 16.62 -39.97
C VAL A 217 -33.61 15.13 -39.86
N VAL A 218 -32.60 14.30 -39.66
CA VAL A 218 -32.72 12.81 -39.73
C VAL A 218 -33.33 12.25 -38.45
N TYR A 219 -32.96 12.79 -37.28
CA TYR A 219 -33.18 12.16 -35.94
C TYR A 219 -34.29 12.86 -35.15
N ARG A 220 -34.56 14.15 -35.38
CA ARG A 220 -35.29 14.99 -34.40
C ARG A 220 -36.63 15.54 -34.92
N GLN A 221 -36.93 15.47 -36.22
CA GLN A 221 -38.05 16.26 -36.83
C GLN A 221 -39.21 15.35 -37.28
N GLY A 222 -39.10 14.04 -37.10
CA GLY A 222 -40.18 13.05 -37.29
C GLY A 222 -40.32 12.61 -38.74
N HIS A 223 -39.34 12.95 -39.58
CA HIS A 223 -39.33 12.71 -41.04
C HIS A 223 -39.19 11.22 -41.33
N THR A 224 -39.70 10.75 -42.47
CA THR A 224 -39.27 9.49 -43.10
C THR A 224 -37.80 9.68 -43.55
N VAL A 225 -37.12 8.58 -43.82
CA VAL A 225 -35.74 8.61 -44.40
C VAL A 225 -35.84 9.31 -45.77
N GLU A 226 -36.87 8.99 -46.57
CA GLU A 226 -37.08 9.59 -47.91
C GLU A 226 -37.28 11.10 -47.78
N GLU A 227 -38.08 11.53 -46.80
CA GLU A 227 -38.35 12.96 -46.49
C GLU A 227 -37.04 13.62 -46.05
N ALA A 228 -36.25 12.95 -45.20
CA ALA A 228 -34.93 13.42 -44.70
C ALA A 228 -33.99 13.62 -45.89
N LEU A 229 -33.81 12.60 -46.73
CA LEU A 229 -32.91 12.64 -47.92
C LEU A 229 -33.26 13.84 -48.82
N ALA A 230 -34.56 14.13 -48.98
CA ALA A 230 -35.08 15.27 -49.79
C ALA A 230 -34.71 16.60 -49.09
N GLU A 231 -34.91 16.66 -47.77
CA GLU A 231 -34.64 17.87 -46.95
C GLU A 231 -33.12 18.15 -46.93
N LEU A 232 -32.26 17.12 -47.10
CA LEU A 232 -30.77 17.24 -47.02
C LEU A 232 -30.16 17.56 -48.39
N ALA A 233 -30.90 17.35 -49.48
CA ALA A 233 -30.40 17.34 -50.88
C ALA A 233 -29.60 18.63 -51.17
N GLU A 234 -30.07 19.77 -50.67
CA GLU A 234 -29.51 21.12 -50.91
C GLU A 234 -28.17 21.28 -50.16
N SER A 235 -28.17 20.91 -48.87
CA SER A 235 -26.98 20.95 -47.99
C SER A 235 -25.90 20.04 -48.58
N ALA A 236 -26.29 18.83 -49.01
CA ALA A 236 -25.40 17.79 -49.55
C ALA A 236 -24.70 18.33 -50.82
N ALA A 237 -25.39 19.16 -51.60
CA ALA A 237 -24.87 19.77 -52.84
C ALA A 237 -23.80 20.82 -52.52
N GLN A 238 -23.93 21.59 -51.43
CA GLN A 238 -22.99 22.68 -51.06
C GLN A 238 -21.76 22.08 -50.38
N PHE A 239 -21.98 21.21 -49.38
CA PHE A 239 -20.93 20.56 -48.56
C PHE A 239 -20.77 19.09 -48.92
N PRO A 240 -19.62 18.68 -49.51
CA PRO A 240 -19.26 17.27 -49.62
C PRO A 240 -19.33 16.49 -48.29
N GLU A 241 -19.07 17.16 -47.17
CA GLU A 241 -19.11 16.58 -45.81
C GLU A 241 -20.53 16.13 -45.48
N VAL A 242 -21.53 16.92 -45.86
CA VAL A 242 -22.96 16.59 -45.57
C VAL A 242 -23.38 15.46 -46.50
N ALA A 243 -22.82 15.40 -47.70
CA ALA A 243 -23.12 14.37 -48.73
C ALA A 243 -22.63 13.00 -48.23
N VAL A 244 -21.47 12.95 -47.57
CA VAL A 244 -20.97 11.70 -46.92
C VAL A 244 -22.05 11.20 -45.96
N PHE A 245 -22.68 12.12 -45.22
CA PHE A 245 -23.74 11.84 -44.21
C PHE A 245 -25.00 11.33 -44.92
N ARG A 246 -25.53 12.12 -45.86
CA ARG A 246 -26.74 11.76 -46.66
C ARG A 246 -26.51 10.38 -47.29
N ASP A 247 -25.36 10.16 -47.91
CA ASP A 247 -25.00 8.87 -48.60
C ASP A 247 -25.07 7.69 -47.61
N SER A 248 -24.59 7.88 -46.38
CA SER A 248 -24.56 6.81 -45.33
C SER A 248 -25.99 6.41 -44.98
N ILE A 249 -26.92 7.37 -44.98
CA ILE A 249 -28.37 7.15 -44.68
C ILE A 249 -29.07 6.48 -45.87
N GLN A 250 -28.89 7.04 -47.06
CA GLN A 250 -29.37 6.48 -48.34
C GLN A 250 -29.02 4.99 -48.41
N SER A 251 -27.77 4.63 -48.11
CA SER A 251 -27.21 3.27 -48.32
C SER A 251 -27.80 2.25 -47.32
N ALA A 252 -28.38 2.72 -46.22
CA ALA A 252 -28.90 1.87 -45.12
C ALA A 252 -30.29 1.31 -45.47
N THR A 253 -30.35 0.18 -46.18
CA THR A 253 -31.60 -0.50 -46.61
C THR A 253 -32.33 -1.12 -45.39
N ARG A 254 -31.59 -1.73 -44.45
CA ARG A 254 -32.15 -2.44 -43.26
C ARG A 254 -32.29 -1.47 -42.06
N GLY A 255 -32.06 -0.17 -42.24
CA GLY A 255 -32.30 0.86 -41.20
C GLY A 255 -31.05 1.35 -40.47
N ILE A 256 -31.17 2.50 -39.79
CA ILE A 256 -30.06 3.21 -39.11
C ILE A 256 -30.22 3.05 -37.59
N THR A 257 -29.10 3.14 -36.86
CA THR A 257 -29.04 3.24 -35.39
C THR A 257 -29.77 4.53 -34.97
N ARG A 258 -30.89 4.40 -34.26
CA ARG A 258 -31.66 5.56 -33.70
C ARG A 258 -31.37 5.73 -32.20
N SER B 2 19.15 -25.62 -15.84
CA SER B 2 19.10 -24.43 -14.94
C SER B 2 17.69 -23.80 -14.97
N LEU B 3 17.51 -22.65 -14.31
CA LEU B 3 16.21 -21.99 -14.06
C LEU B 3 15.78 -21.14 -15.26
N ILE B 4 16.74 -20.64 -16.04
CA ILE B 4 16.51 -19.98 -17.36
C ILE B 4 16.47 -21.08 -18.44
N ASP B 5 15.31 -21.35 -19.03
CA ASP B 5 15.16 -22.33 -20.14
C ASP B 5 16.07 -21.88 -21.28
N PRO B 6 16.86 -22.81 -21.89
CA PRO B 6 17.78 -22.42 -22.95
C PRO B 6 17.10 -21.90 -24.23
N ARG B 7 15.81 -22.18 -24.40
CA ARG B 7 14.97 -21.69 -25.54
C ARG B 7 14.49 -20.26 -25.26
N ALA B 8 14.64 -19.76 -24.04
CA ALA B 8 14.30 -18.37 -23.67
C ALA B 8 15.33 -17.39 -24.27
N ILE B 9 14.95 -16.13 -24.42
CA ILE B 9 15.82 -15.02 -24.91
C ILE B 9 15.98 -14.00 -23.79
N ILE B 10 17.16 -13.96 -23.17
CA ILE B 10 17.54 -13.00 -22.09
C ILE B 10 18.43 -11.95 -22.72
N ASP B 11 18.02 -10.69 -22.73
CA ASP B 11 18.86 -9.60 -23.31
C ASP B 11 20.10 -9.47 -22.43
N PRO B 12 21.28 -9.22 -23.03
CA PRO B 12 22.47 -8.86 -22.24
C PRO B 12 22.22 -7.84 -21.11
N SER B 13 21.47 -6.76 -21.37
CA SER B 13 21.25 -5.64 -20.42
C SER B 13 20.22 -6.02 -19.33
N ALA B 14 19.65 -7.22 -19.38
CA ALA B 14 18.61 -7.68 -18.42
C ALA B 14 19.29 -8.06 -17.11
N ARG B 15 18.68 -7.70 -15.97
CA ARG B 15 19.16 -8.01 -14.60
C ARG B 15 18.20 -8.98 -13.92
N LEU B 16 18.57 -10.26 -13.82
CA LEU B 16 17.77 -11.32 -13.16
C LEU B 16 18.43 -11.75 -11.83
N ALA B 17 17.69 -11.65 -10.74
CA ALA B 17 18.07 -12.21 -9.43
C ALA B 17 18.29 -13.72 -9.60
N ALA B 18 18.96 -14.35 -8.65
CA ALA B 18 19.67 -15.65 -8.81
C ALA B 18 18.67 -16.78 -9.07
N ASP B 19 17.52 -16.78 -8.39
CA ASP B 19 16.56 -17.92 -8.38
C ASP B 19 15.38 -17.65 -9.33
N VAL B 20 15.50 -16.64 -10.20
CA VAL B 20 14.45 -16.28 -11.20
C VAL B 20 14.35 -17.45 -12.18
N GLN B 21 13.13 -17.96 -12.40
CA GLN B 21 12.79 -18.99 -13.42
C GLN B 21 12.20 -18.29 -14.66
N VAL B 22 12.59 -18.74 -15.86
CA VAL B 22 12.04 -18.25 -17.15
C VAL B 22 11.75 -19.45 -18.05
N GLY B 23 10.49 -19.63 -18.45
CA GLY B 23 10.05 -20.78 -19.24
C GLY B 23 10.49 -20.66 -20.69
N PRO B 24 10.36 -21.73 -21.50
CA PRO B 24 10.76 -21.71 -22.90
C PRO B 24 10.00 -20.73 -23.81
N TRP B 25 10.72 -20.16 -24.78
CA TRP B 25 10.22 -19.20 -25.81
C TRP B 25 9.67 -17.94 -25.14
N SER B 26 10.15 -17.62 -23.94
CA SER B 26 9.90 -16.31 -23.29
C SER B 26 11.01 -15.34 -23.69
N ILE B 27 10.70 -14.04 -23.74
CA ILE B 27 11.67 -12.95 -24.07
C ILE B 27 11.77 -12.02 -22.86
N VAL B 28 12.96 -11.93 -22.26
CA VAL B 28 13.29 -10.89 -21.23
C VAL B 28 14.16 -9.83 -21.92
N GLY B 29 13.55 -8.73 -22.34
CA GLY B 29 14.19 -7.75 -23.24
C GLY B 29 15.21 -6.89 -22.51
N ALA B 30 15.67 -5.84 -23.20
CA ALA B 30 16.69 -4.88 -22.71
C ALA B 30 16.07 -4.02 -21.60
N GLU B 31 16.86 -3.75 -20.56
CA GLU B 31 16.52 -2.89 -19.40
C GLU B 31 15.28 -3.46 -18.68
N VAL B 32 15.19 -4.79 -18.62
CA VAL B 32 14.17 -5.49 -17.79
C VAL B 32 14.87 -6.07 -16.56
N GLU B 33 14.36 -5.76 -15.37
CA GLU B 33 14.89 -6.25 -14.07
C GLU B 33 13.83 -7.15 -13.45
N ILE B 34 14.22 -8.36 -13.06
CA ILE B 34 13.34 -9.34 -12.37
C ILE B 34 13.95 -9.63 -11.00
N GLY B 35 13.19 -9.38 -9.92
CA GLY B 35 13.58 -9.62 -8.52
C GLY B 35 13.40 -11.08 -8.12
N GLU B 36 13.94 -11.46 -6.94
CA GLU B 36 14.14 -12.87 -6.52
C GLU B 36 12.77 -13.54 -6.38
N GLY B 37 12.66 -14.84 -6.71
CA GLY B 37 11.46 -15.67 -6.51
C GLY B 37 10.52 -15.64 -7.72
N THR B 38 10.60 -14.60 -8.56
CA THR B 38 9.67 -14.37 -9.70
C THR B 38 9.82 -15.55 -10.67
N VAL B 39 8.71 -16.19 -11.03
CA VAL B 39 8.61 -17.25 -12.09
C VAL B 39 7.96 -16.65 -13.35
N ILE B 40 8.65 -16.70 -14.48
CA ILE B 40 8.11 -16.34 -15.82
C ILE B 40 7.79 -17.65 -16.55
N GLY B 41 6.54 -17.78 -17.02
CA GLY B 41 6.06 -18.99 -17.72
C GLY B 41 6.59 -19.00 -19.15
N PRO B 42 6.18 -19.97 -19.98
CA PRO B 42 6.60 -20.00 -21.38
C PRO B 42 5.82 -18.95 -22.18
N HIS B 43 6.32 -18.55 -23.34
CA HIS B 43 5.60 -17.65 -24.30
C HIS B 43 5.27 -16.31 -23.65
N VAL B 44 6.16 -15.77 -22.83
CA VAL B 44 5.95 -14.42 -22.21
C VAL B 44 6.88 -13.44 -22.92
N VAL B 45 6.40 -12.22 -23.17
CA VAL B 45 7.21 -11.12 -23.74
C VAL B 45 7.32 -10.05 -22.67
N LEU B 46 8.54 -9.80 -22.19
CA LEU B 46 8.89 -8.68 -21.27
C LEU B 46 9.70 -7.69 -22.09
N LYS B 47 9.19 -6.47 -22.26
CA LYS B 47 9.93 -5.32 -22.82
C LYS B 47 10.21 -4.30 -21.70
N GLY B 48 11.33 -3.56 -21.79
CA GLY B 48 11.73 -2.56 -20.80
C GLY B 48 11.66 -1.15 -21.40
N PRO B 49 12.02 -0.09 -20.62
CA PRO B 49 12.54 -0.24 -19.26
C PRO B 49 11.48 -0.64 -18.22
N THR B 50 11.69 -1.76 -17.55
CA THR B 50 10.69 -2.38 -16.66
C THR B 50 11.36 -3.00 -15.42
N LYS B 51 10.76 -2.80 -14.25
CA LYS B 51 11.24 -3.39 -12.97
C LYS B 51 10.12 -4.29 -12.45
N ILE B 52 10.38 -5.61 -12.41
CA ILE B 52 9.50 -6.61 -11.77
C ILE B 52 10.19 -7.03 -10.47
N GLY B 53 9.46 -7.00 -9.34
CA GLY B 53 9.97 -7.30 -7.99
C GLY B 53 10.03 -8.80 -7.72
N LYS B 54 9.69 -9.20 -6.48
CA LYS B 54 10.00 -10.54 -5.93
C LYS B 54 8.75 -11.42 -5.85
N HIS B 55 8.90 -12.72 -6.13
CA HIS B 55 7.86 -13.77 -5.93
C HIS B 55 6.61 -13.46 -6.76
N ASN B 56 6.77 -12.82 -7.91
CA ASN B 56 5.68 -12.61 -8.91
C ASN B 56 5.55 -13.86 -9.78
N ARG B 57 4.35 -14.13 -10.28
CA ARG B 57 4.12 -15.19 -11.31
C ARG B 57 3.48 -14.52 -12.55
N ILE B 58 4.09 -14.70 -13.72
CA ILE B 58 3.55 -14.18 -15.01
C ILE B 58 3.33 -15.37 -15.92
N TYR B 59 2.08 -15.58 -16.35
CA TYR B 59 1.63 -16.71 -17.19
C TYR B 59 1.86 -16.39 -18.68
N GLN B 60 1.84 -17.47 -19.48
CA GLN B 60 1.99 -17.52 -20.95
C GLN B 60 1.13 -16.46 -21.65
N PHE B 61 1.66 -15.97 -22.77
CA PHE B 61 0.96 -15.12 -23.78
C PHE B 61 0.78 -13.68 -23.28
N SER B 62 1.36 -13.35 -22.13
CA SER B 62 1.34 -11.98 -21.56
C SER B 62 2.39 -11.12 -22.26
N SER B 63 2.04 -9.87 -22.55
CA SER B 63 2.93 -8.84 -23.11
C SER B 63 3.07 -7.76 -22.05
N VAL B 64 4.12 -7.84 -21.22
CA VAL B 64 4.37 -6.92 -20.08
C VAL B 64 5.46 -5.90 -20.46
N GLY B 65 5.10 -4.63 -20.52
CA GLY B 65 6.03 -3.50 -20.76
C GLY B 65 6.09 -3.08 -22.23
N GLU B 66 5.07 -3.36 -23.03
CA GLU B 66 5.03 -2.86 -24.45
C GLU B 66 4.73 -1.37 -24.46
N ASP B 67 5.08 -0.68 -25.55
CA ASP B 67 4.71 0.73 -25.81
C ASP B 67 3.19 0.84 -25.91
N THR B 68 2.60 1.93 -25.42
CA THR B 68 1.18 2.26 -25.65
C THR B 68 1.00 2.59 -27.13
N PRO B 69 -0.09 2.11 -27.79
CA PRO B 69 -0.40 2.50 -29.16
C PRO B 69 -0.91 3.95 -29.23
N ASP B 70 -1.32 4.52 -28.09
CA ASP B 70 -1.79 5.94 -27.97
C ASP B 70 -0.86 6.84 -28.79
N LEU B 71 -1.44 7.71 -29.62
CA LEU B 71 -0.74 8.52 -30.66
C LEU B 71 0.13 9.61 -30.03
N LYS B 72 -0.06 9.96 -28.76
CA LYS B 72 0.69 11.04 -28.06
C LYS B 72 2.07 10.53 -27.64
N TYR B 73 2.21 9.23 -27.33
CA TYR B 73 3.51 8.57 -27.06
C TYR B 73 4.30 8.50 -28.39
N LYS B 74 5.54 8.99 -28.40
CA LYS B 74 6.43 9.13 -29.59
C LYS B 74 7.78 8.45 -29.36
N GLY B 75 7.79 7.34 -28.61
CA GLY B 75 8.96 6.48 -28.42
C GLY B 75 9.88 7.00 -27.33
N GLU B 76 9.38 7.84 -26.41
CA GLU B 76 10.15 8.36 -25.26
C GLU B 76 10.52 7.20 -24.34
N PRO B 77 11.60 7.32 -23.51
CA PRO B 77 12.02 6.23 -22.63
C PRO B 77 11.22 6.24 -21.30
N THR B 78 10.05 5.61 -21.30
CA THR B 78 9.10 5.59 -20.16
C THR B 78 9.22 4.24 -19.44
N ARG B 79 8.61 4.14 -18.25
CA ARG B 79 8.89 3.05 -17.27
C ARG B 79 7.63 2.20 -17.04
N LEU B 80 7.83 0.95 -16.66
CA LEU B 80 6.81 0.11 -15.95
C LEU B 80 7.45 -0.46 -14.68
N VAL B 81 6.75 -0.37 -13.56
CA VAL B 81 7.21 -0.88 -12.23
C VAL B 81 6.11 -1.80 -11.68
N ILE B 82 6.46 -3.06 -11.44
CA ILE B 82 5.62 -4.08 -10.73
C ILE B 82 6.31 -4.44 -9.41
N GLY B 83 5.55 -4.47 -8.30
CA GLY B 83 6.08 -4.80 -6.97
C GLY B 83 6.26 -6.29 -6.78
N ASP B 84 5.78 -6.83 -5.65
CA ASP B 84 6.07 -8.23 -5.20
C ASP B 84 4.78 -9.00 -5.03
N HIS B 85 4.85 -10.33 -5.17
CA HIS B 85 3.76 -11.29 -4.84
C HIS B 85 2.54 -11.07 -5.75
N ASN B 86 2.75 -10.53 -6.96
CA ASN B 86 1.69 -10.34 -7.99
C ASN B 86 1.54 -11.63 -8.80
N VAL B 87 0.30 -12.05 -9.07
CA VAL B 87 -0.03 -13.08 -10.08
C VAL B 87 -0.62 -12.38 -11.33
N ILE B 88 0.05 -12.51 -12.48
CA ILE B 88 -0.38 -12.01 -13.82
C ILE B 88 -0.71 -13.26 -14.66
N ARG B 89 -1.99 -13.46 -14.98
CA ARG B 89 -2.48 -14.68 -15.67
C ARG B 89 -2.33 -14.56 -17.20
N GLU B 90 -2.84 -15.56 -17.91
CA GLU B 90 -2.70 -15.78 -19.37
C GLU B 90 -3.10 -14.52 -20.15
N GLY B 91 -2.24 -14.05 -21.05
CA GLY B 91 -2.60 -13.08 -22.11
C GLY B 91 -2.80 -11.65 -21.58
N VAL B 92 -2.22 -11.32 -20.44
CA VAL B 92 -2.39 -9.96 -19.85
C VAL B 92 -1.52 -9.01 -20.66
N THR B 93 -1.97 -7.78 -20.86
CA THR B 93 -1.18 -6.69 -21.47
C THR B 93 -1.00 -5.55 -20.46
N ILE B 94 0.25 -5.15 -20.26
CA ILE B 94 0.62 -4.00 -19.38
C ILE B 94 1.52 -3.13 -20.23
N HIS B 95 1.10 -1.89 -20.49
CA HIS B 95 1.91 -0.90 -21.24
C HIS B 95 2.64 0.02 -20.25
N ARG B 96 3.79 0.56 -20.67
CA ARG B 96 4.60 1.55 -19.91
C ARG B 96 3.96 2.94 -20.04
N GLY B 97 4.50 3.92 -19.33
CA GLY B 97 3.89 5.26 -19.15
C GLY B 97 4.09 6.16 -20.35
N THR B 98 3.70 7.41 -20.21
CA THR B 98 3.89 8.51 -21.18
C THR B 98 4.51 9.72 -20.45
N VAL B 99 5.28 10.53 -21.19
CA VAL B 99 6.00 11.72 -20.64
C VAL B 99 4.98 12.82 -20.32
N GLN B 100 3.77 12.75 -20.88
CA GLN B 100 2.64 13.68 -20.60
C GLN B 100 2.17 13.53 -19.14
N ASP B 101 2.36 12.35 -18.53
CA ASP B 101 2.03 12.12 -17.10
C ASP B 101 3.34 12.09 -16.28
N ARG B 102 3.69 10.94 -15.72
CA ARG B 102 4.90 10.76 -14.86
C ARG B 102 5.85 9.74 -15.50
N ALA B 103 5.65 9.42 -16.78
CA ALA B 103 6.49 8.50 -17.56
C ALA B 103 6.60 7.15 -16.85
N GLU B 104 5.55 6.74 -16.14
CA GLU B 104 5.54 5.45 -15.40
C GLU B 104 4.12 4.87 -15.25
N THR B 105 4.01 3.57 -15.54
CA THR B 105 2.88 2.68 -15.16
C THR B 105 3.34 1.88 -13.93
N THR B 106 2.50 1.77 -12.90
CA THR B 106 2.89 1.34 -11.54
C THR B 106 1.88 0.32 -11.00
N ILE B 107 2.39 -0.84 -10.59
CA ILE B 107 1.63 -1.90 -9.87
C ILE B 107 2.36 -2.20 -8.55
N GLY B 108 1.63 -2.21 -7.45
CA GLY B 108 2.14 -2.49 -6.09
C GLY B 108 2.33 -3.98 -5.86
N ASP B 109 1.78 -4.51 -4.76
CA ASP B 109 2.08 -5.88 -4.26
C ASP B 109 0.78 -6.67 -4.12
N HIS B 110 0.86 -8.00 -4.21
CA HIS B 110 -0.23 -8.96 -3.86
C HIS B 110 -1.46 -8.75 -4.76
N ASN B 111 -1.27 -8.18 -5.96
CA ASN B 111 -2.37 -7.98 -6.93
C ASN B 111 -2.56 -9.28 -7.74
N LEU B 112 -3.83 -9.68 -7.95
CA LEU B 112 -4.22 -10.79 -8.87
C LEU B 112 -4.83 -10.18 -10.14
N ILE B 113 -4.18 -10.40 -11.29
CA ILE B 113 -4.60 -9.84 -12.62
C ILE B 113 -4.87 -11.01 -13.56
N MET B 114 -6.16 -11.32 -13.74
CA MET B 114 -6.64 -12.54 -14.39
C MET B 114 -6.56 -12.36 -15.91
N ALA B 115 -6.82 -13.45 -16.62
CA ALA B 115 -6.51 -13.64 -18.05
C ALA B 115 -7.10 -12.49 -18.89
N TYR B 116 -6.28 -11.93 -19.76
CA TYR B 116 -6.66 -11.02 -20.86
C TYR B 116 -7.08 -9.67 -20.30
N ALA B 117 -6.71 -9.39 -19.06
CA ALA B 117 -6.89 -8.06 -18.44
C ALA B 117 -5.90 -7.10 -19.09
N HIS B 118 -6.25 -5.82 -19.22
CA HIS B 118 -5.40 -4.77 -19.85
C HIS B 118 -5.15 -3.67 -18.82
N ILE B 119 -3.88 -3.26 -18.68
CA ILE B 119 -3.46 -2.14 -17.79
C ILE B 119 -2.79 -1.08 -18.67
N GLY B 120 -3.53 -0.05 -19.04
CA GLY B 120 -3.07 1.02 -19.96
C GLY B 120 -1.97 1.90 -19.37
N HIS B 121 -1.26 2.60 -20.23
CA HIS B 121 -0.21 3.60 -19.90
C HIS B 121 -0.63 4.44 -18.69
N ASP B 122 0.33 4.63 -17.76
CA ASP B 122 0.30 5.65 -16.68
C ASP B 122 -0.72 5.25 -15.62
N SER B 123 -1.26 4.02 -15.70
CA SER B 123 -2.15 3.45 -14.66
C SER B 123 -1.34 3.14 -13.38
N VAL B 124 -1.95 3.38 -12.21
CA VAL B 124 -1.34 3.10 -10.88
C VAL B 124 -2.26 2.12 -10.14
N ILE B 125 -1.83 0.87 -10.00
CA ILE B 125 -2.50 -0.14 -9.11
C ILE B 125 -1.72 -0.23 -7.80
N GLY B 126 -2.43 -0.20 -6.68
CA GLY B 126 -1.85 -0.37 -5.33
C GLY B 126 -1.65 -1.84 -5.02
N ASN B 127 -2.16 -2.26 -3.86
CA ASN B 127 -1.87 -3.59 -3.28
C ASN B 127 -3.19 -4.31 -3.07
N HIS B 128 -3.18 -5.64 -3.19
CA HIS B 128 -4.32 -6.53 -2.86
C HIS B 128 -5.53 -6.23 -3.77
N CYS B 129 -5.30 -5.68 -4.97
CA CYS B 129 -6.37 -5.47 -5.96
C CYS B 129 -6.64 -6.78 -6.70
N ILE B 130 -7.85 -6.96 -7.21
CA ILE B 130 -8.17 -8.07 -8.16
C ILE B 130 -8.77 -7.47 -9.43
N LEU B 131 -8.13 -7.71 -10.56
CA LEU B 131 -8.67 -7.45 -11.92
C LEU B 131 -9.07 -8.82 -12.49
N VAL B 132 -10.35 -9.13 -12.50
CA VAL B 132 -10.93 -10.38 -13.09
C VAL B 132 -10.87 -10.30 -14.63
N ASN B 133 -10.99 -11.45 -15.31
CA ASN B 133 -10.83 -11.65 -16.77
C ASN B 133 -11.27 -10.42 -17.57
N ASN B 134 -10.38 -9.90 -18.43
CA ASN B 134 -10.72 -8.99 -19.56
C ASN B 134 -11.09 -7.60 -19.02
N THR B 135 -10.86 -7.33 -17.73
CA THR B 135 -10.90 -5.95 -17.18
C THR B 135 -9.94 -5.10 -18.01
N ALA B 136 -10.32 -3.88 -18.39
CA ALA B 136 -9.44 -2.97 -19.17
C ALA B 136 -9.37 -1.58 -18.52
N LEU B 137 -8.17 -1.12 -18.17
CA LEU B 137 -7.92 0.28 -17.73
C LEU B 137 -7.35 1.05 -18.91
N ALA B 138 -8.08 2.05 -19.41
CA ALA B 138 -7.78 2.77 -20.67
C ALA B 138 -6.43 3.48 -20.58
N GLY B 139 -6.16 4.16 -19.46
CA GLY B 139 -4.90 4.88 -19.21
C GLY B 139 -5.06 5.91 -18.11
N HIS B 140 -4.00 6.14 -17.33
CA HIS B 140 -3.98 7.13 -16.21
C HIS B 140 -5.01 6.73 -15.15
N VAL B 141 -5.31 5.44 -15.02
CA VAL B 141 -6.31 4.91 -14.05
C VAL B 141 -5.58 4.57 -12.74
N HIS B 142 -6.06 5.14 -11.63
CA HIS B 142 -5.56 4.90 -10.26
C HIS B 142 -6.54 3.95 -9.59
N VAL B 143 -6.09 2.72 -9.30
CA VAL B 143 -6.83 1.67 -8.54
C VAL B 143 -6.20 1.56 -7.15
N ASP B 144 -6.93 2.00 -6.12
CA ASP B 144 -6.47 1.99 -4.71
C ASP B 144 -6.62 0.59 -4.09
N ASP B 145 -5.98 0.37 -2.94
CA ASP B 145 -5.77 -0.98 -2.34
C ASP B 145 -7.11 -1.72 -2.15
N TRP B 146 -7.11 -3.03 -2.35
CA TRP B 146 -8.26 -3.96 -2.10
C TRP B 146 -9.44 -3.76 -3.09
N ALA B 147 -9.28 -2.95 -4.12
CA ALA B 147 -10.33 -2.73 -5.14
C ALA B 147 -10.49 -4.02 -5.93
N ILE B 148 -11.74 -4.44 -6.13
CA ILE B 148 -12.13 -5.57 -7.02
C ILE B 148 -12.86 -5.00 -8.26
N LEU B 149 -12.35 -5.36 -9.45
CA LEU B 149 -13.04 -5.13 -10.75
C LEU B 149 -13.34 -6.50 -11.35
N SER B 150 -14.62 -6.90 -11.40
CA SER B 150 -15.05 -8.22 -11.94
C SER B 150 -14.91 -8.21 -13.45
N GLY B 151 -15.23 -9.34 -14.10
CA GLY B 151 -14.82 -9.63 -15.49
C GLY B 151 -15.36 -8.58 -16.42
N TYR B 152 -14.56 -8.19 -17.41
CA TYR B 152 -14.98 -7.33 -18.55
C TYR B 152 -15.43 -5.97 -18.02
N THR B 153 -14.82 -5.50 -16.93
CA THR B 153 -15.03 -4.14 -16.39
C THR B 153 -14.20 -3.16 -17.23
N LEU B 154 -14.81 -2.09 -17.70
CA LEU B 154 -14.17 -1.09 -18.58
C LEU B 154 -13.99 0.21 -17.78
N VAL B 155 -12.78 0.74 -17.77
CA VAL B 155 -12.43 1.99 -17.00
C VAL B 155 -11.86 3.05 -17.95
N HIS B 156 -12.57 4.17 -18.07
N HIS B 156 -12.57 4.18 -18.06
CA HIS B 156 -12.19 5.35 -18.91
CA HIS B 156 -12.21 5.38 -18.86
C HIS B 156 -10.89 5.96 -18.38
C HIS B 156 -10.88 5.95 -18.38
N GLN B 157 -10.17 6.65 -19.26
CA GLN B 157 -8.90 7.34 -18.94
C GLN B 157 -9.14 8.29 -17.76
N TYR B 158 -8.19 8.32 -16.82
CA TYR B 158 -8.07 9.31 -15.70
C TYR B 158 -9.06 8.99 -14.57
N CYS B 159 -9.79 7.88 -14.64
CA CYS B 159 -10.77 7.47 -13.61
C CYS B 159 -10.02 6.91 -12.42
N ARG B 160 -10.49 7.23 -11.20
CA ARG B 160 -9.90 6.71 -9.95
C ARG B 160 -10.88 5.69 -9.36
N ILE B 161 -10.40 4.48 -9.11
CA ILE B 161 -11.14 3.36 -8.48
C ILE B 161 -10.74 3.34 -7.02
N GLY B 162 -11.69 3.66 -6.13
CA GLY B 162 -11.47 3.83 -4.68
C GLY B 162 -11.07 2.55 -3.96
N ALA B 163 -10.52 2.68 -2.76
CA ALA B 163 -10.05 1.55 -1.94
C ALA B 163 -11.25 0.74 -1.50
N HIS B 164 -11.14 -0.61 -1.53
CA HIS B 164 -12.18 -1.60 -1.14
C HIS B 164 -13.45 -1.44 -1.99
N SER B 165 -13.36 -0.76 -3.16
CA SER B 165 -14.49 -0.60 -4.11
C SER B 165 -14.74 -1.94 -4.81
N PHE B 166 -15.97 -2.16 -5.28
CA PHE B 166 -16.35 -3.35 -6.08
C PHE B 166 -17.07 -2.88 -7.34
N SER B 167 -16.66 -3.35 -8.51
CA SER B 167 -17.39 -3.13 -9.78
C SER B 167 -17.87 -4.49 -10.34
N GLY B 168 -19.19 -4.65 -10.51
CA GLY B 168 -19.80 -5.87 -11.05
C GLY B 168 -19.33 -6.22 -12.47
N MET B 169 -19.59 -7.46 -12.87
CA MET B 169 -19.30 -8.03 -14.21
C MET B 169 -19.83 -7.09 -15.29
N GLY B 170 -18.99 -6.68 -16.24
CA GLY B 170 -19.42 -5.99 -17.47
C GLY B 170 -19.69 -4.53 -17.24
N SER B 171 -19.20 -3.99 -16.12
CA SER B 171 -19.42 -2.58 -15.70
C SER B 171 -18.59 -1.71 -16.62
N ALA B 172 -19.10 -0.53 -16.96
CA ALA B 172 -18.40 0.52 -17.77
C ALA B 172 -18.34 1.82 -16.97
N ILE B 173 -17.16 2.21 -16.54
CA ILE B 173 -16.92 3.29 -15.54
C ILE B 173 -16.37 4.53 -16.25
N GLY B 174 -17.17 5.59 -16.33
CA GLY B 174 -16.78 6.89 -16.92
C GLY B 174 -16.44 7.94 -15.88
N LYS B 175 -16.66 7.66 -14.60
CA LYS B 175 -16.46 8.61 -13.48
C LYS B 175 -15.80 7.84 -12.33
N ASP B 176 -15.24 8.57 -11.38
CA ASP B 176 -14.56 8.00 -10.19
C ASP B 176 -15.54 7.11 -9.43
N VAL B 177 -15.05 5.95 -8.97
CA VAL B 177 -15.71 5.07 -7.97
C VAL B 177 -15.12 5.45 -6.61
N PRO B 178 -15.86 6.15 -5.74
CA PRO B 178 -15.40 6.41 -4.37
C PRO B 178 -15.00 5.12 -3.65
N ALA B 179 -14.11 5.22 -2.66
CA ALA B 179 -13.64 4.10 -1.81
C ALA B 179 -14.86 3.39 -1.27
N TYR B 180 -14.79 2.06 -1.14
CA TYR B 180 -15.83 1.18 -0.55
C TYR B 180 -17.07 1.03 -1.44
N VAL B 181 -17.34 1.93 -2.39
CA VAL B 181 -18.64 1.96 -3.15
C VAL B 181 -18.72 0.78 -4.13
N THR B 182 -19.94 0.25 -4.34
CA THR B 182 -20.24 -0.89 -5.24
C THR B 182 -20.94 -0.33 -6.47
N VAL B 183 -20.40 -0.58 -7.66
CA VAL B 183 -20.96 -0.08 -8.97
C VAL B 183 -21.25 -1.26 -9.89
N PHE B 184 -22.25 -1.10 -10.76
CA PHE B 184 -22.78 -2.11 -11.71
C PHE B 184 -23.27 -1.38 -12.95
N GLY B 185 -23.12 -2.03 -14.12
CA GLY B 185 -23.81 -1.66 -15.37
C GLY B 185 -22.94 -0.85 -16.31
N ASN B 186 -23.46 -0.61 -17.51
CA ASN B 186 -22.87 0.25 -18.56
C ASN B 186 -23.97 1.23 -18.98
N PRO B 187 -23.96 2.50 -18.55
CA PRO B 187 -22.91 3.05 -17.67
C PRO B 187 -23.02 2.52 -16.23
N ALA B 188 -21.92 2.62 -15.49
CA ALA B 188 -21.77 2.16 -14.10
C ALA B 188 -22.71 3.00 -13.20
N GLU B 189 -23.33 2.35 -12.21
CA GLU B 189 -24.30 2.97 -11.27
C GLU B 189 -23.89 2.67 -9.83
N ALA B 190 -23.93 3.68 -8.97
CA ALA B 190 -23.64 3.51 -7.53
C ALA B 190 -24.82 2.75 -6.89
N ARG B 191 -24.58 1.52 -6.39
CA ARG B 191 -25.55 0.73 -5.60
C ARG B 191 -24.92 0.33 -4.27
N SER B 192 -25.02 1.21 -3.27
CA SER B 192 -24.57 1.00 -1.87
C SER B 192 -23.05 0.74 -1.79
N MET B 193 -22.59 0.06 -0.73
CA MET B 193 -21.16 -0.12 -0.43
C MET B 193 -20.83 -1.60 -0.26
N ASN B 194 -19.53 -1.91 -0.29
CA ASN B 194 -18.94 -3.28 -0.25
C ASN B 194 -18.85 -3.76 1.21
N PHE B 195 -19.99 -3.82 1.90
CA PHE B 195 -20.09 -4.18 3.35
C PHE B 195 -19.53 -5.59 3.60
N GLU B 196 -19.78 -6.53 2.69
CA GLU B 196 -19.27 -7.93 2.81
C GLU B 196 -17.74 -7.90 2.65
N GLY B 197 -17.23 -7.03 1.78
CA GLY B 197 -15.78 -6.78 1.63
C GLY B 197 -15.17 -6.25 2.93
N MET B 198 -15.86 -5.32 3.59
CA MET B 198 -15.40 -4.63 4.83
C MET B 198 -15.41 -5.62 5.98
N ARG B 199 -16.49 -6.39 6.14
CA ARG B 199 -16.67 -7.40 7.22
C ARG B 199 -15.58 -8.48 7.08
N ARG B 200 -15.22 -8.83 5.85
CA ARG B 200 -14.21 -9.88 5.53
C ARG B 200 -12.80 -9.42 5.94
N ARG B 201 -12.46 -8.14 5.71
CA ARG B 201 -11.10 -7.58 6.00
C ARG B 201 -11.08 -7.01 7.43
N GLY B 202 -12.16 -7.20 8.21
CA GLY B 202 -12.20 -7.03 9.68
C GLY B 202 -12.44 -5.60 10.13
N PHE B 203 -13.09 -4.78 9.31
CA PHE B 203 -13.49 -3.38 9.64
C PHE B 203 -14.45 -3.43 10.82
N SER B 204 -14.34 -2.47 11.74
CA SER B 204 -15.15 -2.42 12.98
C SER B 204 -16.58 -2.05 12.62
N SER B 205 -17.55 -2.51 13.44
CA SER B 205 -19.00 -2.19 13.33
C SER B 205 -19.20 -0.67 13.28
N GLU B 206 -18.45 0.07 14.11
CA GLU B 206 -18.58 1.54 14.27
C GLU B 206 -18.19 2.22 12.96
N ALA B 207 -17.12 1.72 12.32
CA ALA B 207 -16.56 2.28 11.06
C ALA B 207 -17.57 2.05 9.91
N ILE B 208 -18.11 0.83 9.84
CA ILE B 208 -19.10 0.40 8.80
C ILE B 208 -20.34 1.29 8.92
N HIS B 209 -20.83 1.54 10.14
CA HIS B 209 -22.02 2.38 10.44
C HIS B 209 -21.73 3.84 10.00
N ALA B 210 -20.51 4.32 10.23
CA ALA B 210 -20.07 5.67 9.83
C ALA B 210 -19.99 5.77 8.29
N LEU B 211 -19.43 4.77 7.62
CA LEU B 211 -19.42 4.70 6.12
C LEU B 211 -20.87 4.67 5.60
N ARG B 212 -21.77 3.97 6.29
CA ARG B 212 -23.21 3.88 5.88
C ARG B 212 -23.80 5.29 5.85
N ARG B 213 -23.52 6.13 6.85
CA ARG B 213 -24.08 7.50 6.94
C ARG B 213 -23.38 8.41 5.92
N ALA B 214 -22.08 8.23 5.73
CA ALA B 214 -21.27 9.01 4.76
C ALA B 214 -21.84 8.81 3.34
N TYR B 215 -22.25 7.58 3.02
CA TYR B 215 -22.89 7.24 1.73
C TYR B 215 -24.17 8.05 1.55
N LYS B 216 -25.01 8.13 2.60
CA LYS B 216 -26.31 8.86 2.56
C LYS B 216 -26.05 10.34 2.25
N VAL B 217 -24.97 10.91 2.81
CA VAL B 217 -24.60 12.35 2.71
C VAL B 217 -24.24 12.71 1.24
N VAL B 218 -23.48 11.84 0.58
CA VAL B 218 -22.97 12.08 -0.81
C VAL B 218 -24.10 11.86 -1.84
N TYR B 219 -24.90 10.82 -1.65
CA TYR B 219 -25.79 10.25 -2.70
C TYR B 219 -27.27 10.55 -2.45
N ARG B 220 -27.73 10.64 -1.20
CA ARG B 220 -29.19 10.57 -0.85
C ARG B 220 -29.72 11.85 -0.19
N GLN B 221 -29.00 12.97 -0.23
CA GLN B 221 -29.38 14.19 0.52
C GLN B 221 -29.40 15.41 -0.40
N GLY B 222 -29.51 15.20 -1.73
CA GLY B 222 -29.63 16.27 -2.73
C GLY B 222 -28.42 17.19 -2.77
N HIS B 223 -27.43 17.00 -1.87
CA HIS B 223 -26.21 17.86 -1.74
C HIS B 223 -25.45 17.86 -3.07
N THR B 224 -24.96 19.02 -3.51
CA THR B 224 -23.88 19.12 -4.53
C THR B 224 -22.60 18.57 -3.88
N VAL B 225 -21.56 18.31 -4.67
CA VAL B 225 -20.33 17.59 -4.19
C VAL B 225 -19.68 18.41 -3.06
N GLU B 226 -19.57 19.73 -3.24
CA GLU B 226 -18.89 20.65 -2.28
C GLU B 226 -19.72 20.73 -0.99
N GLU B 227 -21.06 20.80 -1.09
CA GLU B 227 -22.01 20.77 0.06
C GLU B 227 -21.80 19.46 0.86
N ALA B 228 -21.60 18.35 0.14
CA ALA B 228 -21.42 16.99 0.71
C ALA B 228 -20.04 16.90 1.40
N LEU B 229 -18.98 17.31 0.69
CA LEU B 229 -17.60 17.30 1.21
C LEU B 229 -17.54 18.05 2.55
N ALA B 230 -18.28 19.16 2.64
CA ALA B 230 -18.40 20.01 3.85
C ALA B 230 -19.09 19.22 4.98
N GLU B 231 -20.19 18.52 4.68
CA GLU B 231 -21.00 17.78 5.70
C GLU B 231 -20.21 16.57 6.23
N LEU B 232 -19.36 15.96 5.39
CA LEU B 232 -18.54 14.76 5.72
C LEU B 232 -17.38 15.15 6.64
N ALA B 233 -16.97 16.44 6.58
CA ALA B 233 -15.80 17.02 7.29
C ALA B 233 -15.76 16.58 8.76
N GLU B 234 -16.89 16.60 9.45
CA GLU B 234 -17.03 16.18 10.87
C GLU B 234 -16.66 14.70 11.02
N SER B 235 -17.34 13.83 10.27
CA SER B 235 -17.25 12.34 10.38
C SER B 235 -15.87 11.88 9.89
N ALA B 236 -15.36 12.52 8.84
CA ALA B 236 -14.01 12.27 8.26
C ALA B 236 -12.91 12.54 9.31
N ALA B 237 -13.09 13.58 10.13
CA ALA B 237 -12.19 13.90 11.26
C ALA B 237 -12.25 12.78 12.33
N GLN B 238 -13.35 12.04 12.43
CA GLN B 238 -13.59 11.05 13.53
C GLN B 238 -13.08 9.67 13.11
N PHE B 239 -13.33 9.26 11.86
CA PHE B 239 -13.03 7.92 11.31
C PHE B 239 -12.06 8.01 10.15
N PRO B 240 -10.95 7.23 10.14
CA PRO B 240 -10.08 7.13 8.98
C PRO B 240 -10.83 6.65 7.71
N GLU B 241 -11.62 5.60 7.86
CA GLU B 241 -12.42 5.01 6.74
C GLU B 241 -13.18 6.13 6.04
N VAL B 242 -13.87 6.97 6.81
CA VAL B 242 -14.73 8.08 6.30
C VAL B 242 -13.82 9.15 5.64
N ALA B 243 -12.59 9.34 6.14
CA ALA B 243 -11.60 10.26 5.53
C ALA B 243 -11.18 9.74 4.15
N VAL B 244 -10.86 8.44 4.04
CA VAL B 244 -10.50 7.75 2.76
C VAL B 244 -11.65 7.94 1.76
N PHE B 245 -12.89 7.73 2.23
CA PHE B 245 -14.14 7.96 1.45
C PHE B 245 -14.19 9.42 1.00
N ARG B 246 -14.13 10.35 1.96
CA ARG B 246 -14.21 11.82 1.70
C ARG B 246 -13.05 12.21 0.76
N ASP B 247 -11.87 11.63 0.98
CA ASP B 247 -10.63 11.96 0.19
C ASP B 247 -10.83 11.51 -1.26
N SER B 248 -11.43 10.34 -1.47
CA SER B 248 -11.70 9.75 -2.80
C SER B 248 -12.67 10.67 -3.56
N ILE B 249 -13.64 11.26 -2.87
CA ILE B 249 -14.63 12.19 -3.47
C ILE B 249 -13.94 13.53 -3.79
N GLN B 250 -13.08 14.01 -2.88
CA GLN B 250 -12.37 15.29 -3.02
C GLN B 250 -11.45 15.24 -4.26
N SER B 251 -10.87 14.08 -4.56
CA SER B 251 -9.85 13.88 -5.64
C SER B 251 -10.49 13.42 -6.96
N ALA B 252 -11.82 13.41 -7.05
CA ALA B 252 -12.56 13.10 -8.30
C ALA B 252 -12.40 14.27 -9.28
N THR B 253 -11.84 14.00 -10.47
CA THR B 253 -11.55 14.99 -11.53
C THR B 253 -12.62 14.88 -12.63
N ARG B 254 -13.26 13.71 -12.78
CA ARG B 254 -14.28 13.45 -13.83
C ARG B 254 -15.68 13.42 -13.20
N GLY B 255 -15.80 13.85 -11.94
CA GLY B 255 -17.00 13.65 -11.11
C GLY B 255 -16.99 12.25 -10.52
N ILE B 256 -18.04 11.87 -9.80
CA ILE B 256 -18.18 10.52 -9.16
C ILE B 256 -19.34 9.75 -9.80
N THR B 257 -19.24 8.42 -9.80
CA THR B 257 -20.32 7.49 -10.23
C THR B 257 -21.51 7.69 -9.30
N ARG B 258 -22.71 7.87 -9.85
CA ARG B 258 -23.96 8.11 -9.10
C ARG B 258 -25.01 7.05 -9.47
N LEU C 3 4.48 -35.96 -37.28
CA LEU C 3 3.15 -35.83 -36.57
C LEU C 3 3.33 -34.95 -35.33
N ILE C 4 4.17 -35.39 -34.38
CA ILE C 4 4.62 -34.55 -33.24
C ILE C 4 5.80 -33.70 -33.73
N ASP C 5 5.59 -32.40 -33.91
CA ASP C 5 6.66 -31.45 -34.30
C ASP C 5 7.78 -31.54 -33.27
N PRO C 6 9.07 -31.66 -33.70
CA PRO C 6 10.18 -31.81 -32.77
C PRO C 6 10.43 -30.61 -31.84
N ARG C 7 9.81 -29.45 -32.10
CA ARG C 7 9.96 -28.24 -31.22
C ARG C 7 8.85 -28.16 -30.17
N ALA C 8 7.99 -29.18 -30.10
CA ALA C 8 6.99 -29.36 -29.02
C ALA C 8 7.67 -30.07 -27.83
N ILE C 9 7.22 -29.76 -26.61
CA ILE C 9 7.64 -30.39 -25.34
C ILE C 9 6.51 -31.35 -24.93
N ILE C 10 6.75 -32.66 -25.08
CA ILE C 10 5.83 -33.72 -24.59
C ILE C 10 6.39 -34.26 -23.27
N ASP C 11 5.67 -34.09 -22.17
CA ASP C 11 6.08 -34.61 -20.84
C ASP C 11 6.12 -36.14 -20.91
N PRO C 12 7.15 -36.79 -20.31
CA PRO C 12 7.20 -38.25 -20.23
C PRO C 12 5.87 -38.94 -19.88
N SER C 13 5.08 -38.36 -18.96
CA SER C 13 3.84 -38.98 -18.39
C SER C 13 2.60 -38.63 -19.24
N ALA C 14 2.75 -37.83 -20.29
CA ALA C 14 1.68 -37.57 -21.28
C ALA C 14 1.41 -38.86 -22.05
N ARG C 15 0.25 -38.93 -22.72
CA ARG C 15 -0.25 -40.18 -23.33
C ARG C 15 -1.00 -39.80 -24.61
N LEU C 16 -0.34 -39.97 -25.74
CA LEU C 16 -0.82 -39.52 -27.07
C LEU C 16 -1.03 -40.73 -27.97
N ALA C 17 -2.22 -40.87 -28.55
CA ALA C 17 -2.54 -41.85 -29.61
C ALA C 17 -1.76 -41.56 -30.90
N ALA C 18 -1.60 -42.57 -31.75
CA ALA C 18 -0.70 -42.58 -32.93
C ALA C 18 -1.04 -41.45 -33.90
N ASP C 19 -2.33 -41.14 -34.07
CA ASP C 19 -2.81 -40.22 -35.13
C ASP C 19 -2.65 -38.74 -34.70
N VAL C 20 -2.23 -38.48 -33.44
CA VAL C 20 -2.27 -37.15 -32.80
C VAL C 20 -1.19 -36.27 -33.44
N GLN C 21 -1.57 -35.02 -33.75
CA GLN C 21 -0.65 -33.99 -34.30
C GLN C 21 -0.42 -32.92 -33.23
N VAL C 22 0.83 -32.60 -32.96
CA VAL C 22 1.23 -31.49 -32.04
C VAL C 22 2.11 -30.49 -32.82
N GLY C 23 1.64 -29.25 -32.94
CA GLY C 23 2.34 -28.18 -33.66
C GLY C 23 3.61 -27.77 -32.91
N PRO C 24 4.51 -27.00 -33.53
CA PRO C 24 5.70 -26.50 -32.86
C PRO C 24 5.37 -25.58 -31.67
N TRP C 25 6.26 -25.60 -30.67
CA TRP C 25 6.24 -24.67 -29.51
C TRP C 25 4.99 -24.92 -28.65
N SER C 26 4.44 -26.12 -28.75
CA SER C 26 3.30 -26.55 -27.91
C SER C 26 3.83 -27.41 -26.75
N ILE C 27 3.19 -27.32 -25.59
CA ILE C 27 3.56 -28.09 -24.37
C ILE C 27 2.40 -29.03 -24.07
N VAL C 28 2.66 -30.34 -24.10
CA VAL C 28 1.73 -31.38 -23.57
C VAL C 28 2.27 -31.71 -22.18
N GLY C 29 1.65 -31.17 -21.14
CA GLY C 29 2.11 -31.26 -19.75
C GLY C 29 1.93 -32.63 -19.15
N ALA C 30 2.32 -32.80 -17.88
CA ALA C 30 2.21 -34.05 -17.09
C ALA C 30 0.74 -34.48 -17.04
N GLU C 31 0.47 -35.76 -17.33
CA GLU C 31 -0.83 -36.46 -17.17
C GLU C 31 -1.84 -35.87 -18.16
N VAL C 32 -1.42 -35.64 -19.39
CA VAL C 32 -2.33 -35.19 -20.48
C VAL C 32 -2.57 -36.38 -21.41
N GLU C 33 -3.80 -36.87 -21.45
CA GLU C 33 -4.30 -37.85 -22.45
C GLU C 33 -4.84 -37.11 -23.67
N ILE C 34 -4.44 -37.52 -24.86
CA ILE C 34 -4.97 -36.97 -26.14
C ILE C 34 -5.33 -38.14 -27.05
N GLY C 35 -6.59 -38.24 -27.49
CA GLY C 35 -7.15 -39.37 -28.26
C GLY C 35 -6.93 -39.21 -29.75
N GLU C 36 -7.02 -40.33 -30.47
CA GLU C 36 -6.71 -40.46 -31.92
C GLU C 36 -7.43 -39.34 -32.69
N GLY C 37 -6.76 -38.78 -33.69
CA GLY C 37 -7.36 -37.87 -34.67
C GLY C 37 -7.28 -36.41 -34.24
N THR C 38 -6.94 -36.15 -32.98
CA THR C 38 -6.89 -34.79 -32.38
C THR C 38 -5.67 -34.02 -32.90
N VAL C 39 -5.88 -32.80 -33.38
CA VAL C 39 -4.80 -31.90 -33.87
C VAL C 39 -4.61 -30.77 -32.85
N ILE C 40 -3.45 -30.72 -32.21
CA ILE C 40 -3.01 -29.63 -31.31
C ILE C 40 -2.18 -28.66 -32.15
N GLY C 41 -2.65 -27.42 -32.31
CA GLY C 41 -2.00 -26.37 -33.11
C GLY C 41 -0.66 -26.00 -32.50
N PRO C 42 0.05 -25.01 -33.08
CA PRO C 42 1.27 -24.50 -32.46
C PRO C 42 0.91 -23.57 -31.28
N HIS C 43 1.83 -23.36 -30.35
CA HIS C 43 1.73 -22.32 -29.28
C HIS C 43 0.60 -22.69 -28.32
N VAL C 44 0.32 -23.97 -28.16
CA VAL C 44 -0.73 -24.45 -27.22
C VAL C 44 -0.07 -24.96 -25.94
N VAL C 45 -0.55 -24.54 -24.78
CA VAL C 45 -0.17 -25.08 -23.45
C VAL C 45 -1.33 -25.96 -22.94
N LEU C 46 -1.10 -27.27 -22.87
CA LEU C 46 -1.97 -28.29 -22.24
C LEU C 46 -1.36 -28.65 -20.88
N LYS C 47 -2.14 -28.55 -19.80
CA LYS C 47 -1.75 -28.96 -18.43
C LYS C 47 -2.74 -29.99 -17.92
N GLY C 48 -2.30 -30.91 -17.05
CA GLY C 48 -3.10 -32.04 -16.53
C GLY C 48 -3.32 -31.92 -15.03
N PRO C 49 -3.95 -32.93 -14.38
CA PRO C 49 -4.54 -34.08 -15.09
C PRO C 49 -5.68 -33.67 -16.03
N THR C 50 -5.57 -34.02 -17.32
CA THR C 50 -6.51 -33.61 -18.38
C THR C 50 -6.67 -34.77 -19.37
N LYS C 51 -7.91 -35.08 -19.76
CA LYS C 51 -8.20 -36.03 -20.86
C LYS C 51 -8.84 -35.28 -22.02
N ILE C 52 -8.31 -35.49 -23.22
CA ILE C 52 -8.87 -34.89 -24.46
C ILE C 52 -9.24 -36.07 -25.36
N GLY C 53 -10.47 -36.08 -25.86
CA GLY C 53 -10.95 -37.21 -26.65
C GLY C 53 -10.41 -37.30 -28.04
N LYS C 54 -11.29 -37.47 -29.02
CA LYS C 54 -10.82 -37.75 -30.38
C LYS C 54 -11.26 -36.72 -31.42
N HIS C 55 -10.52 -36.64 -32.51
CA HIS C 55 -10.83 -35.76 -33.67
C HIS C 55 -11.11 -34.32 -33.20
N ASN C 56 -10.43 -33.89 -32.13
CA ASN C 56 -10.49 -32.50 -31.59
C ASN C 56 -9.47 -31.63 -32.33
N ARG C 57 -9.71 -30.32 -32.37
CA ARG C 57 -8.77 -29.31 -32.93
C ARG C 57 -8.63 -28.19 -31.90
N ILE C 58 -7.42 -27.99 -31.36
CA ILE C 58 -7.11 -26.89 -30.41
C ILE C 58 -6.15 -25.90 -31.10
N TYR C 59 -6.57 -24.65 -31.23
CA TYR C 59 -5.87 -23.59 -31.99
C TYR C 59 -4.83 -22.90 -31.10
N GLN C 60 -3.92 -22.18 -31.75
CA GLN C 60 -2.78 -21.44 -31.17
C GLN C 60 -3.20 -20.57 -29.98
N PHE C 61 -2.36 -20.51 -28.95
CA PHE C 61 -2.36 -19.53 -27.83
C PHE C 61 -3.40 -19.95 -26.79
N SER C 62 -3.89 -21.18 -26.89
CA SER C 62 -4.91 -21.73 -25.97
C SER C 62 -4.19 -22.24 -24.73
N SER C 63 -4.77 -22.01 -23.55
CA SER C 63 -4.30 -22.56 -22.25
C SER C 63 -5.40 -23.50 -21.72
N VAL C 64 -5.28 -24.79 -22.01
CA VAL C 64 -6.27 -25.85 -21.67
C VAL C 64 -5.72 -26.69 -20.52
N GLY C 65 -6.35 -26.62 -19.35
CA GLY C 65 -6.06 -27.48 -18.19
C GLY C 65 -5.21 -26.78 -17.14
N GLU C 66 -5.15 -25.45 -17.14
CA GLU C 66 -4.49 -24.62 -16.10
C GLU C 66 -5.29 -24.70 -14.80
N ASP C 67 -4.67 -24.31 -13.67
CA ASP C 67 -5.35 -24.15 -12.36
C ASP C 67 -6.17 -22.87 -12.38
N THR C 68 -7.34 -22.87 -11.74
CA THR C 68 -8.15 -21.64 -11.51
C THR C 68 -7.35 -20.74 -10.56
N PRO C 69 -7.37 -19.41 -10.76
CA PRO C 69 -6.84 -18.48 -9.76
C PRO C 69 -7.82 -18.27 -8.59
N ASP C 70 -9.07 -18.72 -8.75
CA ASP C 70 -10.09 -18.70 -7.67
C ASP C 70 -9.38 -19.14 -6.39
N LEU C 71 -9.47 -18.34 -5.33
CA LEU C 71 -8.61 -18.46 -4.12
C LEU C 71 -8.96 -19.74 -3.34
N LYS C 72 -10.16 -20.32 -3.55
CA LYS C 72 -10.66 -21.51 -2.82
C LYS C 72 -9.95 -22.77 -3.33
N TYR C 73 -9.27 -22.69 -4.48
CA TYR C 73 -8.38 -23.76 -5.01
C TYR C 73 -7.00 -23.63 -4.36
N LYS C 74 -6.42 -24.76 -3.93
CA LYS C 74 -5.16 -24.79 -3.13
C LYS C 74 -4.25 -25.93 -3.57
N GLY C 75 -4.36 -26.37 -4.85
CA GLY C 75 -3.37 -27.24 -5.54
C GLY C 75 -3.80 -28.70 -5.63
N GLU C 76 -5.07 -29.01 -5.37
CA GLU C 76 -5.59 -30.40 -5.36
C GLU C 76 -5.47 -30.95 -6.78
N PRO C 77 -5.35 -32.29 -6.99
CA PRO C 77 -5.13 -32.86 -8.32
C PRO C 77 -6.45 -33.05 -9.11
N THR C 78 -7.15 -31.94 -9.37
CA THR C 78 -8.47 -31.87 -10.05
C THR C 78 -8.29 -32.08 -11.56
N ARG C 79 -9.37 -32.41 -12.27
CA ARG C 79 -9.29 -32.93 -13.67
C ARG C 79 -9.98 -31.97 -14.65
N LEU C 80 -9.75 -32.21 -15.93
CA LEU C 80 -10.48 -31.59 -17.08
C LEU C 80 -10.70 -32.72 -18.07
N VAL C 81 -11.95 -33.01 -18.43
CA VAL C 81 -12.30 -34.01 -19.49
C VAL C 81 -12.90 -33.24 -20.66
N ILE C 82 -12.43 -33.53 -21.88
CA ILE C 82 -12.98 -33.01 -23.16
C ILE C 82 -13.36 -34.21 -24.01
N GLY C 83 -14.53 -34.19 -24.64
CA GLY C 83 -15.04 -35.26 -25.54
C GLY C 83 -14.39 -35.25 -26.92
N ASP C 84 -15.20 -35.41 -27.96
CA ASP C 84 -14.77 -35.71 -29.36
C ASP C 84 -15.33 -34.64 -30.30
N HIS C 85 -14.66 -34.41 -31.43
CA HIS C 85 -15.07 -33.51 -32.54
C HIS C 85 -15.35 -32.09 -32.05
N ASN C 86 -14.64 -31.65 -31.02
CA ASN C 86 -14.66 -30.26 -30.49
C ASN C 86 -13.63 -29.40 -31.22
N VAL C 87 -13.97 -28.14 -31.48
CA VAL C 87 -13.05 -27.11 -32.04
C VAL C 87 -12.88 -26.05 -30.97
N ILE C 88 -11.66 -25.92 -30.44
CA ILE C 88 -11.26 -24.86 -29.47
C ILE C 88 -10.33 -23.87 -30.17
N ARG C 89 -10.79 -22.62 -30.30
CA ARG C 89 -10.17 -21.59 -31.19
C ARG C 89 -9.05 -20.87 -30.44
N GLU C 90 -8.57 -19.76 -31.03
CA GLU C 90 -7.37 -19.00 -30.59
C GLU C 90 -7.60 -18.48 -29.18
N GLY C 91 -6.64 -18.73 -28.28
CA GLY C 91 -6.54 -18.07 -26.96
C GLY C 91 -7.65 -18.45 -25.98
N VAL C 92 -8.27 -19.62 -26.17
CA VAL C 92 -9.34 -20.09 -25.25
C VAL C 92 -8.63 -20.51 -23.95
N THR C 93 -9.23 -20.20 -22.81
CA THR C 93 -8.76 -20.66 -21.47
C THR C 93 -9.79 -21.62 -20.89
N ILE C 94 -9.35 -22.81 -20.51
CA ILE C 94 -10.20 -23.87 -19.88
C ILE C 94 -9.46 -24.29 -18.59
N HIS C 95 -10.05 -24.01 -17.43
CA HIS C 95 -9.46 -24.33 -16.11
C HIS C 95 -10.02 -25.66 -15.62
N ARG C 96 -9.22 -26.39 -14.86
CA ARG C 96 -9.61 -27.70 -14.27
C ARG C 96 -10.54 -27.42 -13.08
N GLY C 97 -11.18 -28.46 -12.56
CA GLY C 97 -12.17 -28.38 -11.47
C GLY C 97 -11.56 -28.03 -10.13
N THR C 98 -12.41 -27.98 -9.08
CA THR C 98 -12.05 -27.73 -7.67
C THR C 98 -12.71 -28.83 -6.81
N VAL C 99 -12.11 -29.16 -5.67
CA VAL C 99 -12.58 -30.27 -4.79
C VAL C 99 -13.92 -29.88 -4.15
N GLN C 100 -14.14 -28.57 -3.94
CA GLN C 100 -15.34 -28.01 -3.27
C GLN C 100 -16.59 -28.40 -4.05
N ASP C 101 -16.45 -28.74 -5.34
CA ASP C 101 -17.55 -29.27 -6.22
C ASP C 101 -17.26 -30.75 -6.53
N ARG C 102 -16.88 -31.09 -7.77
CA ARG C 102 -16.72 -32.49 -8.25
C ARG C 102 -15.30 -32.73 -8.76
N ALA C 103 -14.39 -31.75 -8.59
CA ALA C 103 -12.95 -31.80 -8.99
C ALA C 103 -12.82 -32.17 -10.48
N GLU C 104 -13.75 -31.68 -11.32
CA GLU C 104 -13.75 -31.96 -12.78
C GLU C 104 -14.42 -30.81 -13.55
N THR C 105 -13.75 -30.27 -14.58
CA THR C 105 -14.37 -29.45 -15.66
C THR C 105 -14.63 -30.42 -16.81
N THR C 106 -15.86 -30.45 -17.35
CA THR C 106 -16.30 -31.46 -18.36
C THR C 106 -16.76 -30.74 -19.63
N ILE C 107 -16.29 -31.20 -20.79
CA ILE C 107 -16.77 -30.78 -22.13
C ILE C 107 -17.10 -32.05 -22.89
N GLY C 108 -18.30 -32.13 -23.50
CA GLY C 108 -18.77 -33.27 -24.31
C GLY C 108 -18.26 -33.22 -25.75
N ASP C 109 -19.16 -33.36 -26.71
CA ASP C 109 -18.82 -33.65 -28.13
C ASP C 109 -19.35 -32.52 -29.01
N HIS C 110 -18.70 -32.29 -30.15
CA HIS C 110 -19.20 -31.45 -31.27
C HIS C 110 -19.44 -30.01 -30.79
N ASN C 111 -18.63 -29.52 -29.85
CA ASN C 111 -18.74 -28.14 -29.30
C ASN C 111 -17.81 -27.20 -30.08
N LEU C 112 -18.31 -26.04 -30.50
CA LEU C 112 -17.52 -24.97 -31.13
C LEU C 112 -17.27 -23.86 -30.10
N ILE C 113 -16.02 -23.79 -29.60
CA ILE C 113 -15.56 -22.80 -28.58
C ILE C 113 -14.65 -21.79 -29.27
N MET C 114 -15.15 -20.60 -29.58
CA MET C 114 -14.47 -19.60 -30.44
C MET C 114 -13.45 -18.78 -29.61
N ALA C 115 -12.72 -17.90 -30.30
CA ALA C 115 -11.54 -17.15 -29.80
C ALA C 115 -11.81 -16.50 -28.43
N TYR C 116 -10.92 -16.76 -27.46
CA TYR C 116 -10.76 -16.01 -26.20
C TYR C 116 -11.96 -16.29 -25.26
N ALA C 117 -12.71 -17.35 -25.53
CA ALA C 117 -13.73 -17.89 -24.62
C ALA C 117 -13.04 -18.36 -23.34
N HIS C 118 -13.73 -18.19 -22.21
CA HIS C 118 -13.30 -18.68 -20.89
C HIS C 118 -14.30 -19.74 -20.41
N ILE C 119 -13.81 -20.93 -20.11
CA ILE C 119 -14.56 -22.04 -19.47
C ILE C 119 -13.98 -22.22 -18.06
N GLY C 120 -14.60 -21.59 -17.08
CA GLY C 120 -14.09 -21.60 -15.68
C GLY C 120 -14.19 -22.97 -15.04
N HIS C 121 -13.51 -23.13 -13.91
CA HIS C 121 -13.49 -24.34 -13.04
C HIS C 121 -14.90 -24.93 -12.87
N ASP C 122 -15.00 -26.24 -13.07
CA ASP C 122 -16.17 -27.07 -12.66
C ASP C 122 -17.33 -26.89 -13.64
N SER C 123 -17.13 -26.10 -14.70
CA SER C 123 -18.15 -25.89 -15.74
C SER C 123 -18.37 -27.21 -16.48
N VAL C 124 -19.64 -27.51 -16.81
CA VAL C 124 -20.06 -28.74 -17.54
C VAL C 124 -20.73 -28.30 -18.85
N ILE C 125 -20.06 -28.55 -19.96
CA ILE C 125 -20.66 -28.27 -21.29
C ILE C 125 -21.03 -29.61 -21.91
N GLY C 126 -22.23 -29.71 -22.47
CA GLY C 126 -22.67 -30.93 -23.12
C GLY C 126 -22.23 -31.04 -24.55
N ASN C 127 -23.19 -31.10 -25.47
CA ASN C 127 -22.82 -31.37 -26.88
C ASN C 127 -23.46 -30.40 -27.85
N HIS C 128 -22.88 -30.28 -29.03
CA HIS C 128 -23.36 -29.39 -30.12
C HIS C 128 -23.62 -27.97 -29.61
N CYS C 129 -22.87 -27.53 -28.60
CA CYS C 129 -22.93 -26.13 -28.09
C CYS C 129 -22.04 -25.19 -28.93
N ILE C 130 -22.37 -23.90 -28.95
CA ILE C 130 -21.56 -22.82 -29.58
C ILE C 130 -21.31 -21.74 -28.53
N LEU C 131 -20.05 -21.57 -28.11
CA LEU C 131 -19.55 -20.38 -27.36
C LEU C 131 -18.83 -19.45 -28.35
N VAL C 132 -19.43 -18.31 -28.63
CA VAL C 132 -18.87 -17.30 -29.58
C VAL C 132 -17.79 -16.51 -28.84
N ASN C 133 -16.91 -15.83 -29.59
CA ASN C 133 -15.72 -15.08 -29.08
C ASN C 133 -15.99 -14.45 -27.71
N ASN C 134 -15.10 -14.74 -26.74
CA ASN C 134 -14.93 -13.98 -25.47
C ASN C 134 -16.09 -14.26 -24.52
N THR C 135 -16.88 -15.31 -24.79
CA THR C 135 -17.84 -15.88 -23.82
C THR C 135 -17.05 -16.27 -22.56
N ALA C 136 -17.54 -15.91 -21.38
CA ALA C 136 -16.91 -16.28 -20.10
C ALA C 136 -17.92 -17.03 -19.23
N LEU C 137 -17.61 -18.28 -18.90
CA LEU C 137 -18.31 -19.11 -17.86
C LEU C 137 -17.49 -18.99 -16.56
N ALA C 138 -18.02 -18.28 -15.58
CA ALA C 138 -17.29 -17.88 -14.35
C ALA C 138 -16.82 -19.13 -13.57
N GLY C 139 -17.65 -20.16 -13.52
CA GLY C 139 -17.36 -21.40 -12.79
C GLY C 139 -18.63 -22.13 -12.36
N HIS C 140 -18.60 -23.47 -12.31
CA HIS C 140 -19.75 -24.33 -11.95
C HIS C 140 -20.93 -24.08 -12.89
N VAL C 141 -20.70 -23.61 -14.12
CA VAL C 141 -21.77 -23.30 -15.11
C VAL C 141 -22.06 -24.59 -15.89
N HIS C 142 -23.33 -24.98 -15.96
CA HIS C 142 -23.80 -26.16 -16.75
C HIS C 142 -24.46 -25.64 -18.02
N VAL C 143 -23.85 -25.92 -19.17
CA VAL C 143 -24.38 -25.58 -20.53
C VAL C 143 -24.89 -26.88 -21.17
N ASP C 144 -26.20 -26.97 -21.41
CA ASP C 144 -26.86 -28.19 -21.92
C ASP C 144 -26.83 -28.21 -23.46
N ASP C 145 -27.16 -29.35 -24.05
CA ASP C 145 -26.88 -29.64 -25.48
C ASP C 145 -27.51 -28.55 -26.34
N TRP C 146 -26.81 -28.11 -27.41
CA TRP C 146 -27.32 -27.21 -28.49
C TRP C 146 -27.48 -25.77 -27.98
N ALA C 147 -26.95 -25.45 -26.81
CA ALA C 147 -27.01 -24.07 -26.27
C ALA C 147 -26.05 -23.21 -27.10
N ILE C 148 -26.47 -22.00 -27.45
CA ILE C 148 -25.63 -21.00 -28.17
C ILE C 148 -25.48 -19.75 -27.30
N LEU C 149 -24.26 -19.41 -26.91
CA LEU C 149 -23.90 -18.16 -26.19
C LEU C 149 -23.16 -17.22 -27.15
N SER C 150 -23.76 -16.11 -27.55
CA SER C 150 -23.18 -15.11 -28.50
C SER C 150 -21.99 -14.39 -27.86
N GLY C 151 -21.27 -13.62 -28.65
CA GLY C 151 -19.95 -13.07 -28.29
C GLY C 151 -20.05 -12.25 -27.03
N TYR C 152 -19.06 -12.38 -26.16
CA TYR C 152 -18.89 -11.55 -24.95
C TYR C 152 -20.06 -11.78 -23.99
N THR C 153 -20.68 -12.98 -24.05
CA THR C 153 -21.69 -13.42 -23.07
C THR C 153 -20.98 -13.81 -21.77
N LEU C 154 -21.38 -13.19 -20.64
CA LEU C 154 -20.82 -13.44 -19.29
C LEU C 154 -21.84 -14.25 -18.50
N VAL C 155 -21.41 -15.37 -17.91
CA VAL C 155 -22.27 -16.24 -17.08
C VAL C 155 -21.71 -16.26 -15.66
N HIS C 156 -22.51 -15.83 -14.68
CA HIS C 156 -22.21 -15.89 -13.22
C HIS C 156 -22.07 -17.35 -12.77
N GLN C 157 -21.38 -17.56 -11.67
CA GLN C 157 -21.10 -18.91 -11.13
C GLN C 157 -22.42 -19.63 -10.85
N TYR C 158 -22.46 -20.94 -11.10
CA TYR C 158 -23.55 -21.89 -10.71
C TYR C 158 -24.77 -21.80 -11.63
N CYS C 159 -24.83 -20.83 -12.55
CA CYS C 159 -25.96 -20.69 -13.50
C CYS C 159 -26.03 -21.89 -14.43
N ARG C 160 -27.25 -22.29 -14.80
CA ARG C 160 -27.49 -23.40 -15.76
C ARG C 160 -28.03 -22.75 -17.05
N ILE C 161 -27.40 -23.06 -18.18
CA ILE C 161 -27.82 -22.65 -19.54
C ILE C 161 -28.56 -23.84 -20.20
N GLY C 162 -29.87 -23.73 -20.36
CA GLY C 162 -30.76 -24.81 -20.81
C GLY C 162 -30.49 -25.23 -22.24
N ALA C 163 -30.87 -26.46 -22.57
CA ALA C 163 -30.71 -27.05 -23.91
C ALA C 163 -31.41 -26.15 -24.95
N HIS C 164 -30.74 -25.90 -26.09
CA HIS C 164 -31.26 -25.09 -27.21
C HIS C 164 -31.52 -23.63 -26.81
N SER C 165 -31.08 -23.18 -25.64
CA SER C 165 -31.18 -21.76 -25.22
C SER C 165 -30.22 -20.93 -26.10
N PHE C 166 -30.47 -19.65 -26.22
CA PHE C 166 -29.65 -18.70 -27.00
C PHE C 166 -29.50 -17.42 -26.18
N SER C 167 -28.29 -16.90 -26.07
CA SER C 167 -28.02 -15.60 -25.42
C SER C 167 -27.51 -14.60 -26.46
N GLY C 168 -28.09 -13.42 -26.50
CA GLY C 168 -27.63 -12.33 -27.38
C GLY C 168 -26.23 -11.87 -27.01
N MET C 169 -25.58 -11.16 -27.91
CA MET C 169 -24.18 -10.74 -27.69
C MET C 169 -24.15 -9.70 -26.56
N GLY C 170 -23.17 -9.84 -25.67
CA GLY C 170 -22.93 -8.89 -24.57
C GLY C 170 -23.90 -9.11 -23.43
N SER C 171 -24.63 -10.22 -23.47
CA SER C 171 -25.54 -10.66 -22.39
C SER C 171 -24.73 -10.95 -21.14
N ALA C 172 -25.26 -10.62 -19.97
CA ALA C 172 -24.69 -10.94 -18.64
C ALA C 172 -25.73 -11.75 -17.86
N ILE C 173 -25.51 -13.06 -17.73
CA ILE C 173 -26.52 -14.02 -17.21
C ILE C 173 -26.23 -14.23 -15.72
N GLY C 174 -27.18 -13.87 -14.84
CA GLY C 174 -27.07 -14.05 -13.37
C GLY C 174 -27.94 -15.18 -12.85
N LYS C 175 -28.99 -15.56 -13.59
CA LYS C 175 -29.97 -16.60 -13.18
C LYS C 175 -30.06 -17.66 -14.29
N ASP C 176 -30.56 -18.84 -13.96
CA ASP C 176 -30.63 -19.98 -14.91
C ASP C 176 -31.41 -19.54 -16.15
N VAL C 177 -30.99 -19.97 -17.32
CA VAL C 177 -31.78 -19.81 -18.58
C VAL C 177 -32.46 -21.14 -18.88
N PRO C 178 -33.80 -21.19 -18.88
CA PRO C 178 -34.50 -22.44 -19.21
C PRO C 178 -34.20 -22.83 -20.66
N ALA C 179 -34.31 -24.14 -20.94
CA ALA C 179 -34.14 -24.70 -22.29
C ALA C 179 -34.99 -23.89 -23.30
N TYR C 180 -34.45 -23.68 -24.50
CA TYR C 180 -35.11 -23.07 -25.68
C TYR C 180 -35.19 -21.54 -25.55
N VAL C 181 -35.06 -20.97 -24.35
CA VAL C 181 -35.32 -19.52 -24.10
C VAL C 181 -34.21 -18.65 -24.72
N THR C 182 -34.59 -17.51 -25.28
CA THR C 182 -33.67 -16.48 -25.78
C THR C 182 -33.58 -15.34 -24.76
N VAL C 183 -32.36 -14.95 -24.40
CA VAL C 183 -32.06 -13.88 -23.40
C VAL C 183 -31.08 -12.87 -24.01
N PHE C 184 -31.20 -11.59 -23.61
CA PHE C 184 -30.42 -10.46 -24.17
C PHE C 184 -30.20 -9.44 -23.05
N GLY C 185 -29.04 -8.77 -23.08
CA GLY C 185 -28.77 -7.53 -22.33
C GLY C 185 -28.06 -7.78 -21.02
N ASN C 186 -27.77 -6.69 -20.31
CA ASN C 186 -27.06 -6.67 -19.01
C ASN C 186 -27.88 -5.79 -18.07
N PRO C 187 -28.65 -6.36 -17.12
CA PRO C 187 -28.77 -7.81 -16.94
C PRO C 187 -29.65 -8.50 -17.99
N ALA C 188 -29.40 -9.79 -18.22
CA ALA C 188 -30.10 -10.63 -19.21
C ALA C 188 -31.59 -10.67 -18.90
N GLU C 189 -32.43 -10.64 -19.92
CA GLU C 189 -33.90 -10.77 -19.78
C GLU C 189 -34.43 -11.71 -20.87
N ALA C 190 -35.34 -12.60 -20.50
CA ALA C 190 -36.09 -13.49 -21.42
C ALA C 190 -36.80 -12.63 -22.48
N ARG C 191 -36.72 -13.01 -23.76
CA ARG C 191 -37.41 -12.33 -24.88
C ARG C 191 -38.41 -13.26 -25.58
N SER C 192 -37.96 -14.47 -25.96
CA SER C 192 -38.74 -15.47 -26.74
C SER C 192 -38.14 -16.87 -26.62
N MET C 193 -38.55 -17.79 -27.51
CA MET C 193 -38.02 -19.18 -27.62
C MET C 193 -37.17 -19.30 -28.88
N ASN C 194 -36.16 -20.17 -28.86
CA ASN C 194 -35.25 -20.43 -30.00
C ASN C 194 -36.00 -21.31 -31.01
N PHE C 195 -36.92 -20.71 -31.77
CA PHE C 195 -37.76 -21.39 -32.80
C PHE C 195 -36.89 -21.89 -33.95
N GLU C 196 -35.86 -21.12 -34.34
CA GLU C 196 -34.85 -21.57 -35.33
C GLU C 196 -34.27 -22.90 -34.83
N GLY C 197 -33.76 -22.93 -33.59
CA GLY C 197 -33.09 -24.12 -33.03
C GLY C 197 -33.98 -25.34 -33.08
N MET C 198 -35.30 -25.15 -32.89
CA MET C 198 -36.31 -26.23 -32.91
C MET C 198 -36.41 -26.77 -34.35
N ARG C 199 -36.42 -25.86 -35.32
CA ARG C 199 -36.51 -26.23 -36.75
C ARG C 199 -35.18 -26.85 -37.19
N ARG C 200 -34.05 -26.40 -36.64
CA ARG C 200 -32.72 -27.03 -36.89
C ARG C 200 -32.80 -28.52 -36.54
N ARG C 201 -33.48 -28.86 -35.44
CA ARG C 201 -33.51 -30.23 -34.86
C ARG C 201 -34.58 -31.09 -35.54
N GLY C 202 -35.45 -30.48 -36.35
CA GLY C 202 -36.58 -31.16 -37.01
C GLY C 202 -37.67 -31.51 -36.01
N PHE C 203 -37.97 -30.59 -35.09
CA PHE C 203 -39.11 -30.68 -34.15
C PHE C 203 -40.40 -30.66 -34.95
N SER C 204 -41.38 -31.50 -34.57
CA SER C 204 -42.78 -31.48 -35.08
C SER C 204 -43.38 -30.09 -34.85
N SER C 205 -44.19 -29.59 -35.78
CA SER C 205 -44.89 -28.28 -35.68
C SER C 205 -45.88 -28.37 -34.51
N GLU C 206 -46.28 -29.58 -34.12
CA GLU C 206 -47.00 -29.88 -32.85
C GLU C 206 -46.12 -29.44 -31.67
N ALA C 207 -44.91 -30.01 -31.57
CA ALA C 207 -43.94 -29.81 -30.45
C ALA C 207 -43.53 -28.35 -30.32
N ILE C 208 -43.43 -27.63 -31.43
CA ILE C 208 -43.05 -26.19 -31.47
C ILE C 208 -44.21 -25.34 -30.93
N HIS C 209 -45.43 -25.68 -31.35
CA HIS C 209 -46.70 -25.02 -30.92
C HIS C 209 -46.88 -25.27 -29.40
N ALA C 210 -46.65 -26.50 -28.95
CA ALA C 210 -46.71 -26.89 -27.52
C ALA C 210 -45.72 -26.05 -26.71
N LEU C 211 -44.50 -25.86 -27.23
CA LEU C 211 -43.41 -25.09 -26.58
C LEU C 211 -43.74 -23.58 -26.59
N ARG C 212 -44.21 -23.03 -27.73
CA ARG C 212 -44.73 -21.63 -27.85
C ARG C 212 -45.72 -21.36 -26.71
N ARG C 213 -46.67 -22.29 -26.47
CA ARG C 213 -47.68 -22.20 -25.38
C ARG C 213 -46.95 -22.23 -24.03
N ALA C 214 -46.08 -23.21 -23.83
CA ALA C 214 -45.33 -23.46 -22.58
C ALA C 214 -44.59 -22.19 -22.13
N TYR C 215 -44.02 -21.45 -23.07
CA TYR C 215 -43.33 -20.16 -22.82
C TYR C 215 -44.33 -19.17 -22.20
N LYS C 216 -45.53 -19.06 -22.79
CA LYS C 216 -46.58 -18.09 -22.36
C LYS C 216 -47.00 -18.42 -20.93
N VAL C 217 -47.10 -19.71 -20.60
CA VAL C 217 -47.51 -20.21 -19.26
C VAL C 217 -46.53 -19.68 -18.21
N VAL C 218 -45.24 -19.70 -18.52
CA VAL C 218 -44.14 -19.40 -17.54
C VAL C 218 -43.95 -17.88 -17.49
N TYR C 219 -43.96 -17.20 -18.64
CA TYR C 219 -43.46 -15.81 -18.80
C TYR C 219 -44.59 -14.79 -18.95
N ARG C 220 -45.70 -15.13 -19.61
CA ARG C 220 -46.67 -14.12 -20.12
C ARG C 220 -48.03 -14.20 -19.38
N GLN C 221 -48.20 -15.12 -18.42
CA GLN C 221 -49.54 -15.41 -17.83
C GLN C 221 -49.54 -15.11 -16.33
N GLY C 222 -48.59 -14.29 -15.87
CA GLY C 222 -48.51 -13.80 -14.49
C GLY C 222 -48.70 -14.90 -13.47
N HIS C 223 -48.26 -16.12 -13.76
CA HIS C 223 -48.20 -17.27 -12.80
C HIS C 223 -46.96 -17.12 -11.91
N THR C 224 -46.87 -17.96 -10.87
CA THR C 224 -45.62 -18.25 -10.13
C THR C 224 -44.99 -19.48 -10.77
N VAL C 225 -43.74 -19.77 -10.42
CA VAL C 225 -42.96 -20.93 -10.94
C VAL C 225 -43.73 -22.22 -10.57
N GLU C 226 -44.20 -22.34 -9.32
CA GLU C 226 -44.92 -23.56 -8.83
C GLU C 226 -46.22 -23.72 -9.62
N GLU C 227 -47.02 -22.66 -9.73
CA GLU C 227 -48.28 -22.64 -10.52
C GLU C 227 -47.99 -23.08 -11.97
N ALA C 228 -46.87 -22.61 -12.52
CA ALA C 228 -46.46 -22.81 -13.94
C ALA C 228 -46.06 -24.28 -14.17
N LEU C 229 -45.22 -24.82 -13.28
CA LEU C 229 -44.75 -26.23 -13.32
C LEU C 229 -45.95 -27.20 -13.41
N ALA C 230 -46.98 -26.97 -12.59
CA ALA C 230 -48.21 -27.80 -12.53
C ALA C 230 -48.98 -27.69 -13.85
N GLU C 231 -49.12 -26.47 -14.39
CA GLU C 231 -49.84 -26.20 -15.67
C GLU C 231 -49.15 -26.92 -16.83
N LEU C 232 -47.84 -27.15 -16.77
CA LEU C 232 -47.03 -27.75 -17.87
C LEU C 232 -47.05 -29.28 -17.81
N ALA C 233 -47.23 -29.87 -16.62
CA ALA C 233 -47.02 -31.31 -16.31
C ALA C 233 -47.69 -32.24 -17.32
N GLU C 234 -48.82 -31.85 -17.93
CA GLU C 234 -49.56 -32.65 -18.95
C GLU C 234 -48.90 -32.49 -20.33
N SER C 235 -48.72 -31.24 -20.78
CA SER C 235 -47.97 -30.91 -22.02
C SER C 235 -46.60 -31.61 -21.96
N ALA C 236 -45.97 -31.63 -20.78
CA ALA C 236 -44.64 -32.24 -20.51
C ALA C 236 -44.70 -33.76 -20.71
N ALA C 237 -45.74 -34.40 -20.18
CA ALA C 237 -45.96 -35.87 -20.23
C ALA C 237 -46.15 -36.34 -21.68
N GLN C 238 -46.81 -35.50 -22.51
CA GLN C 238 -47.21 -35.79 -23.92
C GLN C 238 -46.02 -35.58 -24.88
N PHE C 239 -45.27 -34.49 -24.67
CA PHE C 239 -44.15 -34.02 -25.53
C PHE C 239 -42.82 -34.10 -24.79
N PRO C 240 -41.92 -35.06 -25.12
CA PRO C 240 -40.60 -35.13 -24.50
C PRO C 240 -39.82 -33.80 -24.66
N GLU C 241 -40.11 -33.06 -25.73
CA GLU C 241 -39.51 -31.73 -26.06
C GLU C 241 -39.91 -30.73 -24.96
N VAL C 242 -41.17 -30.75 -24.54
CA VAL C 242 -41.74 -29.80 -23.51
C VAL C 242 -41.20 -30.18 -22.13
N ALA C 243 -40.94 -31.46 -21.88
CA ALA C 243 -40.42 -31.97 -20.58
C ALA C 243 -39.03 -31.35 -20.34
N VAL C 244 -38.24 -31.22 -21.41
CA VAL C 244 -36.86 -30.64 -21.34
C VAL C 244 -37.00 -29.22 -20.76
N PHE C 245 -37.98 -28.47 -21.27
CA PHE C 245 -38.30 -27.07 -20.85
C PHE C 245 -38.71 -27.07 -19.36
N ARG C 246 -39.77 -27.82 -19.04
CA ARG C 246 -40.35 -27.90 -17.68
C ARG C 246 -39.26 -28.39 -16.71
N ASP C 247 -38.45 -29.38 -17.08
CA ASP C 247 -37.38 -29.96 -16.22
C ASP C 247 -36.31 -28.90 -15.92
N SER C 248 -36.05 -28.00 -16.87
CA SER C 248 -35.02 -26.93 -16.75
C SER C 248 -35.50 -25.87 -15.75
N ILE C 249 -36.83 -25.66 -15.66
CA ILE C 249 -37.45 -24.68 -14.73
C ILE C 249 -37.44 -25.26 -13.32
N GLN C 250 -37.66 -26.56 -13.17
CA GLN C 250 -37.72 -27.22 -11.84
C GLN C 250 -36.35 -27.23 -11.19
N SER C 251 -35.33 -27.54 -11.97
CA SER C 251 -33.93 -27.65 -11.48
C SER C 251 -33.34 -26.25 -11.22
N ALA C 252 -34.06 -25.19 -11.57
CA ALA C 252 -33.67 -23.78 -11.30
C ALA C 252 -34.08 -23.40 -9.87
N THR C 253 -33.29 -23.80 -8.87
CA THR C 253 -33.58 -23.58 -7.43
C THR C 253 -33.25 -22.13 -7.03
N ARG C 254 -32.43 -21.42 -7.81
CA ARG C 254 -31.99 -20.03 -7.52
C ARG C 254 -32.67 -19.05 -8.49
N GLY C 255 -33.78 -19.46 -9.13
CA GLY C 255 -34.61 -18.61 -10.00
C GLY C 255 -34.26 -18.71 -11.48
N ILE C 256 -35.20 -18.32 -12.35
CA ILE C 256 -35.04 -18.33 -13.83
C ILE C 256 -34.81 -16.89 -14.32
N THR C 257 -34.10 -16.71 -15.43
CA THR C 257 -33.94 -15.41 -16.13
C THR C 257 -35.34 -15.01 -16.63
N ARG C 258 -35.84 -13.85 -16.20
CA ARG C 258 -37.14 -13.30 -16.62
C ARG C 258 -36.84 -12.04 -17.44
N SER D 2 16.67 -25.04 31.24
CA SER D 2 15.79 -25.82 30.29
C SER D 2 15.51 -25.05 28.99
N LEU D 3 16.39 -24.11 28.59
CA LEU D 3 16.17 -23.10 27.50
C LEU D 3 14.99 -22.16 27.87
N ILE D 4 13.82 -22.72 28.17
CA ILE D 4 12.58 -21.97 28.57
C ILE D 4 12.54 -21.85 30.09
N ASP D 5 12.77 -20.66 30.61
CA ASP D 5 12.67 -20.38 32.06
C ASP D 5 11.24 -20.65 32.50
N PRO D 6 11.03 -21.40 33.61
CA PRO D 6 9.68 -21.73 34.05
C PRO D 6 8.89 -20.54 34.62
N ARG D 7 9.54 -19.40 34.86
CA ARG D 7 8.89 -18.14 35.35
C ARG D 7 8.26 -17.41 34.15
N ALA D 8 8.64 -17.75 32.91
CA ALA D 8 7.97 -17.27 31.68
C ALA D 8 6.54 -17.83 31.61
N ILE D 9 5.63 -17.09 30.97
CA ILE D 9 4.26 -17.57 30.59
C ILE D 9 4.24 -17.83 29.08
N ILE D 10 4.18 -19.10 28.68
CA ILE D 10 4.11 -19.58 27.27
C ILE D 10 2.68 -20.06 27.00
N ASP D 11 1.94 -19.35 26.15
CA ASP D 11 0.54 -19.68 25.77
C ASP D 11 0.51 -21.06 25.12
N PRO D 12 -0.51 -21.90 25.43
CA PRO D 12 -0.68 -23.17 24.74
C PRO D 12 -0.64 -23.06 23.21
N SER D 13 -1.12 -21.94 22.62
CA SER D 13 -1.25 -21.73 21.15
C SER D 13 0.05 -21.17 20.53
N ALA D 14 0.98 -20.69 21.36
CA ALA D 14 2.32 -20.20 20.92
C ALA D 14 3.16 -21.39 20.45
N ARG D 15 3.96 -21.22 19.39
CA ARG D 15 4.85 -22.27 18.84
C ARG D 15 6.31 -21.81 18.98
N LEU D 16 7.14 -22.61 19.67
CA LEU D 16 8.59 -22.38 19.84
C LEU D 16 9.34 -23.44 19.05
N ALA D 17 10.34 -23.06 18.25
CA ALA D 17 11.20 -23.97 17.48
C ALA D 17 12.36 -24.46 18.35
N ALA D 18 13.25 -25.28 17.78
CA ALA D 18 14.46 -25.83 18.44
C ALA D 18 15.37 -24.66 18.88
N ASP D 19 15.89 -24.73 20.11
CA ASP D 19 16.97 -23.86 20.67
C ASP D 19 16.43 -22.45 20.98
N VAL D 20 15.11 -22.27 21.12
CA VAL D 20 14.54 -20.98 21.59
C VAL D 20 14.78 -20.87 23.10
N GLN D 21 15.31 -19.72 23.53
CA GLN D 21 15.44 -19.35 24.96
C GLN D 21 14.37 -18.30 25.30
N VAL D 22 13.65 -18.49 26.38
CA VAL D 22 12.71 -17.48 26.94
C VAL D 22 13.14 -17.24 28.39
N GLY D 23 13.64 -16.05 28.67
CA GLY D 23 14.11 -15.66 30.01
C GLY D 23 12.96 -15.50 31.00
N PRO D 24 13.28 -15.30 32.30
CA PRO D 24 12.26 -15.22 33.33
C PRO D 24 11.32 -14.01 33.15
N TRP D 25 10.06 -14.20 33.57
CA TRP D 25 8.99 -13.16 33.63
C TRP D 25 8.72 -12.57 32.23
N SER D 26 9.04 -13.32 31.17
CA SER D 26 8.61 -13.02 29.77
C SER D 26 7.25 -13.66 29.45
N ILE D 27 6.43 -13.02 28.63
CA ILE D 27 5.14 -13.53 28.10
C ILE D 27 5.29 -13.80 26.60
N VAL D 28 5.10 -15.05 26.19
CA VAL D 28 4.92 -15.41 24.75
C VAL D 28 3.43 -15.71 24.56
N GLY D 29 2.67 -14.72 24.11
CA GLY D 29 1.19 -14.74 24.04
C GLY D 29 0.66 -15.65 22.94
N ALA D 30 -0.67 -15.75 22.85
CA ALA D 30 -1.39 -16.60 21.87
C ALA D 30 -1.04 -16.16 20.44
N GLU D 31 -0.84 -17.14 19.55
CA GLU D 31 -0.58 -17.00 18.09
C GLU D 31 0.78 -16.35 17.86
N VAL D 32 1.72 -16.48 18.82
CA VAL D 32 3.12 -16.02 18.64
C VAL D 32 3.97 -17.22 18.28
N GLU D 33 4.71 -17.15 17.17
CA GLU D 33 5.57 -18.24 16.66
C GLU D 33 7.02 -17.73 16.66
N ILE D 34 7.92 -18.49 17.27
CA ILE D 34 9.35 -18.09 17.43
C ILE D 34 10.24 -19.14 16.77
N GLY D 35 11.03 -18.70 15.78
CA GLY D 35 11.92 -19.54 14.95
C GLY D 35 13.17 -19.98 15.66
N GLU D 36 13.92 -20.88 15.01
CA GLU D 36 15.08 -21.63 15.58
C GLU D 36 16.06 -20.63 16.20
N GLY D 37 16.55 -20.91 17.40
CA GLY D 37 17.75 -20.27 17.99
C GLY D 37 17.51 -18.83 18.47
N THR D 38 16.26 -18.35 18.46
CA THR D 38 15.89 -16.98 18.89
C THR D 38 16.01 -16.92 20.42
N VAL D 39 16.74 -15.93 20.92
CA VAL D 39 16.86 -15.65 22.38
C VAL D 39 15.89 -14.53 22.75
N ILE D 40 14.86 -14.84 23.52
CA ILE D 40 14.00 -13.85 24.23
C ILE D 40 14.64 -13.62 25.61
N GLY D 41 15.04 -12.38 25.91
CA GLY D 41 15.52 -11.93 27.24
C GLY D 41 14.40 -11.97 28.27
N PRO D 42 14.69 -11.59 29.53
CA PRO D 42 13.64 -11.50 30.56
C PRO D 42 12.78 -10.24 30.44
N HIS D 43 11.60 -10.22 31.06
CA HIS D 43 10.69 -9.05 31.14
C HIS D 43 10.29 -8.62 29.72
N VAL D 44 10.13 -9.58 28.80
CA VAL D 44 9.70 -9.32 27.39
C VAL D 44 8.22 -9.68 27.24
N VAL D 45 7.43 -8.82 26.59
CA VAL D 45 6.01 -9.07 26.24
C VAL D 45 5.89 -9.22 24.72
N LEU D 46 5.70 -10.46 24.23
CA LEU D 46 5.37 -10.81 22.82
C LEU D 46 3.86 -11.05 22.73
N LYS D 47 3.23 -10.42 21.75
CA LYS D 47 1.77 -10.54 21.53
C LYS D 47 1.60 -10.87 20.05
N GLY D 48 0.57 -11.63 19.70
CA GLY D 48 0.30 -12.04 18.32
C GLY D 48 -1.03 -11.50 17.81
N PRO D 49 -1.48 -11.90 16.59
CA PRO D 49 -0.74 -12.81 15.72
C PRO D 49 0.60 -12.26 15.20
N THR D 50 1.69 -12.89 15.65
CA THR D 50 3.09 -12.48 15.37
C THR D 50 3.92 -13.71 14.98
N LYS D 51 4.76 -13.59 13.97
CA LYS D 51 5.75 -14.62 13.55
C LYS D 51 7.16 -14.01 13.61
N ILE D 52 8.06 -14.59 14.41
CA ILE D 52 9.49 -14.18 14.55
C ILE D 52 10.36 -15.29 13.99
N GLY D 53 11.33 -14.96 13.13
CA GLY D 53 12.25 -15.91 12.50
C GLY D 53 13.36 -16.45 13.41
N LYS D 54 14.53 -16.70 12.85
CA LYS D 54 15.62 -17.50 13.47
C LYS D 54 16.73 -16.58 13.97
N HIS D 55 17.33 -16.95 15.11
CA HIS D 55 18.60 -16.40 15.65
C HIS D 55 18.43 -14.91 15.96
N ASN D 56 17.23 -14.50 16.33
CA ASN D 56 16.92 -13.12 16.79
C ASN D 56 17.29 -13.01 18.26
N ARG D 57 17.53 -11.77 18.70
CA ARG D 57 17.80 -11.45 20.13
C ARG D 57 16.86 -10.30 20.49
N ILE D 58 16.01 -10.50 21.51
CA ILE D 58 15.04 -9.48 22.01
C ILE D 58 15.29 -9.25 23.50
N TYR D 59 15.67 -8.03 23.85
CA TYR D 59 16.14 -7.64 25.20
C TYR D 59 14.94 -7.20 26.04
N GLN D 60 15.17 -7.22 27.36
CA GLN D 60 14.23 -6.92 28.46
C GLN D 60 13.42 -5.66 28.16
N PHE D 61 12.17 -5.63 28.64
CA PHE D 61 11.24 -4.46 28.71
C PHE D 61 10.68 -4.13 27.30
N SER D 62 11.02 -4.91 26.29
CA SER D 62 10.48 -4.78 24.91
C SER D 62 9.03 -5.26 24.84
N SER D 63 8.22 -4.58 24.01
CA SER D 63 6.79 -4.92 23.74
C SER D 63 6.63 -5.13 22.23
N VAL D 64 6.69 -6.38 21.79
CA VAL D 64 6.75 -6.78 20.36
C VAL D 64 5.43 -7.49 20.00
N GLY D 65 4.62 -6.84 19.15
CA GLY D 65 3.34 -7.38 18.64
C GLY D 65 2.15 -6.77 19.34
N GLU D 66 2.28 -5.61 19.97
CA GLU D 66 1.12 -4.93 20.61
C GLU D 66 0.25 -4.25 19.55
N ASP D 67 -0.98 -3.91 19.93
CA ASP D 67 -1.91 -3.11 19.08
C ASP D 67 -1.50 -1.64 19.14
N THR D 68 -1.58 -0.92 18.03
CA THR D 68 -1.44 0.55 18.03
C THR D 68 -2.53 1.10 18.92
N PRO D 69 -2.24 2.13 19.74
CA PRO D 69 -3.22 2.64 20.70
C PRO D 69 -4.36 3.48 20.10
N ASP D 70 -4.16 4.03 18.92
CA ASP D 70 -5.22 4.83 18.26
C ASP D 70 -6.43 3.94 17.93
N LEU D 71 -7.46 3.96 18.78
CA LEU D 71 -8.66 3.10 18.57
C LEU D 71 -9.36 3.52 17.29
N LYS D 72 -8.87 4.56 16.60
CA LYS D 72 -9.45 4.94 15.28
C LYS D 72 -8.96 3.89 14.30
N TYR D 73 -7.96 3.13 14.70
CA TYR D 73 -7.35 2.08 13.84
C TYR D 73 -7.79 0.69 14.29
N LYS D 74 -8.79 0.62 15.17
CA LYS D 74 -9.33 -0.64 15.76
C LYS D 74 -9.80 -1.55 14.63
N GLY D 75 -9.72 -2.87 14.86
CA GLY D 75 -9.95 -3.91 13.83
C GLY D 75 -8.98 -5.05 14.01
N GLU D 76 -9.19 -6.16 13.29
CA GLU D 76 -8.48 -7.44 13.49
C GLU D 76 -8.89 -8.42 12.38
N PRO D 77 -8.08 -9.44 12.03
CA PRO D 77 -6.80 -9.68 12.68
C PRO D 77 -5.69 -8.90 11.97
N THR D 78 -4.65 -8.51 12.71
CA THR D 78 -3.46 -7.80 12.16
C THR D 78 -2.20 -8.53 12.64
N ARG D 79 -1.14 -8.46 11.85
CA ARG D 79 0.04 -9.34 11.97
C ARG D 79 1.28 -8.49 12.22
N LEU D 80 2.32 -9.15 12.74
CA LEU D 80 3.71 -8.63 12.76
C LEU D 80 4.59 -9.79 12.31
N VAL D 81 5.45 -9.56 11.32
CA VAL D 81 6.42 -10.56 10.80
C VAL D 81 7.83 -10.00 11.01
N ILE D 82 8.64 -10.66 11.83
CA ILE D 82 10.09 -10.35 12.00
C ILE D 82 10.87 -11.50 11.34
N GLY D 83 11.92 -11.16 10.59
CA GLY D 83 12.81 -12.10 9.88
C GLY D 83 13.88 -12.69 10.79
N ASP D 84 15.09 -12.85 10.26
CA ASP D 84 16.20 -13.61 10.90
C ASP D 84 17.34 -12.67 11.34
N HIS D 85 18.06 -13.02 12.41
CA HIS D 85 19.33 -12.40 12.87
C HIS D 85 19.13 -10.93 13.26
N ASN D 86 17.97 -10.57 13.81
CA ASN D 86 17.66 -9.19 14.24
C ASN D 86 18.01 -9.08 15.73
N VAL D 87 18.57 -7.94 16.12
CA VAL D 87 18.81 -7.56 17.54
C VAL D 87 17.83 -6.42 17.87
N ILE D 88 16.91 -6.69 18.76
CA ILE D 88 15.92 -5.71 19.31
C ILE D 88 16.26 -5.47 20.79
N ARG D 89 16.63 -4.22 21.10
CA ARG D 89 17.32 -3.84 22.36
C ARG D 89 16.27 -3.49 23.42
N GLU D 90 16.71 -2.86 24.50
CA GLU D 90 15.89 -2.66 25.73
C GLU D 90 14.70 -1.75 25.39
N GLY D 91 13.49 -2.18 25.71
CA GLY D 91 12.32 -1.30 25.82
C GLY D 91 11.78 -0.87 24.47
N VAL D 92 12.16 -1.58 23.41
CA VAL D 92 11.65 -1.35 22.04
C VAL D 92 10.15 -1.68 22.00
N THR D 93 9.36 -0.90 21.26
CA THR D 93 7.92 -1.16 21.02
C THR D 93 7.75 -1.41 19.53
N ILE D 94 7.16 -2.54 19.16
CA ILE D 94 6.85 -2.94 17.75
C ILE D 94 5.36 -3.27 17.71
N HIS D 95 4.57 -2.44 17.01
CA HIS D 95 3.11 -2.59 16.91
C HIS D 95 2.77 -3.37 15.64
N ARG D 96 1.73 -4.19 15.71
CA ARG D 96 1.17 -4.96 14.55
C ARG D 96 0.54 -3.96 13.57
N GLY D 97 0.31 -4.42 12.34
CA GLY D 97 -0.35 -3.62 11.27
C GLY D 97 -1.80 -3.27 11.57
N THR D 98 -2.45 -2.57 10.64
CA THR D 98 -3.87 -2.16 10.75
C THR D 98 -4.62 -2.58 9.49
N VAL D 99 -5.91 -2.90 9.64
CA VAL D 99 -6.84 -3.28 8.52
C VAL D 99 -7.00 -2.11 7.52
N GLN D 100 -6.76 -0.86 7.95
CA GLN D 100 -6.89 0.37 7.10
C GLN D 100 -5.67 0.52 6.18
N ASP D 101 -4.74 -0.45 6.16
CA ASP D 101 -3.54 -0.42 5.28
C ASP D 101 -3.12 -1.86 4.96
N ARG D 102 -1.99 -2.32 5.52
CA ARG D 102 -1.32 -3.61 5.16
C ARG D 102 -1.83 -4.78 6.01
N ALA D 103 -2.35 -4.50 7.21
CA ALA D 103 -2.70 -5.50 8.26
C ALA D 103 -1.46 -6.29 8.70
N GLU D 104 -0.25 -5.76 8.41
CA GLU D 104 1.06 -6.38 8.77
C GLU D 104 2.14 -5.29 8.96
N THR D 105 2.84 -5.33 10.09
CA THR D 105 4.17 -4.70 10.26
C THR D 105 5.23 -5.74 9.88
N THR D 106 6.20 -5.39 9.04
CA THR D 106 7.19 -6.35 8.49
C THR D 106 8.59 -5.85 8.81
N ILE D 107 9.43 -6.71 9.40
CA ILE D 107 10.89 -6.48 9.57
C ILE D 107 11.61 -7.64 8.88
N GLY D 108 12.61 -7.33 8.05
CA GLY D 108 13.47 -8.31 7.36
C GLY D 108 14.53 -8.87 8.29
N ASP D 109 15.77 -8.97 7.80
CA ASP D 109 16.88 -9.70 8.43
C ASP D 109 18.00 -8.74 8.80
N HIS D 110 18.82 -9.10 9.79
CA HIS D 110 20.12 -8.46 10.12
C HIS D 110 19.94 -6.97 10.50
N ASN D 111 18.81 -6.63 11.11
CA ASN D 111 18.54 -5.26 11.60
C ASN D 111 18.96 -5.11 13.08
N LEU D 112 19.52 -3.96 13.43
CA LEU D 112 19.78 -3.53 14.82
C LEU D 112 18.78 -2.43 15.20
N ILE D 113 17.94 -2.67 16.19
CA ILE D 113 16.90 -1.72 16.68
C ILE D 113 17.23 -1.42 18.13
N MET D 114 17.80 -0.24 18.39
CA MET D 114 18.44 0.08 19.68
C MET D 114 17.38 0.56 20.67
N ALA D 115 17.78 0.82 21.92
CA ALA D 115 16.92 0.96 23.10
C ALA D 115 15.81 1.98 22.84
N TYR D 116 14.57 1.58 23.06
CA TYR D 116 13.37 2.44 23.18
C TYR D 116 12.98 3.01 21.81
N ALA D 117 13.49 2.42 20.73
CA ALA D 117 13.04 2.68 19.35
C ALA D 117 11.58 2.23 19.23
N HIS D 118 10.77 2.97 18.46
CA HIS D 118 9.34 2.65 18.22
C HIS D 118 9.13 2.37 16.73
N ILE D 119 8.54 1.22 16.40
CA ILE D 119 8.19 0.83 15.01
C ILE D 119 6.67 0.77 14.92
N GLY D 120 6.06 1.82 14.38
CA GLY D 120 4.60 1.99 14.36
C GLY D 120 3.92 1.05 13.37
N HIS D 121 2.61 0.86 13.55
CA HIS D 121 1.73 0.00 12.73
C HIS D 121 2.04 0.15 11.25
N ASP D 122 2.19 -0.99 10.55
CA ASP D 122 2.22 -1.08 9.07
C ASP D 122 3.58 -0.60 8.51
N SER D 123 4.54 -0.30 9.38
CA SER D 123 5.91 0.04 8.93
C SER D 123 6.55 -1.19 8.29
N VAL D 124 7.46 -0.96 7.35
CA VAL D 124 8.23 -2.02 6.63
C VAL D 124 9.71 -1.67 6.78
N ILE D 125 10.46 -2.54 7.43
CA ILE D 125 11.93 -2.37 7.55
C ILE D 125 12.50 -3.59 6.85
N GLY D 126 13.40 -3.37 5.92
CA GLY D 126 14.02 -4.48 5.20
C GLY D 126 15.17 -5.10 5.94
N ASN D 127 16.36 -4.94 5.38
CA ASN D 127 17.51 -5.66 5.95
C ASN D 127 18.75 -4.81 6.24
N HIS D 128 19.50 -5.17 7.27
CA HIS D 128 20.83 -4.58 7.59
C HIS D 128 20.67 -3.12 8.01
N CYS D 129 19.47 -2.75 8.49
CA CYS D 129 19.12 -1.38 8.93
C CYS D 129 19.58 -1.19 10.39
N ILE D 130 19.92 0.04 10.77
CA ILE D 130 20.25 0.43 12.16
C ILE D 130 19.28 1.55 12.56
N LEU D 131 18.41 1.30 13.53
CA LEU D 131 17.61 2.34 14.23
C LEU D 131 18.27 2.56 15.59
N VAL D 132 18.91 3.72 15.77
CA VAL D 132 19.61 4.11 17.02
C VAL D 132 18.55 4.52 18.06
N ASN D 133 18.93 4.49 19.34
CA ASN D 133 18.07 4.75 20.53
C ASN D 133 16.93 5.72 20.20
N ASN D 134 15.69 5.31 20.47
CA ASN D 134 14.50 6.20 20.58
C ASN D 134 14.11 6.74 19.17
N THR D 135 14.60 6.13 18.10
CA THR D 135 14.07 6.35 16.72
C THR D 135 12.61 5.91 16.69
N ALA D 136 11.71 6.77 16.21
CA ALA D 136 10.24 6.54 16.22
C ALA D 136 9.73 6.58 14.78
N LEU D 137 9.27 5.44 14.26
CA LEU D 137 8.52 5.37 12.99
C LEU D 137 7.03 5.47 13.32
N ALA D 138 6.39 6.60 13.01
CA ALA D 138 4.99 6.92 13.38
C ALA D 138 4.03 5.81 12.92
N GLY D 139 4.12 5.40 11.67
CA GLY D 139 3.25 4.37 11.07
C GLY D 139 3.38 4.40 9.56
N HIS D 140 3.20 3.25 8.90
CA HIS D 140 3.25 3.10 7.42
C HIS D 140 4.62 3.57 6.90
N VAL D 141 5.67 3.50 7.72
CA VAL D 141 7.03 3.97 7.30
C VAL D 141 7.76 2.82 6.63
N HIS D 142 8.42 3.07 5.49
CA HIS D 142 9.21 2.06 4.75
C HIS D 142 10.69 2.43 4.89
N VAL D 143 11.47 1.62 5.59
CA VAL D 143 12.94 1.76 5.67
C VAL D 143 13.57 0.67 4.79
N ASP D 144 14.25 1.10 3.73
CA ASP D 144 14.93 0.19 2.77
C ASP D 144 16.31 -0.19 3.34
N ASP D 145 16.99 -1.15 2.69
CA ASP D 145 18.17 -1.88 3.20
C ASP D 145 19.28 -0.90 3.55
N TRP D 146 19.97 -1.13 4.66
CA TRP D 146 21.25 -0.47 5.04
C TRP D 146 21.01 0.97 5.51
N ALA D 147 19.75 1.42 5.61
CA ALA D 147 19.44 2.79 6.12
C ALA D 147 19.82 2.86 7.61
N ILE D 148 20.45 3.96 8.02
CA ILE D 148 20.77 4.27 9.45
C ILE D 148 19.93 5.47 9.85
N LEU D 149 19.09 5.31 10.87
CA LEU D 149 18.34 6.40 11.55
C LEU D 149 18.94 6.60 12.94
N SER D 150 19.62 7.72 13.15
CA SER D 150 20.41 7.99 14.38
C SER D 150 19.46 8.35 15.50
N GLY D 151 20.02 8.46 16.71
CA GLY D 151 19.24 8.60 17.95
C GLY D 151 18.15 9.64 17.81
N TYR D 152 16.95 9.34 18.28
CA TYR D 152 15.81 10.30 18.43
C TYR D 152 15.44 10.91 17.06
N THR D 153 15.68 10.16 16.00
CA THR D 153 15.08 10.44 14.66
C THR D 153 13.59 10.11 14.69
N LEU D 154 12.73 11.12 14.50
CA LEU D 154 11.27 10.95 14.33
C LEU D 154 10.95 10.88 12.82
N VAL D 155 10.16 9.92 12.39
CA VAL D 155 9.68 9.80 10.98
C VAL D 155 8.14 9.90 10.94
N HIS D 156 7.62 10.87 10.19
CA HIS D 156 6.16 11.10 10.00
C HIS D 156 5.55 9.89 9.28
N GLN D 157 4.24 9.72 9.42
CA GLN D 157 3.49 8.61 8.78
C GLN D 157 3.74 8.67 7.27
N TYR D 158 3.99 7.51 6.66
CA TYR D 158 4.00 7.23 5.20
C TYR D 158 5.33 7.62 4.55
N CYS D 159 6.24 8.26 5.28
CA CYS D 159 7.56 8.66 4.72
C CYS D 159 8.36 7.40 4.40
N ARG D 160 9.21 7.49 3.38
CA ARG D 160 10.03 6.36 2.87
C ARG D 160 11.50 6.72 3.13
N ILE D 161 12.21 5.86 3.86
CA ILE D 161 13.67 6.03 4.14
C ILE D 161 14.45 5.15 3.14
N GLY D 162 15.13 5.80 2.19
CA GLY D 162 15.84 5.14 1.08
C GLY D 162 17.03 4.32 1.55
N ALA D 163 17.50 3.40 0.72
CA ALA D 163 18.58 2.45 1.07
C ALA D 163 19.89 3.21 1.26
N HIS D 164 20.67 2.79 2.27
CA HIS D 164 21.99 3.38 2.62
C HIS D 164 21.83 4.85 3.01
N SER D 165 20.62 5.34 3.28
CA SER D 165 20.42 6.74 3.72
C SER D 165 20.85 6.87 5.20
N PHE D 166 21.21 8.09 5.61
CA PHE D 166 21.63 8.44 6.98
C PHE D 166 20.83 9.65 7.50
N SER D 167 20.23 9.53 8.67
CA SER D 167 19.55 10.65 9.36
C SER D 167 20.32 10.99 10.65
N GLY D 168 20.68 12.26 10.81
CA GLY D 168 21.41 12.76 11.98
C GLY D 168 20.55 12.66 13.21
N MET D 169 21.17 12.65 14.39
CA MET D 169 20.42 12.48 15.66
C MET D 169 19.59 13.73 15.89
N GLY D 170 18.36 13.55 16.38
CA GLY D 170 17.38 14.61 16.60
C GLY D 170 16.67 15.03 15.30
N SER D 171 16.92 14.31 14.20
CA SER D 171 16.28 14.60 12.89
C SER D 171 14.77 14.34 12.97
N ALA D 172 13.95 15.23 12.41
CA ALA D 172 12.48 15.06 12.25
C ALA D 172 12.16 15.05 10.75
N ILE D 173 11.84 13.88 10.19
CA ILE D 173 11.62 13.63 8.74
C ILE D 173 10.12 13.71 8.45
N GLY D 174 9.71 14.63 7.57
CA GLY D 174 8.32 14.80 7.11
C GLY D 174 8.12 14.43 5.64
N LYS D 175 9.20 14.30 4.88
CA LYS D 175 9.19 13.96 3.43
C LYS D 175 10.19 12.82 3.19
N ASP D 176 10.00 12.09 2.10
CA ASP D 176 10.82 10.89 1.73
C ASP D 176 12.29 11.26 1.77
N VAL D 177 13.12 10.33 2.25
CA VAL D 177 14.60 10.48 2.21
C VAL D 177 15.12 9.62 1.06
N PRO D 178 15.61 10.22 -0.04
CA PRO D 178 16.16 9.42 -1.12
C PRO D 178 17.29 8.50 -0.63
N ALA D 179 17.51 7.39 -1.32
CA ALA D 179 18.64 6.45 -1.09
C ALA D 179 19.97 7.22 -1.04
N TYR D 180 20.82 6.84 -0.09
CA TYR D 180 22.21 7.32 0.07
C TYR D 180 22.27 8.72 0.69
N VAL D 181 21.16 9.43 0.83
CA VAL D 181 21.18 10.87 1.25
C VAL D 181 21.39 10.97 2.78
N THR D 182 22.17 11.97 3.22
CA THR D 182 22.32 12.39 4.64
C THR D 182 21.37 13.57 4.89
N VAL D 183 20.57 13.49 5.96
CA VAL D 183 19.59 14.53 6.37
C VAL D 183 19.80 14.84 7.86
N PHE D 184 19.55 16.09 8.25
CA PHE D 184 19.80 16.64 9.61
C PHE D 184 18.75 17.70 9.94
N GLY D 185 18.30 17.74 11.20
CA GLY D 185 17.54 18.87 11.75
C GLY D 185 16.05 18.62 11.80
N ASN D 186 15.33 19.47 12.52
CA ASN D 186 13.85 19.47 12.62
C ASN D 186 13.38 20.86 12.18
N PRO D 187 12.81 21.00 10.97
CA PRO D 187 12.58 19.89 10.04
C PRO D 187 13.84 19.44 9.29
N ALA D 188 13.86 18.20 8.83
CA ALA D 188 15.03 17.54 8.21
C ALA D 188 15.38 18.22 6.89
N GLU D 189 16.69 18.38 6.63
CA GLU D 189 17.27 18.98 5.40
C GLU D 189 18.32 18.04 4.84
N ALA D 190 18.31 17.83 3.53
CA ALA D 190 19.35 17.07 2.79
C ALA D 190 20.64 17.87 2.91
N ARG D 191 21.76 17.18 3.18
CA ARG D 191 23.09 17.82 3.33
C ARG D 191 24.04 17.29 2.27
N SER D 192 24.24 15.97 2.21
CA SER D 192 25.16 15.28 1.27
C SER D 192 24.68 13.84 1.02
N MET D 193 25.61 12.93 0.68
CA MET D 193 25.36 11.48 0.50
C MET D 193 26.26 10.70 1.47
N ASN D 194 25.75 9.56 1.96
CA ASN D 194 26.45 8.66 2.92
C ASN D 194 27.59 7.96 2.17
N PHE D 195 28.65 8.70 1.84
CA PHE D 195 29.84 8.22 1.09
C PHE D 195 30.58 7.17 1.92
N GLU D 196 30.65 7.36 3.25
CA GLU D 196 31.33 6.44 4.20
C GLU D 196 30.67 5.05 4.09
N GLY D 197 29.34 5.01 4.20
CA GLY D 197 28.53 3.79 3.98
C GLY D 197 28.92 3.09 2.68
N MET D 198 29.02 3.85 1.57
CA MET D 198 29.34 3.31 0.21
C MET D 198 30.72 2.63 0.25
N ARG D 199 31.72 3.24 0.88
CA ARG D 199 33.11 2.70 0.90
C ARG D 199 33.13 1.47 1.80
N ARG D 200 32.34 1.47 2.87
CA ARG D 200 32.23 0.31 3.81
C ARG D 200 31.45 -0.84 3.14
N ARG D 201 30.60 -0.54 2.15
CA ARG D 201 29.88 -1.56 1.34
C ARG D 201 30.82 -2.18 0.29
N GLY D 202 31.88 -1.45 -0.09
CA GLY D 202 32.80 -1.84 -1.17
C GLY D 202 32.22 -1.49 -2.55
N PHE D 203 31.48 -0.40 -2.64
CA PHE D 203 31.09 0.28 -3.92
C PHE D 203 32.38 0.70 -4.64
N SER D 204 32.41 0.55 -5.97
CA SER D 204 33.50 1.04 -6.85
C SER D 204 33.54 2.58 -6.81
N SER D 205 34.70 3.17 -7.08
CA SER D 205 34.90 4.65 -7.21
C SER D 205 33.96 5.21 -8.27
N GLU D 206 33.82 4.51 -9.39
CA GLU D 206 33.05 4.96 -10.59
C GLU D 206 31.54 4.91 -10.29
N ALA D 207 31.13 4.08 -9.31
CA ALA D 207 29.75 4.02 -8.77
C ALA D 207 29.52 5.20 -7.81
N ILE D 208 30.54 5.56 -7.03
CA ILE D 208 30.48 6.64 -5.99
C ILE D 208 30.43 8.00 -6.69
N HIS D 209 31.31 8.24 -7.67
CA HIS D 209 31.34 9.49 -8.49
C HIS D 209 29.97 9.67 -9.16
N ALA D 210 29.44 8.60 -9.75
CA ALA D 210 28.13 8.60 -10.46
C ALA D 210 27.02 9.05 -9.50
N LEU D 211 27.07 8.57 -8.25
CA LEU D 211 26.08 8.95 -7.20
C LEU D 211 26.33 10.39 -6.76
N ARG D 212 27.59 10.80 -6.59
CA ARG D 212 27.90 12.21 -6.27
C ARG D 212 27.24 13.09 -7.33
N ARG D 213 27.44 12.75 -8.62
CA ARG D 213 26.96 13.57 -9.77
C ARG D 213 25.43 13.55 -9.75
N ALA D 214 24.82 12.40 -9.43
CA ALA D 214 23.35 12.22 -9.36
C ALA D 214 22.75 13.14 -8.29
N TYR D 215 23.42 13.28 -7.13
CA TYR D 215 22.98 14.15 -6.02
C TYR D 215 22.83 15.58 -6.55
N LYS D 216 23.87 16.09 -7.20
CA LYS D 216 23.91 17.45 -7.81
C LYS D 216 22.73 17.61 -8.79
N VAL D 217 22.39 16.60 -9.59
CA VAL D 217 21.30 16.67 -10.61
C VAL D 217 19.96 16.92 -9.89
N VAL D 218 19.71 16.26 -8.78
CA VAL D 218 18.40 16.34 -8.07
C VAL D 218 18.31 17.66 -7.28
N TYR D 219 19.41 18.10 -6.66
CA TYR D 219 19.37 19.01 -5.49
C TYR D 219 19.95 20.39 -5.77
N ARG D 220 20.84 20.52 -6.76
CA ARG D 220 21.73 21.70 -6.88
C ARG D 220 21.68 22.40 -8.26
N GLN D 221 20.86 21.95 -9.21
CA GLN D 221 20.91 22.43 -10.62
C GLN D 221 19.58 23.06 -11.05
N GLY D 222 18.63 23.22 -10.13
CA GLY D 222 17.35 23.89 -10.41
C GLY D 222 16.28 22.99 -11.02
N HIS D 223 16.63 21.76 -11.43
CA HIS D 223 15.70 20.82 -12.12
C HIS D 223 14.46 20.57 -11.26
N THR D 224 13.29 20.33 -11.87
CA THR D 224 12.13 19.69 -11.19
C THR D 224 12.45 18.22 -10.94
N VAL D 225 11.55 17.52 -10.24
CA VAL D 225 11.65 16.03 -9.99
C VAL D 225 11.57 15.33 -11.36
N GLU D 226 10.53 15.62 -12.15
CA GLU D 226 10.24 14.99 -13.46
C GLU D 226 11.50 15.08 -14.34
N GLU D 227 12.09 16.28 -14.42
CA GLU D 227 13.29 16.58 -15.25
C GLU D 227 14.52 15.85 -14.69
N ALA D 228 14.71 15.91 -13.37
CA ALA D 228 15.84 15.28 -12.67
C ALA D 228 15.83 13.78 -12.97
N LEU D 229 14.69 13.12 -12.79
CA LEU D 229 14.46 11.65 -12.99
C LEU D 229 14.80 11.25 -14.44
N ALA D 230 14.48 12.11 -15.42
CA ALA D 230 14.70 11.89 -16.86
C ALA D 230 16.21 12.02 -17.19
N GLU D 231 16.91 12.97 -16.57
CA GLU D 231 18.37 13.17 -16.78
C GLU D 231 19.16 11.98 -16.19
N LEU D 232 18.60 11.31 -15.17
CA LEU D 232 19.28 10.21 -14.44
C LEU D 232 19.00 8.86 -15.12
N ALA D 233 18.07 8.82 -16.08
CA ALA D 233 17.67 7.58 -16.80
C ALA D 233 18.93 6.87 -17.35
N GLU D 234 19.90 7.64 -17.88
CA GLU D 234 21.11 7.10 -18.56
C GLU D 234 22.05 6.46 -17.53
N SER D 235 22.42 7.19 -16.47
CA SER D 235 23.31 6.71 -15.38
C SER D 235 22.65 5.55 -14.63
N ALA D 236 21.32 5.60 -14.44
CA ALA D 236 20.49 4.53 -13.83
C ALA D 236 20.64 3.24 -14.64
N ALA D 237 20.58 3.31 -15.98
CA ALA D 237 20.68 2.14 -16.88
C ALA D 237 22.09 1.51 -16.80
N GLN D 238 23.12 2.34 -16.59
CA GLN D 238 24.55 1.92 -16.53
C GLN D 238 24.88 1.39 -15.13
N PHE D 239 24.53 2.15 -14.08
CA PHE D 239 24.88 1.88 -12.65
C PHE D 239 23.65 1.45 -11.85
N PRO D 240 23.58 0.19 -11.38
CA PRO D 240 22.48 -0.23 -10.52
C PRO D 240 22.40 0.66 -9.27
N GLU D 241 23.56 1.15 -8.79
CA GLU D 241 23.68 2.05 -7.61
C GLU D 241 22.85 3.30 -7.84
N VAL D 242 22.97 3.91 -9.02
CA VAL D 242 22.25 5.17 -9.38
C VAL D 242 20.78 4.82 -9.62
N ALA D 243 20.51 3.59 -10.05
CA ALA D 243 19.13 3.10 -10.31
C ALA D 243 18.35 3.10 -8.99
N VAL D 244 19.02 2.67 -7.91
CA VAL D 244 18.47 2.68 -6.52
C VAL D 244 18.14 4.13 -6.15
N PHE D 245 19.03 5.06 -6.47
CA PHE D 245 18.85 6.52 -6.18
C PHE D 245 17.66 7.05 -6.97
N ARG D 246 17.59 6.83 -8.29
CA ARG D 246 16.46 7.30 -9.14
C ARG D 246 15.15 6.61 -8.71
N ASP D 247 15.23 5.31 -8.41
CA ASP D 247 14.07 4.50 -7.97
C ASP D 247 13.47 5.11 -6.69
N SER D 248 14.30 5.61 -5.77
CA SER D 248 13.82 6.17 -4.47
C SER D 248 13.16 7.53 -4.74
N ILE D 249 13.73 8.32 -5.66
CA ILE D 249 13.13 9.62 -6.09
C ILE D 249 11.84 9.33 -6.89
N GLN D 250 11.85 8.28 -7.73
CA GLN D 250 10.67 7.79 -8.49
C GLN D 250 9.48 7.66 -7.52
N SER D 251 9.65 6.85 -6.47
CA SER D 251 8.55 6.40 -5.57
C SER D 251 8.15 7.52 -4.58
N ALA D 252 8.71 8.72 -4.70
CA ALA D 252 8.40 9.87 -3.83
C ALA D 252 7.27 10.71 -4.44
N THR D 253 6.02 10.30 -4.21
CA THR D 253 4.80 10.98 -4.74
C THR D 253 4.60 12.31 -4.00
N ARG D 254 4.73 12.29 -2.67
CA ARG D 254 4.42 13.44 -1.75
C ARG D 254 5.59 14.44 -1.73
N GLY D 255 6.75 14.10 -2.30
CA GLY D 255 7.92 14.99 -2.43
C GLY D 255 9.09 14.47 -1.62
N ILE D 256 10.32 14.87 -1.99
CA ILE D 256 11.59 14.42 -1.33
C ILE D 256 12.06 15.49 -0.34
N THR D 257 12.84 15.06 0.65
CA THR D 257 13.51 15.94 1.65
C THR D 257 14.51 16.83 0.89
N ARG D 258 14.34 18.15 0.99
CA ARG D 258 15.25 19.12 0.32
C ARG D 258 16.17 19.70 1.39
N SER E 2 -7.46 -16.27 36.62
CA SER E 2 -8.00 -15.41 37.73
C SER E 2 -7.74 -13.92 37.46
N LEU E 3 -8.63 -13.04 37.94
CA LEU E 3 -8.59 -11.56 37.74
C LEU E 3 -7.29 -10.97 38.29
N ILE E 4 -7.06 -11.04 39.61
CA ILE E 4 -5.77 -10.65 40.26
C ILE E 4 -4.82 -11.85 40.19
N ASP E 5 -3.84 -11.79 39.28
CA ASP E 5 -2.85 -12.89 39.06
C ASP E 5 -2.17 -13.21 40.39
N PRO E 6 -1.94 -14.50 40.74
CA PRO E 6 -1.24 -14.84 41.97
C PRO E 6 0.23 -14.39 42.03
N ARG E 7 0.83 -14.03 40.88
CA ARG E 7 2.24 -13.55 40.82
C ARG E 7 2.30 -12.04 41.09
N ALA E 8 1.18 -11.32 40.97
CA ALA E 8 1.05 -9.88 41.30
C ALA E 8 1.16 -9.69 42.81
N ILE E 9 1.95 -8.72 43.27
CA ILE E 9 2.07 -8.32 44.71
C ILE E 9 1.05 -7.21 44.98
N ILE E 10 0.08 -7.47 45.87
CA ILE E 10 -0.90 -6.45 46.34
C ILE E 10 -0.56 -6.14 47.81
N ASP E 11 -0.28 -4.88 48.11
CA ASP E 11 -0.04 -4.41 49.50
C ASP E 11 -1.33 -4.57 50.31
N PRO E 12 -1.26 -5.00 51.59
CA PRO E 12 -2.45 -5.17 52.42
C PRO E 12 -3.37 -3.93 52.43
N SER E 13 -2.77 -2.73 52.44
CA SER E 13 -3.48 -1.43 52.63
C SER E 13 -4.06 -0.93 51.30
N ALA E 14 -3.83 -1.65 50.20
CA ALA E 14 -4.40 -1.39 48.86
C ALA E 14 -5.92 -1.56 48.92
N ARG E 15 -6.67 -0.83 48.09
CA ARG E 15 -8.16 -0.88 48.04
C ARG E 15 -8.61 -1.03 46.58
N LEU E 16 -8.78 -2.27 46.11
CA LEU E 16 -9.18 -2.64 44.73
C LEU E 16 -10.66 -3.06 44.70
N ALA E 17 -11.41 -2.55 43.71
CA ALA E 17 -12.79 -2.99 43.38
C ALA E 17 -12.73 -4.47 42.95
N ALA E 18 -13.81 -5.21 43.18
CA ALA E 18 -13.87 -6.70 43.18
C ALA E 18 -13.49 -7.27 41.80
N ASP E 19 -13.71 -6.52 40.71
CA ASP E 19 -13.49 -7.00 39.32
C ASP E 19 -12.29 -6.30 38.67
N VAL E 20 -11.41 -5.69 39.48
CA VAL E 20 -10.10 -5.13 39.03
C VAL E 20 -9.20 -6.28 38.54
N GLN E 21 -8.73 -6.20 37.30
CA GLN E 21 -7.69 -7.12 36.74
C GLN E 21 -6.28 -6.55 37.01
N VAL E 22 -5.37 -7.37 37.55
CA VAL E 22 -3.94 -7.05 37.81
C VAL E 22 -3.10 -8.20 37.25
N GLY E 23 -2.35 -7.96 36.18
CA GLY E 23 -1.57 -8.99 35.47
C GLY E 23 -0.39 -9.45 36.31
N PRO E 24 0.36 -10.47 35.84
CA PRO E 24 1.50 -11.00 36.58
C PRO E 24 2.66 -10.00 36.78
N TRP E 25 3.32 -10.10 37.94
CA TRP E 25 4.57 -9.38 38.31
C TRP E 25 4.29 -7.88 38.40
N SER E 26 3.07 -7.49 38.76
CA SER E 26 2.68 -6.07 38.96
C SER E 26 2.62 -5.79 40.46
N ILE E 27 2.98 -4.58 40.88
CA ILE E 27 2.98 -4.15 42.30
C ILE E 27 1.92 -3.06 42.47
N VAL E 28 0.89 -3.34 43.27
CA VAL E 28 -0.12 -2.33 43.72
C VAL E 28 0.25 -1.94 45.16
N GLY E 29 1.08 -0.91 45.31
CA GLY E 29 1.69 -0.52 46.59
C GLY E 29 0.67 0.01 47.59
N ALA E 30 1.16 0.42 48.77
CA ALA E 30 0.36 0.97 49.89
C ALA E 30 -0.39 2.22 49.43
N GLU E 31 -1.65 2.36 49.84
CA GLU E 31 -2.49 3.57 49.66
C GLU E 31 -2.87 3.78 48.19
N VAL E 32 -2.75 2.74 47.36
CA VAL E 32 -3.23 2.75 45.94
C VAL E 32 -4.67 2.25 45.91
N GLU E 33 -5.62 3.10 45.47
CA GLU E 33 -7.04 2.72 45.19
C GLU E 33 -7.21 2.52 43.69
N ILE E 34 -7.97 1.48 43.30
CA ILE E 34 -8.32 1.18 41.88
C ILE E 34 -9.83 0.85 41.79
N GLY E 35 -10.55 1.51 40.88
CA GLY E 35 -12.01 1.38 40.72
C GLY E 35 -12.39 0.26 39.76
N GLU E 36 -13.70 -0.01 39.64
CA GLU E 36 -14.22 -1.20 38.92
C GLU E 36 -13.83 -1.08 37.44
N GLY E 37 -13.51 -2.22 36.80
CA GLY E 37 -13.35 -2.32 35.33
C GLY E 37 -11.94 -1.99 34.89
N THR E 38 -11.09 -1.47 35.80
CA THR E 38 -9.69 -1.12 35.51
C THR E 38 -8.86 -2.39 35.30
N VAL E 39 -8.05 -2.41 34.23
CA VAL E 39 -7.18 -3.54 33.80
C VAL E 39 -5.71 -3.09 33.89
N ILE E 40 -5.04 -3.42 35.00
CA ILE E 40 -3.57 -3.25 35.18
C ILE E 40 -2.87 -4.42 34.47
N GLY E 41 -2.04 -4.10 33.47
CA GLY E 41 -1.27 -5.09 32.69
C GLY E 41 -0.22 -5.78 33.55
N PRO E 42 0.62 -6.65 32.96
CA PRO E 42 1.75 -7.24 33.67
C PRO E 42 2.88 -6.21 33.79
N HIS E 43 3.78 -6.37 34.79
CA HIS E 43 5.00 -5.54 35.00
C HIS E 43 4.64 -4.06 35.16
N VAL E 44 3.61 -3.73 35.94
CA VAL E 44 3.26 -2.32 36.29
C VAL E 44 3.72 -2.11 37.73
N VAL E 45 4.24 -0.92 38.04
CA VAL E 45 4.53 -0.48 39.43
C VAL E 45 3.57 0.70 39.72
N LEU E 46 2.60 0.49 40.61
CA LEU E 46 1.75 1.57 41.18
C LEU E 46 2.28 1.90 42.59
N LYS E 47 2.49 3.17 42.89
CA LYS E 47 2.85 3.66 44.25
C LYS E 47 1.81 4.71 44.66
N GLY E 48 1.50 4.80 45.95
CA GLY E 48 0.48 5.74 46.49
C GLY E 48 1.13 6.85 47.31
N PRO E 49 0.33 7.74 47.94
CA PRO E 49 -1.13 7.68 47.87
C PRO E 49 -1.73 8.07 46.52
N THR E 50 -2.41 7.14 45.86
CA THR E 50 -2.91 7.25 44.46
C THR E 50 -4.35 6.70 44.38
N LYS E 51 -5.25 7.47 43.76
CA LYS E 51 -6.62 7.03 43.36
C LYS E 51 -6.63 6.82 41.85
N ILE E 52 -7.15 5.68 41.38
CA ILE E 52 -7.37 5.34 39.95
C ILE E 52 -8.85 4.93 39.80
N GLY E 53 -9.56 5.54 38.84
CA GLY E 53 -11.01 5.42 38.71
C GLY E 53 -11.42 4.14 37.97
N LYS E 54 -12.45 4.22 37.15
CA LYS E 54 -13.11 3.04 36.53
C LYS E 54 -12.70 2.92 35.07
N HIS E 55 -12.49 1.68 34.61
CA HIS E 55 -12.36 1.28 33.18
C HIS E 55 -11.07 1.86 32.57
N ASN E 56 -10.03 2.06 33.40
CA ASN E 56 -8.69 2.50 32.94
C ASN E 56 -7.94 1.25 32.48
N ARG E 57 -7.00 1.41 31.54
CA ARG E 57 -6.08 0.33 31.11
C ARG E 57 -4.64 0.84 31.25
N ILE E 58 -3.83 0.21 32.09
CA ILE E 58 -2.41 0.61 32.33
C ILE E 58 -1.49 -0.53 31.86
N TYR E 59 -0.72 -0.29 30.79
CA TYR E 59 0.12 -1.30 30.08
C TYR E 59 1.46 -1.50 30.79
N GLN E 60 2.14 -2.58 30.40
CA GLN E 60 3.44 -3.08 30.94
C GLN E 60 4.48 -1.95 31.07
N PHE E 61 5.29 -2.00 32.13
CA PHE E 61 6.55 -1.23 32.30
C PHE E 61 6.28 0.23 32.69
N SER E 62 5.02 0.58 32.94
CA SER E 62 4.61 1.90 33.45
C SER E 62 4.93 2.02 34.95
N SER E 63 5.32 3.23 35.40
CA SER E 63 5.56 3.60 36.81
C SER E 63 4.61 4.74 37.19
N VAL E 64 3.50 4.41 37.85
CA VAL E 64 2.37 5.35 38.14
C VAL E 64 2.33 5.62 39.65
N GLY E 65 2.67 6.84 40.05
CA GLY E 65 2.56 7.38 41.42
C GLY E 65 3.89 7.41 42.13
N GLU E 66 5.02 7.33 41.40
CA GLU E 66 6.38 7.41 42.01
C GLU E 66 6.60 8.85 42.50
N ASP E 67 7.58 9.04 43.38
CA ASP E 67 8.06 10.36 43.85
C ASP E 67 8.68 11.10 42.66
N THR E 68 8.41 12.40 42.50
CA THR E 68 9.20 13.26 41.58
C THR E 68 10.62 13.28 42.13
N PRO E 69 11.64 13.18 41.26
CA PRO E 69 13.02 13.36 41.69
C PRO E 69 13.38 14.84 41.89
N ASP E 70 12.45 15.76 41.58
CA ASP E 70 12.61 17.22 41.79
C ASP E 70 13.08 17.40 43.24
N LEU E 71 14.24 18.05 43.43
CA LEU E 71 14.99 18.14 44.72
C LEU E 71 14.18 18.92 45.76
N LYS E 72 13.10 19.62 45.36
CA LYS E 72 12.22 20.43 46.26
C LYS E 72 11.16 19.57 46.95
N TYR E 73 10.91 18.34 46.48
CA TYR E 73 10.03 17.32 47.12
C TYR E 73 10.79 16.59 48.25
N LYS E 74 10.21 16.53 49.45
CA LYS E 74 10.89 15.98 50.66
C LYS E 74 9.98 14.94 51.34
N GLY E 75 9.60 13.90 50.59
CA GLY E 75 8.86 12.70 51.06
C GLY E 75 7.50 13.01 51.66
N GLU E 76 6.87 14.14 51.30
CA GLU E 76 5.56 14.57 51.87
C GLU E 76 4.46 13.66 51.32
N PRO E 77 3.31 13.52 52.02
CA PRO E 77 2.27 12.56 51.61
C PRO E 77 1.37 13.13 50.48
N THR E 78 1.97 13.42 49.33
CA THR E 78 1.32 14.01 48.13
C THR E 78 0.66 12.90 47.31
N ARG E 79 -0.25 13.27 46.40
CA ARG E 79 -1.19 12.31 45.76
C ARG E 79 -1.07 12.32 44.22
N LEU E 80 -1.72 11.33 43.59
CA LEU E 80 -2.01 11.25 42.14
C LEU E 80 -3.46 10.78 41.96
N VAL E 81 -4.25 11.50 41.18
CA VAL E 81 -5.71 11.22 40.96
C VAL E 81 -5.90 11.00 39.47
N ILE E 82 -6.23 9.78 39.06
CA ILE E 82 -6.62 9.38 37.69
C ILE E 82 -8.12 9.07 37.68
N GLY E 83 -8.85 9.58 36.67
CA GLY E 83 -10.29 9.38 36.49
C GLY E 83 -10.62 8.06 35.81
N ASP E 84 -11.52 8.09 34.81
CA ASP E 84 -12.17 6.90 34.22
C ASP E 84 -11.86 6.85 32.71
N HIS E 85 -11.73 5.64 32.16
CA HIS E 85 -11.63 5.33 30.71
C HIS E 85 -10.35 5.93 30.12
N ASN E 86 -9.27 5.94 30.91
CA ASN E 86 -7.92 6.39 30.45
C ASN E 86 -7.13 5.17 29.95
N VAL E 87 -6.39 5.34 28.85
CA VAL E 87 -5.37 4.36 28.36
C VAL E 87 -3.94 4.92 28.59
N ILE E 88 -3.24 4.37 29.57
CA ILE E 88 -1.80 4.64 29.87
C ILE E 88 -0.99 3.48 29.27
N ARG E 89 -0.17 3.78 28.25
CA ARG E 89 0.50 2.76 27.40
C ARG E 89 1.84 2.33 28.01
N GLU E 90 2.66 1.60 27.25
CA GLU E 90 3.95 1.01 27.71
C GLU E 90 4.92 2.06 28.28
N GLY E 91 5.53 1.78 29.44
CA GLY E 91 6.65 2.54 29.99
C GLY E 91 6.31 3.97 30.43
N VAL E 92 5.04 4.31 30.58
CA VAL E 92 4.63 5.70 30.95
C VAL E 92 5.02 5.93 32.42
N THR E 93 5.51 7.13 32.75
CA THR E 93 5.88 7.54 34.11
C THR E 93 4.96 8.70 34.50
N ILE E 94 4.27 8.55 35.61
CA ILE E 94 3.46 9.63 36.22
C ILE E 94 3.95 9.80 37.65
N HIS E 95 4.23 11.05 38.05
CA HIS E 95 4.73 11.38 39.39
C HIS E 95 3.62 12.05 40.20
N ARG E 96 3.63 11.81 41.53
CA ARG E 96 2.74 12.49 42.50
C ARG E 96 3.18 13.95 42.64
N GLY E 97 2.32 14.78 43.23
CA GLY E 97 2.51 16.24 43.32
C GLY E 97 3.51 16.62 44.40
N THR E 98 3.49 17.90 44.76
CA THR E 98 4.38 18.57 45.75
C THR E 98 3.56 19.58 46.56
N VAL E 99 3.95 19.82 47.82
CA VAL E 99 3.18 20.67 48.78
C VAL E 99 3.28 22.14 48.33
N GLN E 100 4.30 22.46 47.52
CA GLN E 100 4.55 23.83 47.01
C GLN E 100 3.37 24.26 46.12
N ASP E 101 2.69 23.33 45.47
CA ASP E 101 1.53 23.61 44.58
C ASP E 101 0.25 23.18 45.28
N ARG E 102 -0.32 22.00 44.95
CA ARG E 102 -1.63 21.52 45.44
C ARG E 102 -1.51 20.09 45.98
N ALA E 103 -0.30 19.57 46.14
CA ALA E 103 0.01 18.21 46.67
C ALA E 103 -0.67 17.13 45.82
N GLU E 104 -0.88 17.41 44.52
CA GLU E 104 -1.66 16.51 43.62
C GLU E 104 -1.30 16.70 42.13
N THR E 105 -0.86 15.63 41.49
CA THR E 105 -0.91 15.40 40.02
C THR E 105 -2.32 14.90 39.68
N THR E 106 -3.00 15.53 38.72
CA THR E 106 -4.41 15.23 38.38
C THR E 106 -4.52 14.83 36.91
N ILE E 107 -5.30 13.78 36.62
CA ILE E 107 -5.70 13.31 35.24
C ILE E 107 -7.20 13.02 35.24
N GLY E 108 -7.93 13.54 34.26
CA GLY E 108 -9.39 13.42 34.21
C GLY E 108 -9.81 12.09 33.62
N ASP E 109 -10.72 12.10 32.63
CA ASP E 109 -11.33 10.91 31.99
C ASP E 109 -10.97 10.89 30.50
N HIS E 110 -10.93 9.71 29.90
CA HIS E 110 -10.88 9.47 28.43
C HIS E 110 -9.60 10.05 27.82
N ASN E 111 -8.52 10.13 28.60
CA ASN E 111 -7.18 10.54 28.11
C ASN E 111 -6.46 9.31 27.55
N LEU E 112 -5.83 9.42 26.38
CA LEU E 112 -4.85 8.43 25.85
C LEU E 112 -3.43 8.94 26.07
N ILE E 113 -2.63 8.23 26.85
CA ILE E 113 -1.21 8.58 27.14
C ILE E 113 -0.32 7.47 26.56
N MET E 114 0.34 7.73 25.43
CA MET E 114 1.07 6.71 24.65
C MET E 114 2.47 6.44 25.24
N ALA E 115 3.19 5.48 24.65
CA ALA E 115 4.42 4.83 25.19
C ALA E 115 5.47 5.87 25.64
N TYR E 116 5.93 5.75 26.87
CA TYR E 116 7.11 6.43 27.47
C TYR E 116 6.84 7.94 27.63
N ALA E 117 5.57 8.37 27.58
CA ALA E 117 5.17 9.74 27.93
C ALA E 117 5.46 9.96 29.42
N HIS E 118 5.72 11.22 29.80
CA HIS E 118 6.05 11.61 31.20
C HIS E 118 5.10 12.72 31.68
N ILE E 119 4.39 12.47 32.78
CA ILE E 119 3.49 13.44 33.46
C ILE E 119 4.18 13.88 34.75
N GLY E 120 4.75 15.07 34.75
CA GLY E 120 5.54 15.59 35.87
C GLY E 120 4.66 15.92 37.05
N HIS E 121 5.26 15.96 38.23
CA HIS E 121 4.61 16.37 39.50
C HIS E 121 3.69 17.58 39.28
N ASP E 122 2.47 17.52 39.83
CA ASP E 122 1.53 18.66 39.95
C ASP E 122 0.90 18.99 38.59
N SER E 123 1.14 18.17 37.57
CA SER E 123 0.53 18.34 36.24
C SER E 123 -0.97 18.07 36.34
N VAL E 124 -1.78 18.82 35.60
CA VAL E 124 -3.26 18.67 35.54
C VAL E 124 -3.64 18.43 34.08
N ILE E 125 -4.14 17.24 33.75
CA ILE E 125 -4.70 16.87 32.42
C ILE E 125 -6.22 16.74 32.58
N GLY E 126 -6.97 17.42 31.72
CA GLY E 126 -8.44 17.39 31.70
C GLY E 126 -8.93 16.08 31.12
N ASN E 127 -9.75 16.14 30.09
CA ASN E 127 -10.48 14.97 29.53
C ASN E 127 -10.26 14.93 28.03
N HIS E 128 -10.28 13.73 27.44
CA HIS E 128 -10.17 13.49 25.97
C HIS E 128 -8.90 14.13 25.37
N CYS E 129 -7.85 14.25 26.19
CA CYS E 129 -6.50 14.70 25.73
C CYS E 129 -5.72 13.52 25.16
N ILE E 130 -4.86 13.75 24.16
CA ILE E 130 -3.93 12.72 23.60
C ILE E 130 -2.47 13.19 23.78
N LEU E 131 -1.67 12.42 24.51
CA LEU E 131 -0.20 12.56 24.67
C LEU E 131 0.47 11.42 23.88
N VAL E 132 1.07 11.74 22.75
CA VAL E 132 1.76 10.77 21.84
C VAL E 132 3.14 10.41 22.42
N ASN E 133 3.70 9.29 21.98
CA ASN E 133 4.98 8.69 22.46
C ASN E 133 5.98 9.77 22.91
N ASN E 134 6.43 9.68 24.16
CA ASN E 134 7.60 10.41 24.72
C ASN E 134 7.28 11.90 24.93
N THR E 135 6.01 12.29 24.93
CA THR E 135 5.59 13.63 25.38
C THR E 135 5.99 13.75 26.84
N ALA E 136 6.68 14.82 27.22
CA ALA E 136 7.15 15.09 28.59
C ALA E 136 6.56 16.42 29.06
N LEU E 137 5.75 16.39 30.13
CA LEU E 137 5.29 17.58 30.87
C LEU E 137 6.20 17.71 32.08
N ALA E 138 7.00 18.76 32.14
CA ALA E 138 8.08 18.98 33.13
C ALA E 138 7.50 18.99 34.56
N GLY E 139 6.36 19.64 34.75
CA GLY E 139 5.69 19.76 36.05
C GLY E 139 4.82 21.00 36.11
N HIS E 140 3.70 20.94 36.83
CA HIS E 140 2.72 22.04 36.97
C HIS E 140 2.18 22.42 35.60
N VAL E 141 2.09 21.47 34.68
CA VAL E 141 1.58 21.70 33.30
C VAL E 141 0.09 21.39 33.32
N HIS E 142 -0.72 22.37 32.92
CA HIS E 142 -2.20 22.28 32.80
C HIS E 142 -2.52 22.03 31.33
N VAL E 143 -2.90 20.80 30.98
CA VAL E 143 -3.41 20.34 29.66
C VAL E 143 -4.94 20.33 29.72
N ASP E 144 -5.58 21.28 29.04
CA ASP E 144 -7.06 21.42 29.02
C ASP E 144 -7.62 20.42 28.00
N ASP E 145 -8.95 20.24 28.02
CA ASP E 145 -9.70 19.14 27.36
C ASP E 145 -9.42 19.16 25.85
N TRP E 146 -9.13 17.98 25.27
CA TRP E 146 -9.05 17.70 23.81
C TRP E 146 -7.71 18.12 23.21
N ALA E 147 -6.81 18.71 24.01
CA ALA E 147 -5.43 19.05 23.57
C ALA E 147 -4.75 17.77 23.05
N ILE E 148 -4.02 17.91 21.94
CA ILE E 148 -3.17 16.82 21.35
C ILE E 148 -1.70 17.29 21.31
N LEU E 149 -0.83 16.62 22.07
CA LEU E 149 0.64 16.82 22.05
C LEU E 149 1.26 15.68 21.26
N SER E 150 1.86 15.96 20.11
CA SER E 150 2.46 14.93 19.22
C SER E 150 3.75 14.41 19.80
N GLY E 151 4.29 13.35 19.20
CA GLY E 151 5.42 12.58 19.73
C GLY E 151 6.60 13.48 20.07
N TYR E 152 7.24 13.21 21.20
CA TYR E 152 8.47 13.87 21.66
C TYR E 152 8.23 15.38 21.81
N THR E 153 7.01 15.78 22.15
CA THR E 153 6.69 17.18 22.53
C THR E 153 7.12 17.37 23.99
N LEU E 154 7.96 18.37 24.24
CA LEU E 154 8.42 18.78 25.60
C LEU E 154 7.66 20.03 26.02
N VAL E 155 7.15 20.05 27.26
CA VAL E 155 6.43 21.22 27.82
C VAL E 155 7.15 21.65 29.10
N HIS E 156 7.66 22.88 29.12
CA HIS E 156 8.34 23.51 30.29
C HIS E 156 7.35 23.61 31.45
N GLN E 157 7.86 23.66 32.67
CA GLN E 157 7.07 23.75 33.92
C GLN E 157 6.16 24.98 33.84
N TYR E 158 4.91 24.83 34.29
CA TYR E 158 3.91 25.90 34.52
C TYR E 158 3.21 26.31 33.23
N CYS E 159 3.55 25.70 32.08
CA CYS E 159 2.91 26.02 30.78
C CYS E 159 1.46 25.53 30.78
N ARG E 160 0.57 26.25 30.12
CA ARG E 160 -0.87 25.92 29.96
C ARG E 160 -1.08 25.55 28.50
N ILE E 161 -1.35 24.27 28.22
CA ILE E 161 -1.77 23.75 26.88
C ILE E 161 -3.29 23.90 26.80
N GLY E 162 -3.75 24.76 25.88
CA GLY E 162 -5.17 25.16 25.75
C GLY E 162 -6.01 24.02 25.19
N ALA E 163 -7.32 24.05 25.47
CA ALA E 163 -8.31 23.05 25.00
C ALA E 163 -8.32 23.05 23.47
N HIS E 164 -8.31 21.84 22.86
CA HIS E 164 -8.37 21.60 21.38
C HIS E 164 -7.10 22.09 20.68
N SER E 165 -6.05 22.47 21.42
CA SER E 165 -4.74 22.89 20.87
C SER E 165 -4.01 21.65 20.31
N PHE E 166 -3.01 21.88 19.47
CA PHE E 166 -2.20 20.80 18.84
C PHE E 166 -0.74 21.26 18.80
N SER E 167 0.18 20.39 19.21
CA SER E 167 1.64 20.61 19.03
C SER E 167 2.18 19.51 18.12
N GLY E 168 2.92 19.89 17.07
CA GLY E 168 3.55 18.96 16.12
C GLY E 168 4.69 18.18 16.75
N MET E 169 5.18 17.16 16.03
CA MET E 169 6.25 16.23 16.50
C MET E 169 7.50 17.02 16.90
N GLY E 170 8.09 16.71 18.06
CA GLY E 170 9.38 17.25 18.53
C GLY E 170 9.34 18.73 18.86
N SER E 171 8.17 19.27 19.20
CA SER E 171 7.96 20.68 19.61
C SER E 171 8.51 20.87 21.02
N ALA E 172 9.05 22.06 21.31
CA ALA E 172 9.52 22.45 22.66
C ALA E 172 8.71 23.69 23.08
N ILE E 173 7.79 23.51 24.04
CA ILE E 173 6.78 24.53 24.45
C ILE E 173 7.29 25.19 25.72
N GLY E 174 7.69 26.47 25.63
CA GLY E 174 8.15 27.32 26.74
C GLY E 174 7.12 28.36 27.17
N LYS E 175 6.09 28.60 26.37
CA LYS E 175 5.04 29.60 26.69
C LYS E 175 3.67 28.94 26.56
N ASP E 176 2.63 29.55 27.15
CA ASP E 176 1.23 29.05 27.12
C ASP E 176 0.80 28.89 25.66
N VAL E 177 0.16 27.76 25.33
CA VAL E 177 -0.44 27.50 24.00
C VAL E 177 -1.92 27.83 24.11
N PRO E 178 -2.42 28.89 23.44
CA PRO E 178 -3.84 29.24 23.54
C PRO E 178 -4.72 28.12 22.98
N ALA E 179 -5.96 28.01 23.47
CA ALA E 179 -6.97 27.02 23.00
C ALA E 179 -7.07 27.09 21.48
N TYR E 180 -7.10 25.93 20.82
CA TYR E 180 -7.28 25.77 19.35
C TYR E 180 -5.97 25.99 18.57
N VAL E 181 -4.94 26.61 19.17
CA VAL E 181 -3.69 26.97 18.43
C VAL E 181 -2.87 25.71 18.13
N THR E 182 -2.32 25.62 16.92
CA THR E 182 -1.36 24.56 16.47
C THR E 182 0.06 25.15 16.51
N VAL E 183 0.98 24.48 17.20
CA VAL E 183 2.39 24.95 17.38
C VAL E 183 3.37 23.88 16.87
N PHE E 184 4.54 24.30 16.39
CA PHE E 184 5.59 23.43 15.84
C PHE E 184 6.98 24.02 16.12
N GLY E 185 7.96 23.15 16.32
CA GLY E 185 9.39 23.50 16.33
C GLY E 185 9.95 23.63 17.74
N ASN E 186 11.27 23.76 17.82
CA ASN E 186 12.05 24.00 19.06
C ASN E 186 12.86 25.28 18.84
N PRO E 187 12.41 26.46 19.34
CA PRO E 187 11.25 26.57 20.22
C PRO E 187 9.95 26.66 19.41
N ALA E 188 8.83 26.38 20.06
CA ALA E 188 7.51 26.25 19.40
C ALA E 188 7.03 27.61 18.89
N GLU E 189 6.45 27.64 17.70
CA GLU E 189 5.82 28.86 17.13
C GLU E 189 4.37 28.53 16.74
N ALA E 190 3.45 29.46 16.98
CA ALA E 190 2.05 29.38 16.56
C ALA E 190 2.04 29.37 15.02
N ARG E 191 1.27 28.47 14.39
CA ARG E 191 1.12 28.37 12.91
C ARG E 191 -0.32 28.61 12.49
N SER E 192 -1.31 28.02 13.16
CA SER E 192 -2.75 28.07 12.77
C SER E 192 -3.66 27.65 13.92
N MET E 193 -4.96 27.46 13.61
CA MET E 193 -5.99 26.88 14.51
C MET E 193 -6.17 25.39 14.16
N ASN E 194 -6.61 24.60 15.14
CA ASN E 194 -6.90 23.14 15.00
C ASN E 194 -8.33 22.98 14.46
N PHE E 195 -8.51 23.13 13.16
CA PHE E 195 -9.84 23.08 12.48
C PHE E 195 -10.41 21.66 12.57
N GLU E 196 -9.58 20.64 12.30
CA GLU E 196 -9.95 19.20 12.38
C GLU E 196 -10.56 18.88 13.76
N GLY E 197 -10.00 19.45 14.83
CA GLY E 197 -10.46 19.25 16.22
C GLY E 197 -11.82 19.87 16.46
N MET E 198 -12.07 21.03 15.85
CA MET E 198 -13.38 21.76 15.91
C MET E 198 -14.46 20.91 15.22
N ARG E 199 -14.18 20.40 14.02
CA ARG E 199 -15.10 19.53 13.23
C ARG E 199 -15.38 18.23 13.99
N ARG E 200 -14.37 17.59 14.59
CA ARG E 200 -14.54 16.35 15.39
C ARG E 200 -15.62 16.58 16.45
N ARG E 201 -15.67 17.78 17.02
CA ARG E 201 -16.56 18.13 18.18
C ARG E 201 -17.93 18.62 17.66
N GLY E 202 -18.07 18.82 16.35
CA GLY E 202 -19.32 19.26 15.70
C GLY E 202 -19.57 20.75 15.93
N PHE E 203 -18.51 21.55 15.79
CA PHE E 203 -18.56 23.03 15.86
C PHE E 203 -19.34 23.50 14.63
N SER E 204 -20.19 24.52 14.81
CA SER E 204 -20.92 25.19 13.70
C SER E 204 -19.87 25.78 12.73
N SER E 205 -20.29 26.04 11.48
CA SER E 205 -19.54 26.81 10.47
C SER E 205 -19.37 28.25 10.96
N GLU E 206 -20.38 28.77 11.68
CA GLU E 206 -20.38 30.13 12.26
C GLU E 206 -19.21 30.26 13.25
N ALA E 207 -19.08 29.29 14.16
CA ALA E 207 -18.06 29.22 15.25
C ALA E 207 -16.66 29.08 14.65
N ILE E 208 -16.51 28.28 13.60
CA ILE E 208 -15.20 27.98 12.95
C ILE E 208 -14.72 29.23 12.19
N HIS E 209 -15.62 29.92 11.48
CA HIS E 209 -15.33 31.20 10.77
C HIS E 209 -14.91 32.27 11.80
N ALA E 210 -15.60 32.31 12.94
CA ALA E 210 -15.36 33.27 14.06
C ALA E 210 -14.00 32.97 14.74
N LEU E 211 -13.63 31.70 14.87
CA LEU E 211 -12.34 31.29 15.49
C LEU E 211 -11.22 31.57 14.50
N ARG E 212 -11.43 31.37 13.20
CA ARG E 212 -10.43 31.73 12.15
C ARG E 212 -10.17 33.24 12.24
N ARG E 213 -11.22 34.05 12.42
CA ARG E 213 -11.13 35.53 12.55
C ARG E 213 -10.36 35.85 13.84
N ALA E 214 -10.71 35.18 14.94
CA ALA E 214 -10.17 35.43 16.30
C ALA E 214 -8.65 35.28 16.27
N TYR E 215 -8.16 34.29 15.52
CA TYR E 215 -6.72 33.98 15.37
C TYR E 215 -6.04 35.17 14.70
N LYS E 216 -6.61 35.66 13.59
CA LYS E 216 -6.07 36.79 12.79
C LYS E 216 -5.89 38.00 13.70
N VAL E 217 -6.89 38.29 14.55
CA VAL E 217 -6.90 39.44 15.49
C VAL E 217 -5.67 39.37 16.43
N VAL E 218 -5.42 38.18 16.99
CA VAL E 218 -4.39 37.98 18.07
C VAL E 218 -3.01 37.98 17.43
N TYR E 219 -2.83 37.29 16.31
CA TYR E 219 -1.49 36.96 15.74
C TYR E 219 -1.13 37.86 14.55
N ARG E 220 -2.08 38.14 13.65
CA ARG E 220 -1.79 38.68 12.29
C ARG E 220 -2.37 40.10 12.08
N GLN E 221 -2.40 40.93 13.12
CA GLN E 221 -2.90 42.33 13.02
C GLN E 221 -2.02 43.30 13.83
N GLY E 222 -0.82 42.87 14.26
CA GLY E 222 0.17 43.68 15.00
C GLY E 222 -0.36 44.28 16.30
N HIS E 223 -1.45 43.73 16.85
CA HIS E 223 -2.07 44.16 18.12
C HIS E 223 -1.19 43.74 19.31
N THR E 224 -1.33 44.41 20.44
CA THR E 224 -0.82 43.94 21.76
C THR E 224 -1.82 42.87 22.25
N VAL E 225 -1.42 42.04 23.21
CA VAL E 225 -2.36 41.11 23.90
C VAL E 225 -3.54 41.95 24.44
N GLU E 226 -3.26 43.12 25.00
CA GLU E 226 -4.25 44.10 25.53
C GLU E 226 -5.30 44.41 24.45
N GLU E 227 -4.85 44.90 23.29
CA GLU E 227 -5.70 45.38 22.16
C GLU E 227 -6.52 44.21 21.60
N ALA E 228 -5.90 43.04 21.46
CA ALA E 228 -6.52 41.79 20.96
C ALA E 228 -7.70 41.39 21.87
N LEU E 229 -7.51 41.38 23.19
CA LEU E 229 -8.52 40.92 24.18
C LEU E 229 -9.76 41.81 24.09
N ALA E 230 -9.55 43.13 24.05
CA ALA E 230 -10.63 44.15 23.95
C ALA E 230 -11.41 43.94 22.65
N GLU E 231 -10.71 43.67 21.55
CA GLU E 231 -11.32 43.44 20.20
C GLU E 231 -12.20 42.18 20.23
N LEU E 232 -11.72 41.10 20.85
CA LEU E 232 -12.40 39.77 20.85
C LEU E 232 -13.66 39.80 21.73
N ALA E 233 -13.71 40.65 22.76
CA ALA E 233 -14.80 40.74 23.76
C ALA E 233 -16.18 40.62 23.09
N GLU E 234 -16.35 41.24 21.92
CA GLU E 234 -17.57 41.20 21.07
C GLU E 234 -17.88 39.75 20.67
N SER E 235 -16.97 39.13 19.89
CA SER E 235 -17.07 37.75 19.34
C SER E 235 -17.16 36.71 20.48
N ALA E 236 -16.56 36.99 21.64
CA ALA E 236 -16.54 36.10 22.82
C ALA E 236 -17.93 36.03 23.47
N ALA E 237 -18.62 37.18 23.58
CA ALA E 237 -19.96 37.31 24.21
C ALA E 237 -20.98 36.43 23.46
N GLN E 238 -20.89 36.40 22.13
CA GLN E 238 -21.83 35.68 21.24
C GLN E 238 -21.50 34.18 21.24
N PHE E 239 -20.22 33.83 20.99
CA PHE E 239 -19.72 32.45 20.79
C PHE E 239 -18.92 31.98 22.00
N PRO E 240 -19.50 31.15 22.89
CA PRO E 240 -18.74 30.54 23.99
C PRO E 240 -17.47 29.79 23.52
N GLU E 241 -17.38 29.51 22.22
CA GLU E 241 -16.24 28.80 21.59
C GLU E 241 -15.07 29.78 21.48
N VAL E 242 -15.35 31.01 21.05
CA VAL E 242 -14.35 32.11 20.95
C VAL E 242 -13.97 32.53 22.38
N ALA E 243 -14.90 32.37 23.34
CA ALA E 243 -14.69 32.70 24.77
C ALA E 243 -13.56 31.83 25.34
N VAL E 244 -13.54 30.55 24.98
CA VAL E 244 -12.52 29.56 25.45
C VAL E 244 -11.15 30.08 25.00
N PHE E 245 -11.08 30.59 23.76
CA PHE E 245 -9.88 31.19 23.14
C PHE E 245 -9.49 32.46 23.90
N ARG E 246 -10.44 33.41 24.00
CA ARG E 246 -10.28 34.73 24.66
C ARG E 246 -9.81 34.50 26.10
N ASP E 247 -10.39 33.52 26.80
CA ASP E 247 -10.05 33.22 28.22
C ASP E 247 -8.63 32.66 28.29
N SER E 248 -8.30 31.73 27.39
CA SER E 248 -7.00 31.04 27.35
C SER E 248 -5.87 32.08 27.20
N ILE E 249 -6.13 33.17 26.48
CA ILE E 249 -5.15 34.26 26.21
C ILE E 249 -5.10 35.23 27.40
N GLN E 250 -6.26 35.59 27.96
CA GLN E 250 -6.36 36.38 29.22
C GLN E 250 -5.68 35.63 30.37
N SER E 251 -5.72 34.29 30.35
CA SER E 251 -5.13 33.40 31.40
C SER E 251 -3.62 33.26 31.24
N ALA E 252 -3.08 33.61 30.07
CA ALA E 252 -1.64 33.45 29.73
C ALA E 252 -0.85 34.54 30.47
N THR E 253 -0.51 34.24 31.72
CA THR E 253 0.26 35.14 32.62
C THR E 253 1.69 35.27 32.08
N ARG E 254 2.36 34.16 31.74
CA ARG E 254 3.79 34.13 31.32
C ARG E 254 3.90 34.05 29.78
N GLY E 255 3.20 34.92 29.06
CA GLY E 255 3.23 34.98 27.58
C GLY E 255 2.45 33.85 26.92
N ILE E 256 2.10 34.02 25.64
CA ILE E 256 1.47 33.00 24.76
C ILE E 256 2.50 32.56 23.72
N THR E 257 2.40 31.32 23.20
CA THR E 257 3.29 30.83 22.13
C THR E 257 2.97 31.66 20.87
N ARG E 258 3.99 32.22 20.25
CA ARG E 258 3.82 33.22 19.16
C ARG E 258 4.50 32.67 17.90
N SER F 2 12.94 -10.28 54.20
CA SER F 2 14.30 -9.70 54.47
C SER F 2 14.63 -8.65 53.41
N LEU F 3 15.91 -8.24 53.36
CA LEU F 3 16.42 -7.14 52.51
C LEU F 3 16.37 -7.58 51.05
N ILE F 4 16.93 -8.76 50.74
CA ILE F 4 16.94 -9.34 49.37
C ILE F 4 15.67 -10.18 49.18
N ASP F 5 14.73 -9.70 48.36
CA ASP F 5 13.43 -10.37 48.04
C ASP F 5 13.72 -11.74 47.43
N PRO F 6 13.01 -12.81 47.88
CA PRO F 6 13.31 -14.17 47.41
C PRO F 6 12.94 -14.41 45.93
N ARG F 7 12.13 -13.53 45.34
CA ARG F 7 11.80 -13.61 43.90
C ARG F 7 12.91 -12.99 43.03
N ALA F 8 13.96 -12.42 43.62
CA ALA F 8 15.10 -11.84 42.90
C ALA F 8 16.14 -12.93 42.63
N ILE F 9 16.77 -12.88 41.47
CA ILE F 9 17.87 -13.80 41.04
C ILE F 9 19.19 -13.15 41.44
N ILE F 10 19.89 -13.72 42.43
CA ILE F 10 21.27 -13.31 42.81
C ILE F 10 22.25 -14.36 42.25
N ASP F 11 23.09 -13.98 41.29
CA ASP F 11 24.11 -14.92 40.75
C ASP F 11 25.08 -15.32 41.86
N PRO F 12 25.39 -16.63 42.00
CA PRO F 12 26.34 -17.10 43.00
C PRO F 12 27.67 -16.34 43.07
N SER F 13 28.11 -15.74 41.96
CA SER F 13 29.41 -15.01 41.86
C SER F 13 29.26 -13.52 42.21
N ALA F 14 28.04 -13.04 42.44
CA ALA F 14 27.74 -11.63 42.83
C ALA F 14 28.12 -11.39 44.29
N ARG F 15 28.60 -10.19 44.61
CA ARG F 15 29.08 -9.77 45.95
C ARG F 15 28.22 -8.60 46.46
N LEU F 16 27.39 -8.85 47.45
CA LEU F 16 26.44 -7.87 48.03
C LEU F 16 26.82 -7.62 49.50
N ALA F 17 27.20 -6.37 49.83
CA ALA F 17 27.35 -5.91 51.23
C ALA F 17 26.07 -6.25 52.01
N ALA F 18 26.12 -6.14 53.34
CA ALA F 18 25.19 -6.85 54.26
C ALA F 18 23.79 -6.24 54.20
N ASP F 19 23.66 -4.92 54.04
CA ASP F 19 22.37 -4.21 54.19
C ASP F 19 21.77 -3.88 52.81
N VAL F 20 22.29 -4.49 51.74
CA VAL F 20 21.86 -4.24 50.32
C VAL F 20 20.44 -4.80 50.15
N GLN F 21 19.45 -3.92 49.91
CA GLN F 21 18.05 -4.34 49.56
C GLN F 21 17.93 -4.54 48.05
N VAL F 22 17.30 -5.64 47.61
CA VAL F 22 17.00 -5.95 46.19
C VAL F 22 15.53 -6.33 46.09
N GLY F 23 14.80 -5.75 45.14
CA GLY F 23 13.34 -5.87 45.01
C GLY F 23 12.95 -7.10 44.19
N PRO F 24 11.65 -7.47 44.22
CA PRO F 24 11.17 -8.63 43.48
C PRO F 24 11.51 -8.54 41.99
N TRP F 25 11.96 -9.66 41.42
CA TRP F 25 12.14 -9.91 39.97
C TRP F 25 13.26 -9.04 39.40
N SER F 26 14.23 -8.68 40.23
CA SER F 26 15.48 -8.03 39.79
C SER F 26 16.56 -9.10 39.62
N ILE F 27 17.41 -8.98 38.62
CA ILE F 27 18.58 -9.88 38.37
C ILE F 27 19.84 -9.14 38.81
N VAL F 28 20.55 -9.65 39.82
CA VAL F 28 21.94 -9.23 40.12
C VAL F 28 22.85 -10.30 39.51
N GLY F 29 23.35 -10.04 38.30
CA GLY F 29 24.10 -11.01 37.49
C GLY F 29 25.49 -11.30 38.06
N ALA F 30 26.22 -12.17 37.35
CA ALA F 30 27.61 -12.59 37.63
C ALA F 30 28.56 -11.37 37.65
N GLU F 31 29.52 -11.36 38.60
CA GLU F 31 30.60 -10.33 38.71
C GLU F 31 29.99 -8.93 38.94
N VAL F 32 28.84 -8.85 39.60
CA VAL F 32 28.20 -7.56 39.99
C VAL F 32 28.40 -7.37 41.49
N GLU F 33 29.23 -6.40 41.90
CA GLU F 33 29.37 -5.97 43.31
C GLU F 33 28.36 -4.85 43.58
N ILE F 34 27.66 -4.93 44.71
CA ILE F 34 26.78 -3.84 45.25
C ILE F 34 27.27 -3.50 46.66
N GLY F 35 27.54 -2.21 46.92
CA GLY F 35 28.07 -1.69 48.19
C GLY F 35 26.99 -1.41 49.22
N GLU F 36 27.43 -1.25 50.47
CA GLU F 36 26.62 -0.97 51.69
C GLU F 36 25.56 0.12 51.43
N GLY F 37 24.31 -0.13 51.78
CA GLY F 37 23.23 0.88 51.81
C GLY F 37 22.46 0.97 50.49
N THR F 38 22.97 0.37 49.41
CA THR F 38 22.37 0.49 48.04
C THR F 38 21.01 -0.22 48.04
N VAL F 39 20.00 0.41 47.43
CA VAL F 39 18.65 -0.16 47.21
C VAL F 39 18.45 -0.40 45.71
N ILE F 40 18.31 -1.65 45.28
CA ILE F 40 17.82 -2.01 43.93
C ILE F 40 16.32 -2.22 44.04
N GLY F 41 15.55 -1.48 43.25
CA GLY F 41 14.08 -1.60 43.19
C GLY F 41 13.66 -2.89 42.51
N PRO F 42 12.36 -3.10 42.27
CA PRO F 42 11.90 -4.26 41.51
C PRO F 42 12.22 -4.12 40.00
N HIS F 43 12.27 -5.23 39.26
CA HIS F 43 12.39 -5.29 37.77
C HIS F 43 13.69 -4.64 37.28
N VAL F 44 14.78 -4.82 38.00
CA VAL F 44 16.08 -4.21 37.60
C VAL F 44 16.97 -5.33 37.08
N VAL F 45 17.64 -5.09 35.96
CA VAL F 45 18.65 -6.01 35.36
C VAL F 45 20.03 -5.38 35.57
N LEU F 46 20.82 -5.94 36.49
CA LEU F 46 22.25 -5.63 36.65
C LEU F 46 23.08 -6.72 36.00
N LYS F 47 23.94 -6.37 35.04
CA LYS F 47 24.91 -7.29 34.42
C LYS F 47 26.31 -6.75 34.72
N GLY F 48 27.32 -7.61 34.74
CA GLY F 48 28.71 -7.27 35.05
C GLY F 48 29.67 -7.71 33.95
N PRO F 49 31.00 -7.63 34.18
CA PRO F 49 31.54 -7.18 35.48
C PRO F 49 31.22 -5.71 35.82
N THR F 50 30.47 -5.50 36.91
CA THR F 50 30.00 -4.16 37.35
C THR F 50 30.31 -3.98 38.84
N LYS F 51 30.76 -2.78 39.21
CA LYS F 51 30.89 -2.40 40.63
C LYS F 51 29.94 -1.22 40.91
N ILE F 52 29.02 -1.37 41.86
CA ILE F 52 28.13 -0.29 42.39
C ILE F 52 28.52 0.01 43.84
N GLY F 53 28.82 1.27 44.16
CA GLY F 53 29.27 1.73 45.49
C GLY F 53 28.12 1.77 46.50
N LYS F 54 28.11 2.79 47.36
CA LYS F 54 27.28 2.81 48.59
C LYS F 54 26.14 3.82 48.48
N HIS F 55 25.01 3.50 49.11
CA HIS F 55 23.82 4.39 49.32
C HIS F 55 23.24 4.81 47.97
N ASN F 56 23.33 3.93 46.97
CA ASN F 56 22.79 4.17 45.61
C ASN F 56 21.34 3.72 45.62
N ARG F 57 20.55 4.22 44.67
CA ARG F 57 19.12 3.85 44.48
C ARG F 57 18.86 3.66 42.98
N ILE F 58 18.54 2.44 42.56
CA ILE F 58 18.25 2.08 41.15
C ILE F 58 16.78 1.66 41.03
N TYR F 59 16.01 2.37 40.21
CA TYR F 59 14.56 2.17 40.01
C TYR F 59 14.31 1.13 38.91
N GLN F 60 13.07 0.64 38.91
CA GLN F 60 12.55 -0.46 38.07
C GLN F 60 12.81 -0.19 36.58
N PHE F 61 13.01 -1.26 35.79
CA PHE F 61 13.07 -1.31 34.31
C PHE F 61 14.39 -0.72 33.80
N SER F 62 15.31 -0.42 34.72
CA SER F 62 16.67 0.09 34.41
C SER F 62 17.53 -1.11 34.04
N SER F 63 18.34 -0.99 32.99
CA SER F 63 19.27 -2.06 32.52
C SER F 63 20.69 -1.56 32.71
N VAL F 64 21.30 -1.85 33.86
CA VAL F 64 22.65 -1.34 34.26
C VAL F 64 23.72 -2.41 34.06
N GLY F 65 24.68 -2.15 33.17
CA GLY F 65 25.84 -3.04 32.91
C GLY F 65 25.65 -3.91 31.67
N GLU F 66 24.69 -3.59 30.81
CA GLU F 66 24.46 -4.34 29.54
C GLU F 66 25.62 -4.08 28.59
N ASP F 67 25.88 -5.00 27.66
CA ASP F 67 26.85 -4.80 26.55
C ASP F 67 26.32 -3.71 25.61
N THR F 68 27.19 -2.84 25.10
CA THR F 68 26.84 -1.89 24.02
C THR F 68 26.52 -2.70 22.76
N PRO F 69 25.50 -2.32 21.97
CA PRO F 69 25.22 -2.99 20.70
C PRO F 69 26.21 -2.59 19.62
N ASP F 70 27.14 -1.66 19.93
CA ASP F 70 28.26 -1.23 19.05
C ASP F 70 28.91 -2.49 18.46
N LEU F 71 29.06 -2.53 17.12
CA LEU F 71 29.67 -3.66 16.38
C LEU F 71 31.16 -3.77 16.75
N LYS F 72 31.70 -2.76 17.43
CA LYS F 72 33.14 -2.64 17.82
C LYS F 72 33.37 -3.25 19.20
N TYR F 73 32.30 -3.62 19.93
CA TYR F 73 32.36 -4.51 21.12
C TYR F 73 32.27 -5.98 20.64
N LYS F 74 33.07 -6.88 21.21
CA LYS F 74 33.22 -8.29 20.76
C LYS F 74 33.27 -9.25 21.97
N GLY F 75 32.36 -9.08 22.95
CA GLY F 75 32.16 -9.99 24.10
C GLY F 75 33.27 -9.95 25.16
N GLU F 76 34.14 -8.93 25.16
CA GLU F 76 35.32 -8.83 26.08
C GLU F 76 34.87 -8.51 27.51
N PRO F 77 35.69 -8.80 28.54
CA PRO F 77 35.35 -8.49 29.93
C PRO F 77 35.63 -7.02 30.31
N THR F 78 34.84 -6.09 29.75
CA THR F 78 34.88 -4.64 30.06
C THR F 78 33.98 -4.35 31.26
N ARG F 79 34.07 -3.14 31.83
CA ARG F 79 33.57 -2.85 33.20
C ARG F 79 32.60 -1.66 33.21
N LEU F 80 31.77 -1.59 34.25
CA LEU F 80 31.04 -0.39 34.70
C LEU F 80 31.36 -0.16 36.18
N VAL F 81 31.80 1.06 36.54
CA VAL F 81 32.01 1.46 37.96
C VAL F 81 31.06 2.63 38.24
N ILE F 82 30.17 2.45 39.22
CA ILE F 82 29.27 3.51 39.78
C ILE F 82 29.72 3.75 41.22
N GLY F 83 29.97 5.01 41.58
CA GLY F 83 30.37 5.43 42.93
C GLY F 83 29.20 5.33 43.88
N ASP F 84 29.01 6.37 44.71
CA ASP F 84 28.13 6.38 45.90
C ASP F 84 27.06 7.47 45.76
N HIS F 85 25.91 7.30 46.43
CA HIS F 85 24.85 8.33 46.65
C HIS F 85 24.18 8.72 45.30
N ASN F 86 24.27 7.85 44.30
CA ASN F 86 23.66 8.10 42.95
C ASN F 86 22.21 7.64 42.97
N VAL F 87 21.33 8.42 42.36
CA VAL F 87 19.92 8.01 42.11
C VAL F 87 19.76 7.77 40.59
N ILE F 88 19.54 6.51 40.21
CA ILE F 88 19.25 6.08 38.81
C ILE F 88 17.77 5.75 38.72
N ARG F 89 17.01 6.54 37.95
CA ARG F 89 15.53 6.49 37.92
C ARG F 89 15.06 5.45 36.89
N GLU F 90 13.77 5.49 36.57
CA GLU F 90 13.01 4.43 35.86
C GLU F 90 13.58 4.23 34.46
N GLY F 91 13.81 2.99 34.06
CA GLY F 91 14.11 2.62 32.64
C GLY F 91 15.44 3.15 32.14
N VAL F 92 16.38 3.50 33.01
CA VAL F 92 17.73 3.98 32.60
C VAL F 92 18.53 2.83 32.00
N THR F 93 19.27 3.08 30.92
CA THR F 93 20.24 2.11 30.34
C THR F 93 21.66 2.64 30.56
N ILE F 94 22.54 1.79 31.11
CA ILE F 94 23.98 2.10 31.31
C ILE F 94 24.76 0.91 30.75
N HIS F 95 25.60 1.15 29.74
CA HIS F 95 26.39 0.09 29.06
C HIS F 95 27.83 0.13 29.57
N ARG F 96 28.50 -1.01 29.54
CA ARG F 96 29.90 -1.17 29.98
C ARG F 96 30.81 -0.71 28.84
N GLY F 97 32.11 -0.66 29.10
CA GLY F 97 33.11 -0.07 28.20
C GLY F 97 33.47 -0.97 27.04
N THR F 98 34.42 -0.53 26.22
CA THR F 98 34.98 -1.27 25.06
C THR F 98 36.51 -1.28 25.21
N VAL F 99 37.16 -2.36 24.80
CA VAL F 99 38.64 -2.50 24.89
C VAL F 99 39.30 -1.43 24.01
N GLN F 100 38.58 -0.95 22.99
CA GLN F 100 39.08 0.06 22.01
C GLN F 100 39.45 1.36 22.72
N ASP F 101 38.71 1.74 23.78
CA ASP F 101 38.94 2.98 24.56
C ASP F 101 39.38 2.59 25.97
N ARG F 102 38.48 2.68 26.95
CA ARG F 102 38.79 2.67 28.40
C ARG F 102 38.62 1.27 28.97
N ALA F 103 37.83 0.42 28.29
CA ALA F 103 37.34 -0.87 28.80
C ALA F 103 36.53 -0.66 30.09
N GLU F 104 35.98 0.55 30.29
CA GLU F 104 35.25 0.95 31.51
C GLU F 104 34.34 2.15 31.26
N THR F 105 33.09 2.06 31.71
CA THR F 105 32.12 3.16 31.89
C THR F 105 32.16 3.55 33.37
N THR F 106 32.39 4.84 33.68
CA THR F 106 32.62 5.32 35.06
C THR F 106 31.56 6.37 35.40
N ILE F 107 30.85 6.18 36.52
CA ILE F 107 30.00 7.20 37.16
C ILE F 107 30.51 7.42 38.59
N GLY F 108 30.66 8.68 39.02
CA GLY F 108 31.16 9.09 40.34
C GLY F 108 30.04 9.09 41.35
N ASP F 109 29.89 10.17 42.12
CA ASP F 109 29.03 10.20 43.34
C ASP F 109 28.00 11.33 43.24
N HIS F 110 26.83 11.15 43.87
CA HIS F 110 25.80 12.20 44.10
C HIS F 110 25.15 12.62 42.78
N ASN F 111 25.11 11.71 41.80
CA ASN F 111 24.51 12.00 40.47
C ASN F 111 23.03 11.61 40.50
N LEU F 112 22.18 12.40 39.84
CA LEU F 112 20.74 12.10 39.65
C LEU F 112 20.51 11.85 38.15
N ILE F 113 20.28 10.59 37.77
CA ILE F 113 20.07 10.16 36.36
C ILE F 113 18.60 9.79 36.21
N MET F 114 17.84 10.66 35.56
CA MET F 114 16.36 10.59 35.53
C MET F 114 15.87 9.58 34.48
N ALA F 115 14.56 9.43 34.33
CA ALA F 115 13.87 8.33 33.63
C ALA F 115 14.33 8.23 32.16
N TYR F 116 14.70 7.02 31.74
CA TYR F 116 15.00 6.64 30.33
C TYR F 116 16.22 7.40 29.78
N ALA F 117 17.07 7.92 30.66
CA ALA F 117 18.40 8.43 30.29
C ALA F 117 19.23 7.25 29.80
N HIS F 118 20.11 7.49 28.84
CA HIS F 118 21.07 6.50 28.30
C HIS F 118 22.49 7.03 28.57
N ILE F 119 23.34 6.16 29.12
CA ILE F 119 24.79 6.41 29.32
C ILE F 119 25.54 5.34 28.53
N GLY F 120 26.07 5.72 27.38
CA GLY F 120 26.72 4.83 26.40
C GLY F 120 28.12 4.40 26.84
N HIS F 121 28.63 3.34 26.24
CA HIS F 121 29.93 2.71 26.57
C HIS F 121 31.01 3.78 26.74
N ASP F 122 31.89 3.60 27.70
CA ASP F 122 33.17 4.37 27.82
C ASP F 122 32.91 5.82 28.26
N SER F 123 31.70 6.16 28.68
CA SER F 123 31.38 7.51 29.21
C SER F 123 31.89 7.62 30.65
N VAL F 124 32.27 8.84 31.04
CA VAL F 124 32.76 9.16 32.41
C VAL F 124 31.90 10.30 32.93
N ILE F 125 31.03 10.01 33.89
CA ILE F 125 30.25 11.02 34.66
C ILE F 125 30.95 11.26 36.01
N GLY F 126 31.23 12.51 36.32
CA GLY F 126 31.88 12.96 37.57
C GLY F 126 30.91 12.88 38.72
N ASN F 127 30.73 14.00 39.44
CA ASN F 127 29.95 14.06 40.71
C ASN F 127 28.91 15.19 40.60
N HIS F 128 27.76 15.01 41.25
CA HIS F 128 26.70 16.04 41.44
C HIS F 128 26.08 16.44 40.09
N CYS F 129 26.25 15.63 39.04
CA CYS F 129 25.64 15.86 37.70
C CYS F 129 24.15 15.52 37.75
N ILE F 130 23.35 16.15 36.90
CA ILE F 130 21.92 15.81 36.73
C ILE F 130 21.66 15.56 35.24
N LEU F 131 21.30 14.33 34.89
CA LEU F 131 20.83 13.94 33.55
C LEU F 131 19.31 13.82 33.66
N VAL F 132 18.60 14.79 33.09
CA VAL F 132 17.11 14.86 33.10
C VAL F 132 16.58 13.84 32.07
N ASN F 133 15.30 13.47 32.18
CA ASN F 133 14.59 12.44 31.38
C ASN F 133 15.18 12.37 29.98
N ASN F 134 15.55 11.16 29.55
CA ASN F 134 15.83 10.81 28.13
C ASN F 134 17.07 11.54 27.62
N THR F 135 17.95 12.00 28.51
CA THR F 135 19.32 12.43 28.09
C THR F 135 20.01 11.18 27.53
N ALA F 136 20.67 11.29 26.39
CA ALA F 136 21.43 10.19 25.75
C ALA F 136 22.89 10.62 25.54
N LEU F 137 23.85 9.93 26.19
CA LEU F 137 25.30 10.07 25.90
C LEU F 137 25.70 8.94 24.96
N ALA F 138 26.05 9.24 23.72
CA ALA F 138 26.27 8.26 22.63
C ALA F 138 27.39 7.29 23.03
N GLY F 139 28.49 7.81 23.57
CA GLY F 139 29.64 6.99 23.98
C GLY F 139 30.90 7.81 24.12
N HIS F 140 31.82 7.39 25.00
CA HIS F 140 33.10 8.09 25.31
C HIS F 140 32.82 9.55 25.69
N VAL F 141 31.68 9.85 26.30
CA VAL F 141 31.29 11.23 26.70
C VAL F 141 31.74 11.49 28.14
N HIS F 142 32.45 12.60 28.38
CA HIS F 142 32.92 13.05 29.71
C HIS F 142 32.00 14.17 30.21
N VAL F 143 31.19 13.90 31.22
CA VAL F 143 30.35 14.92 31.92
C VAL F 143 31.04 15.26 33.23
N ASP F 144 31.62 16.45 33.33
CA ASP F 144 32.38 16.94 34.52
C ASP F 144 31.38 17.38 35.59
N ASP F 145 31.88 17.60 36.80
CA ASP F 145 31.08 17.77 38.05
C ASP F 145 30.02 18.88 37.91
N TRP F 146 28.82 18.65 38.45
CA TRP F 146 27.72 19.65 38.61
C TRP F 146 27.06 19.98 37.27
N ALA F 147 27.44 19.32 36.17
CA ALA F 147 26.85 19.55 34.83
C ALA F 147 25.39 19.09 34.87
N ILE F 148 24.48 19.95 34.36
CA ILE F 148 23.03 19.63 34.19
C ILE F 148 22.73 19.50 32.70
N LEU F 149 22.38 18.29 32.26
CA LEU F 149 21.85 18.03 30.90
C LEU F 149 20.33 17.91 31.01
N SER F 150 19.60 18.91 30.52
CA SER F 150 18.12 18.96 30.64
C SER F 150 17.49 17.90 29.74
N GLY F 151 16.16 17.80 29.76
CA GLY F 151 15.39 16.70 29.15
C GLY F 151 15.77 16.51 27.70
N TYR F 152 15.96 15.26 27.25
CA TYR F 152 16.07 14.85 25.83
C TYR F 152 17.28 15.54 25.20
N THR F 153 18.32 15.79 26.00
CA THR F 153 19.61 16.34 25.49
C THR F 153 20.35 15.15 24.88
N LEU F 154 20.77 15.29 23.62
CA LEU F 154 21.59 14.29 22.89
C LEU F 154 23.04 14.76 22.86
N VAL F 155 23.98 13.88 23.18
CA VAL F 155 25.44 14.20 23.17
C VAL F 155 26.14 13.23 22.23
N HIS F 156 26.74 13.75 21.16
CA HIS F 156 27.61 13.02 20.21
C HIS F 156 28.77 12.40 20.97
N GLN F 157 29.38 11.37 20.39
CA GLN F 157 30.41 10.59 21.12
C GLN F 157 31.70 11.42 21.10
N TYR F 158 32.47 11.32 22.18
CA TYR F 158 33.79 11.98 22.39
C TYR F 158 33.61 13.41 22.87
N CYS F 159 32.38 13.91 22.95
CA CYS F 159 32.08 15.29 23.41
C CYS F 159 32.34 15.39 24.92
N ARG F 160 32.81 16.56 25.36
CA ARG F 160 33.12 16.86 26.77
C ARG F 160 32.08 17.89 27.24
N ILE F 161 31.30 17.56 28.25
CA ILE F 161 30.36 18.48 28.93
C ILE F 161 31.07 19.07 30.14
N GLY F 162 31.33 20.39 30.12
CA GLY F 162 32.15 21.08 31.13
C GLY F 162 31.47 21.14 32.49
N ALA F 163 32.24 21.34 33.55
CA ALA F 163 31.74 21.41 34.93
C ALA F 163 30.82 22.64 35.04
N HIS F 164 29.70 22.49 35.74
CA HIS F 164 28.72 23.56 36.07
C HIS F 164 27.98 24.05 34.81
N SER F 165 28.15 23.39 33.66
CA SER F 165 27.51 23.75 32.38
C SER F 165 26.03 23.34 32.42
N PHE F 166 25.21 23.92 31.53
CA PHE F 166 23.75 23.67 31.45
C PHE F 166 23.34 23.50 29.99
N SER F 167 22.69 22.39 29.66
CA SER F 167 22.10 22.18 28.31
C SER F 167 20.58 22.24 28.43
N GLY F 168 19.94 23.09 27.63
CA GLY F 168 18.48 23.25 27.60
C GLY F 168 17.77 22.05 27.01
N MET F 169 16.52 21.86 27.42
CA MET F 169 15.57 20.84 26.88
C MET F 169 15.80 20.69 25.38
N GLY F 170 16.08 19.46 24.94
CA GLY F 170 16.11 19.07 23.52
C GLY F 170 17.34 19.59 22.82
N SER F 171 18.41 19.89 23.55
CA SER F 171 19.71 20.30 22.96
C SER F 171 20.35 19.08 22.30
N ALA F 172 20.98 19.26 21.13
CA ALA F 172 21.79 18.22 20.43
C ALA F 172 23.23 18.70 20.32
N ILE F 173 24.13 18.11 21.11
CA ILE F 173 25.51 18.61 21.34
C ILE F 173 26.46 17.79 20.46
N GLY F 174 27.10 18.44 19.49
CA GLY F 174 28.11 17.85 18.58
C GLY F 174 29.53 18.33 18.86
N LYS F 175 29.70 19.36 19.70
CA LYS F 175 31.04 19.90 20.07
C LYS F 175 31.11 20.06 21.58
N ASP F 176 32.32 20.11 22.13
CA ASP F 176 32.58 20.27 23.58
C ASP F 176 31.83 21.52 24.09
N VAL F 177 31.13 21.37 25.22
CA VAL F 177 30.47 22.47 25.97
C VAL F 177 31.43 22.89 27.07
N PRO F 178 31.96 24.13 27.04
CA PRO F 178 32.96 24.53 28.03
C PRO F 178 32.28 24.60 29.40
N ALA F 179 33.08 24.61 30.45
CA ALA F 179 32.64 24.75 31.86
C ALA F 179 31.75 26.01 31.98
N TYR F 180 30.67 25.94 32.74
CA TYR F 180 29.78 27.06 33.11
C TYR F 180 28.90 27.53 31.92
N VAL F 181 29.18 27.09 30.70
CA VAL F 181 28.45 27.57 29.49
C VAL F 181 27.05 26.92 29.46
N THR F 182 26.06 27.75 29.16
CA THR F 182 24.66 27.37 28.87
C THR F 182 24.53 27.19 27.37
N VAL F 183 23.95 26.07 26.92
CA VAL F 183 23.68 25.79 25.47
C VAL F 183 22.20 25.44 25.30
N PHE F 184 21.66 25.65 24.10
CA PHE F 184 20.26 25.35 23.70
C PHE F 184 20.20 24.99 22.22
N GLY F 185 19.24 24.14 21.84
CA GLY F 185 18.78 23.98 20.46
C GLY F 185 19.50 22.85 19.77
N ASN F 186 19.10 22.58 18.52
CA ASN F 186 19.63 21.50 17.65
C ASN F 186 19.96 22.12 16.31
N PRO F 187 21.25 22.30 15.95
CA PRO F 187 22.38 22.01 16.84
C PRO F 187 22.54 23.03 17.97
N ALA F 188 23.27 22.64 19.01
CA ALA F 188 23.38 23.40 20.27
C ALA F 188 24.13 24.70 19.97
N GLU F 189 23.74 25.81 20.61
CA GLU F 189 24.42 27.12 20.52
C GLU F 189 24.83 27.57 21.94
N ALA F 190 25.92 28.29 22.04
CA ALA F 190 26.37 28.96 23.30
C ALA F 190 25.47 30.18 23.57
N ARG F 191 24.76 30.17 24.71
CA ARG F 191 23.91 31.32 25.15
C ARG F 191 24.40 31.82 26.52
N SER F 192 25.68 32.20 26.63
CA SER F 192 26.29 32.76 27.87
C SER F 192 26.52 31.65 28.91
N MET F 193 26.62 32.02 30.20
CA MET F 193 27.00 31.10 31.29
C MET F 193 25.88 30.97 32.33
N ASN F 194 25.81 29.80 32.97
CA ASN F 194 24.80 29.45 34.01
C ASN F 194 25.05 30.32 35.25
N PHE F 195 24.69 31.60 35.20
CA PHE F 195 24.93 32.60 36.27
C PHE F 195 24.06 32.30 37.50
N GLU F 196 22.90 31.66 37.31
CA GLU F 196 21.98 31.29 38.41
C GLU F 196 22.57 30.09 39.18
N GLY F 197 22.93 29.01 38.46
CA GLY F 197 23.60 27.84 39.04
C GLY F 197 24.86 28.22 39.83
N MET F 198 25.55 29.30 39.42
CA MET F 198 26.81 29.78 40.05
C MET F 198 26.47 30.55 41.33
N ARG F 199 25.53 31.50 41.24
CA ARG F 199 25.12 32.37 42.39
C ARG F 199 24.51 31.48 43.48
N ARG F 200 23.61 30.59 43.12
CA ARG F 200 22.92 29.68 44.07
C ARG F 200 23.94 28.71 44.70
N ARG F 201 24.90 28.19 43.91
CA ARG F 201 25.92 27.21 44.38
C ARG F 201 26.92 27.88 45.33
N GLY F 202 26.97 29.22 45.35
CA GLY F 202 27.69 30.03 46.33
C GLY F 202 29.04 30.52 45.80
N PHE F 203 29.18 30.65 44.48
CA PHE F 203 30.37 31.21 43.82
C PHE F 203 30.54 32.68 44.24
N SER F 204 31.80 33.13 44.34
CA SER F 204 32.17 34.51 44.72
C SER F 204 31.71 35.48 43.63
N SER F 205 31.34 36.70 44.02
CA SER F 205 30.97 37.80 43.08
C SER F 205 32.13 38.10 42.12
N GLU F 206 33.37 37.83 42.54
CA GLU F 206 34.60 38.14 41.77
C GLU F 206 34.84 37.04 40.73
N ALA F 207 34.64 35.79 41.13
CA ALA F 207 34.71 34.60 40.22
C ALA F 207 33.73 34.79 39.06
N ILE F 208 32.49 35.18 39.36
CA ILE F 208 31.40 35.36 38.34
C ILE F 208 31.80 36.43 37.34
N HIS F 209 32.24 37.60 37.83
CA HIS F 209 32.73 38.77 37.04
C HIS F 209 33.94 38.36 36.19
N ALA F 210 34.78 37.46 36.70
CA ALA F 210 35.99 36.96 35.99
C ALA F 210 35.58 35.98 34.91
N LEU F 211 34.56 35.15 35.18
CA LEU F 211 34.01 34.18 34.19
C LEU F 211 33.27 34.94 33.09
N ARG F 212 32.55 36.03 33.43
CA ARG F 212 31.92 36.96 32.43
C ARG F 212 33.00 37.44 31.46
N ARG F 213 34.11 37.97 31.98
CA ARG F 213 35.23 38.47 31.15
C ARG F 213 35.78 37.32 30.30
N ALA F 214 36.00 36.16 30.94
CA ALA F 214 36.52 34.92 30.30
C ALA F 214 35.65 34.54 29.10
N TYR F 215 34.32 34.58 29.24
CA TYR F 215 33.35 34.27 28.16
C TYR F 215 33.55 35.21 26.96
N LYS F 216 33.61 36.52 27.22
CA LYS F 216 33.86 37.60 26.22
C LYS F 216 35.14 37.30 25.46
N VAL F 217 36.21 36.90 26.17
CA VAL F 217 37.56 36.66 25.57
C VAL F 217 37.41 35.57 24.49
N VAL F 218 36.71 34.48 24.82
CA VAL F 218 36.57 33.27 23.97
C VAL F 218 35.61 33.56 22.82
N TYR F 219 34.43 34.12 23.11
CA TYR F 219 33.25 34.12 22.20
C TYR F 219 33.11 35.43 21.41
N ARG F 220 33.55 36.58 21.96
CA ARG F 220 33.02 37.90 21.53
C ARG F 220 34.12 38.87 21.08
N GLN F 221 35.37 38.41 20.86
CA GLN F 221 36.51 39.31 20.54
C GLN F 221 37.30 38.80 19.33
N GLY F 222 36.65 38.14 18.38
CA GLY F 222 37.21 37.74 17.09
C GLY F 222 38.40 36.78 17.21
N HIS F 223 38.82 36.45 18.44
CA HIS F 223 39.99 35.57 18.73
C HIS F 223 39.77 34.19 18.13
N THR F 224 40.84 33.56 17.65
CA THR F 224 40.89 32.10 17.36
C THR F 224 41.17 31.39 18.68
N VAL F 225 40.98 30.07 18.74
CA VAL F 225 41.00 29.29 20.01
C VAL F 225 42.37 29.50 20.68
N GLU F 226 43.45 29.46 19.88
CA GLU F 226 44.86 29.63 20.36
C GLU F 226 45.02 31.03 20.98
N GLU F 227 44.60 32.07 20.25
CA GLU F 227 44.69 33.50 20.68
C GLU F 227 43.93 33.66 22.00
N ALA F 228 42.70 33.14 22.07
CA ALA F 228 41.80 33.18 23.25
C ALA F 228 42.45 32.44 24.43
N LEU F 229 43.01 31.25 24.19
CA LEU F 229 43.69 30.44 25.23
C LEU F 229 44.81 31.29 25.86
N ALA F 230 45.65 31.90 25.01
CA ALA F 230 46.79 32.76 25.43
C ALA F 230 46.30 33.89 26.33
N GLU F 231 45.21 34.57 25.94
CA GLU F 231 44.67 35.79 26.62
C GLU F 231 44.19 35.46 28.03
N LEU F 232 43.70 34.24 28.30
CA LEU F 232 43.07 33.86 29.59
C LEU F 232 44.12 33.50 30.64
N ALA F 233 45.37 33.23 30.19
CA ALA F 233 46.47 32.75 31.04
C ALA F 233 46.44 33.47 32.40
N GLU F 234 46.17 34.78 32.40
CA GLU F 234 46.31 35.69 33.58
C GLU F 234 45.21 35.42 34.63
N SER F 235 43.94 35.62 34.24
CA SER F 235 42.76 35.47 35.11
C SER F 235 42.68 34.04 35.64
N ALA F 236 43.12 33.06 34.83
CA ALA F 236 43.19 31.60 35.16
C ALA F 236 44.04 31.39 36.43
N ALA F 237 45.21 32.03 36.49
CA ALA F 237 46.12 31.92 37.65
C ALA F 237 45.45 32.50 38.91
N GLN F 238 44.67 33.59 38.78
CA GLN F 238 44.10 34.35 39.93
C GLN F 238 42.75 33.74 40.37
N PHE F 239 42.00 33.13 39.44
CA PHE F 239 40.69 32.49 39.70
C PHE F 239 40.72 31.06 39.18
N PRO F 240 40.58 30.05 40.06
CA PRO F 240 40.50 28.64 39.61
C PRO F 240 39.46 28.46 38.49
N GLU F 241 38.30 29.09 38.66
CA GLU F 241 37.11 28.95 37.78
C GLU F 241 37.52 29.21 36.34
N VAL F 242 38.34 30.24 36.13
CA VAL F 242 38.79 30.62 34.77
C VAL F 242 39.79 29.57 34.28
N ALA F 243 40.49 28.89 35.20
CA ALA F 243 41.40 27.77 34.86
C ALA F 243 40.54 26.60 34.40
N VAL F 244 39.57 26.22 35.23
CA VAL F 244 38.52 25.20 34.93
C VAL F 244 37.91 25.48 33.54
N PHE F 245 37.58 26.75 33.28
CA PHE F 245 37.03 27.24 32.00
C PHE F 245 38.09 27.12 30.91
N ARG F 246 39.25 27.76 31.11
CA ARG F 246 40.37 27.74 30.13
C ARG F 246 40.77 26.28 29.86
N ASP F 247 40.83 25.46 30.91
CA ASP F 247 41.14 24.00 30.82
C ASP F 247 40.15 23.32 29.85
N SER F 248 38.86 23.57 29.97
CA SER F 248 37.81 22.90 29.15
C SER F 248 37.91 23.37 27.69
N ILE F 249 38.38 24.59 27.47
CA ILE F 249 38.65 25.15 26.10
C ILE F 249 39.91 24.49 25.54
N GLN F 250 40.94 24.30 26.36
CA GLN F 250 42.24 23.68 25.96
C GLN F 250 42.02 22.22 25.61
N SER F 251 41.18 21.51 26.38
CA SER F 251 40.90 20.07 26.19
C SER F 251 39.77 19.84 25.18
N ALA F 252 39.51 20.81 24.29
CA ALA F 252 38.49 20.75 23.22
C ALA F 252 39.10 20.13 21.94
N THR F 253 38.77 18.87 21.65
CA THR F 253 39.30 18.08 20.50
C THR F 253 38.60 18.53 19.21
N ARG F 254 37.26 18.57 19.25
CA ARG F 254 36.37 18.81 18.09
C ARG F 254 36.16 20.31 17.86
N GLY F 255 36.79 21.16 18.67
CA GLY F 255 36.41 22.59 18.85
C GLY F 255 35.27 22.72 19.85
N ILE F 256 34.89 23.96 20.19
CA ILE F 256 33.88 24.25 21.27
C ILE F 256 32.53 24.61 20.61
N THR F 257 31.45 24.51 21.39
CA THR F 257 30.09 24.89 20.96
C THR F 257 30.05 26.42 20.88
N ARG F 258 29.79 26.97 19.69
CA ARG F 258 29.70 28.42 19.46
C ARG F 258 28.22 28.81 19.34
C10 F6I G . -8.38 0.31 -23.99
C15 F6I G . -10.93 5.35 -26.39
C17 F6I G . -11.47 7.83 -26.09
C20 F6I G . -13.75 7.15 -25.06
C26 F6I G . -10.61 8.13 -29.16
C28 F6I G . -8.50 7.86 -30.27
F01 F6I G . -10.60 -0.99 -23.44
C02 F6I G . -10.70 0.29 -23.07
F03 F6I G . -10.57 0.39 -21.73
F04 F6I G . -11.84 0.93 -23.46
C05 F6I G . -9.55 1.00 -23.68
C06 F6I G . -9.70 2.35 -23.91
C07 F6I G . -8.63 3.03 -24.48
C08 F6I G . -7.44 2.38 -24.80
C09 F6I G . -7.32 1.02 -24.56
S11 F6I G . -8.77 4.80 -24.77
O12 F6I G . -7.46 5.44 -24.45
O13 F6I G . -9.69 5.37 -23.78
N14 F6I G . -9.47 5.19 -26.26
C16 F6I G . -11.34 6.68 -27.13
O18 F6I G . -10.60 8.64 -26.03
N19 F6I G . -12.59 8.02 -25.14
N21 F6I G . -15.01 7.58 -24.80
N22 F6I G . -15.84 6.48 -24.80
N23 F6I G . -15.10 5.40 -25.05
N24 F6I G . -13.80 5.79 -25.20
C25 F6I G . -10.30 7.07 -28.25
C27 F6I G . -9.72 8.50 -30.13
C29 F6I G . -8.18 6.83 -29.41
C30 F6I G . -9.11 6.44 -28.38
C31 F6I G . -8.67 5.34 -27.45
C10 F6I H . -14.21 -14.81 -15.01
C15 F6I H . -16.20 -12.41 -10.09
C17 F6I H . -17.56 -12.57 -8.00
C20 F6I H . -19.44 -11.17 -9.13
C26 F6I H . -14.91 -11.22 -6.67
C28 F6I H . -12.78 -12.29 -6.27
F01 F6I H . -15.29 -13.30 -16.86
C02 F6I H . -16.21 -13.60 -15.91
F03 F6I H . -17.15 -14.45 -16.43
F04 F6I H . -16.82 -12.45 -15.49
C05 F6I H . -15.46 -14.28 -14.79
C06 F6I H . -16.03 -14.32 -13.53
C07 F6I H . -15.34 -14.94 -12.49
C08 F6I H . -14.08 -15.47 -12.69
C09 F6I H . -13.53 -15.41 -13.96
S11 F6I H . -16.11 -15.03 -10.85
O12 F6I H . -17.57 -14.97 -11.00
O13 F6I H . -15.83 -16.29 -10.13
N14 F6I H . -15.61 -13.75 -9.91
C16 F6I H . -16.38 -11.82 -8.67
O18 F6I H . -17.32 -13.48 -7.26
N19 F6I H . -18.96 -12.24 -8.24
N21 F6I H . -20.69 -10.62 -9.09
N22 F6I H . -20.76 -9.69 -10.08
N23 F6I H . -19.57 -9.67 -10.70
N24 F6I H . -18.74 -10.59 -10.14
C25 F6I H . -15.08 -12.01 -7.83
C27 F6I H . -13.75 -11.37 -5.92
C29 F6I H . -12.94 -13.05 -7.39
C30 F6I H . -14.12 -12.89 -8.17
C31 F6I H . -14.27 -13.76 -9.40
C10 F6I I . -17.65 -12.88 -33.11
C15 F6I I . -22.81 -15.15 -33.20
C17 F6I I . -25.23 -14.98 -33.42
C20 F6I I . -26.25 -12.91 -32.09
C26 F6I I . -25.10 -18.32 -33.88
C28 F6I I . -23.92 -19.80 -35.38
F01 F6I I . -17.78 -11.29 -31.05
C02 F6I I . -18.85 -11.09 -31.82
F03 F6I I . -18.82 -9.87 -32.38
F04 F6I I . -19.97 -11.17 -31.08
C05 F6I I . -18.84 -12.21 -32.85
C06 F6I I . -20.03 -12.52 -33.49
C07 F6I I . -19.99 -13.54 -34.42
C08 F6I I . -18.83 -14.24 -34.70
C09 F6I I . -17.64 -13.92 -34.04
S11 F6I I . -21.51 -13.99 -35.28
O12 F6I I . -22.48 -12.87 -35.13
O13 F6I I . -21.30 -14.38 -36.75
N14 F6I I . -22.17 -15.33 -34.50
C16 F6I I . -24.12 -16.02 -33.11
O18 F6I I . -25.82 -14.90 -34.45
N19 F6I I . -25.34 -14.03 -32.29
N21 F6I I . -26.27 -12.17 -30.94
N22 F6I I . -27.25 -11.24 -31.06
N23 F6I I . -27.83 -11.46 -32.27
N24 F6I I . -27.23 -12.49 -32.91
C25 F6I I . -24.05 -17.37 -33.95
C27 F6I I . -25.02 -19.51 -34.59
C29 F6I I . -22.86 -18.90 -35.45
C30 F6I I . -22.95 -17.68 -34.70
C31 F6I I . -21.79 -16.71 -34.81
C10 F6I J . 4.51 7.88 17.50
C15 F6I J . 0.89 12.07 15.39
C17 F6I J . -0.66 13.23 13.78
C20 F6I J . 1.37 14.77 13.35
C26 F6I J . -2.85 13.10 16.06
C28 F6I J . -3.91 11.28 17.25
F01 F6I J . 6.69 9.45 18.03
C02 F6I J . 6.17 9.68 16.80
F03 F6I J . 7.04 9.14 15.91
F04 F6I J . 6.08 11.03 16.51
C05 F6I J . 4.80 8.98 16.71
C06 F6I J . 3.85 9.47 15.80
C07 F6I J . 2.62 8.83 15.69
C08 F6I J . 2.33 7.72 16.49
C09 F6I J . 3.28 7.26 17.38
S11 F6I J . 1.38 9.46 14.54
O12 F6I J . 2.03 10.09 13.34
O13 F6I J . 0.43 8.43 14.04
N14 F6I J . 0.52 10.65 15.41
C16 F6I J . -0.38 12.99 15.28
O18 F6I J . -1.60 12.73 13.24
N19 F6I J . 0.19 14.05 12.90
N21 F6I J . 1.85 15.90 12.78
N22 F6I J . 2.96 16.33 13.44
N23 F6I J . 3.18 15.46 14.42
N24 F6I J . 2.22 14.49 14.37
C25 F6I J . -1.64 12.36 16.00
C27 F6I J . -3.96 12.54 16.68
C29 F6I J . -2.74 10.55 17.19
C30 F6I J . -1.60 11.12 16.55
C31 F6I J . -0.34 10.28 16.51
C10 F6I K . 22.68 6.55 21.38
C15 F6I K . 25.18 7.14 16.01
C17 F6I K . 26.60 8.52 14.56
C20 F6I K . 25.47 10.84 14.23
C26 F6I K . 26.72 5.81 12.84
C28 F6I K . 26.07 3.49 12.72
F01 F6I K . 22.22 9.64 19.63
C02 F6I K . 22.23 8.94 20.80
F03 F6I K . 21.00 8.63 21.28
F04 F6I K . 22.80 9.71 21.77
C05 F6I K . 23.00 7.66 20.61
C06 F6I K . 24.03 7.60 19.67
C07 F6I K . 24.73 6.41 19.53
C08 F6I K . 24.44 5.29 20.28
C09 F6I K . 23.40 5.37 21.20
S11 F6I K . 26.08 6.32 18.35
O12 F6I K . 26.77 7.60 18.23
O13 F6I K . 27.11 5.34 18.77
N14 F6I K . 25.32 5.97 16.89
C16 F6I K . 26.46 7.12 15.13
O18 F6I K . 27.60 8.79 14.02
N19 F6I K . 25.49 9.47 14.73
N21 F6I K . 26.48 11.53 13.69
N22 F6I K . 26.02 12.77 13.34
N23 F6I K . 24.72 12.84 13.70
N24 F6I K . 24.38 11.62 14.24
C25 F6I K . 26.31 5.85 14.21
C27 F6I K . 26.58 4.63 12.12
C29 F6I K . 25.68 3.51 14.03
C30 F6I K . 25.83 4.71 14.77
C31 F6I K . 25.40 4.68 16.23
C10 F6I L . 11.43 16.23 32.25
C15 F6I L . 13.64 21.84 35.92
C17 F6I L . 15.28 22.71 34.30
C20 F6I L . 14.92 23.92 32.02
C26 F6I L . 17.04 22.25 37.24
C28 F6I L . 17.75 20.06 37.85
F01 F6I L . 12.43 18.20 29.55
C02 F6I L . 11.54 17.32 30.08
F03 F6I L . 11.85 16.06 29.77
F04 F6I L . 10.25 17.63 29.75
C05 F6I L . 11.61 17.40 31.56
C06 F6I L . 11.85 18.61 32.19
C07 F6I L . 11.92 18.62 33.58
C08 F6I L . 11.72 17.46 34.29
C09 F6I L . 11.48 16.27 33.62
S11 F6I L . 12.20 20.16 34.46
O12 F6I L . 11.88 21.27 33.53
O13 F6I L . 11.20 20.31 35.53
N14 F6I L . 13.68 20.54 35.18
C16 F6I L . 14.99 22.59 35.77
O18 F6I L . 16.03 21.90 33.85
N19 F6I L . 14.66 23.76 33.48
N21 F6I L . 15.28 22.97 31.13
N22 F6I L . 15.44 23.50 29.89
N23 F6I L . 15.19 24.80 30.00
N24 F6I L . 14.87 25.07 31.31
C25 F6I L . 16.00 21.65 36.48
C27 F6I L . 17.92 21.42 37.92
C29 F6I L . 16.74 19.49 37.13
C30 F6I L . 15.83 20.31 36.42
C31 F6I L . 14.70 19.63 35.62
C1 PEG M . 10.88 15.34 37.45
O1 PEG M . 11.70 16.52 37.75
C2 PEG M . 11.52 14.45 36.40
O2 PEG M . 11.21 13.05 36.56
C3 PEG M . 12.25 12.21 36.06
C4 PEG M . 12.04 10.77 36.46
O4 PEG M . 13.24 10.02 36.47
#